data_2CJF
#
_entry.id   2CJF
#
_cell.length_a   195.755
_cell.length_b   195.730
_cell.length_c   239.680
_cell.angle_alpha   65.84
_cell.angle_beta   65.89
_cell.angle_gamma   89.97
#
_symmetry.space_group_name_H-M   'P 1'
#
loop_
_entity.id
_entity.type
_entity.pdbx_description
1 polymer '3-DEHYDROQUINATE DEHYDRATASE'
2 non-polymer '(1S,4S,5S)-1,4,5-TRIHYDROXY-3-[3-(PHENYLTHIO)PHENYL]CYCLOHEX-2-ENE-1-CARBOXYLIC ACID'
3 non-polymer GLYCEROL
4 non-polymer 'PHOSPHATE ION'
5 non-polymer 2-AMINO-2-HYDROXYMETHYL-PROPANE-1,3-DIOL
6 water water
#
_entity_poly.entity_id   1
_entity_poly.type   'polypeptide(L)'
_entity_poly.pdbx_seq_one_letter_code
;MPRSLANAPIMILNGPNLNLLGQRQPEIYGSDTLADVEALCVKAAAAHGGTVDFRQSNHEGELVDWIHEARLNHCGIVIN
PAAYSHTSVAILDALNTCDGLPVVEVHISNIHQREPFRHHSYVSQRADGVVAGCGVQGYVFGVERIAALAGAGSARA
;
_entity_poly.pdbx_strand_id   A,B,C,D,E,F,G,H,I,J,K,L
#
# COMPACT_ATOMS: atom_id res chain seq x y z
N ARG A 3 35.48 -0.17 -26.44
CA ARG A 3 36.07 1.12 -26.90
C ARG A 3 36.60 1.99 -25.73
N SER A 4 37.88 2.34 -25.82
CA SER A 4 38.56 3.17 -24.80
C SER A 4 38.51 4.65 -25.14
N LEU A 5 38.94 5.48 -24.19
CA LEU A 5 38.93 6.94 -24.34
C LEU A 5 39.81 7.47 -25.47
N ALA A 6 40.73 6.64 -25.92
CA ALA A 6 41.69 7.06 -26.93
C ALA A 6 41.00 7.12 -28.30
N ASN A 7 40.32 6.03 -28.66
CA ASN A 7 39.70 5.86 -29.96
C ASN A 7 38.21 6.23 -30.07
N ALA A 8 37.61 6.70 -28.96
CA ALA A 8 36.18 7.00 -28.94
C ALA A 8 35.77 7.98 -27.83
N PRO A 9 34.90 8.92 -28.20
CA PRO A 9 34.30 9.85 -27.24
C PRO A 9 33.24 9.17 -26.37
N ILE A 10 33.11 9.64 -25.13
CA ILE A 10 32.04 9.36 -24.22
C ILE A 10 30.81 10.09 -24.72
N MET A 11 29.67 9.43 -24.75
CA MET A 11 28.47 10.14 -25.16
C MET A 11 27.87 10.70 -23.88
N ILE A 12 27.56 12.00 -23.86
CA ILE A 12 26.85 12.61 -22.76
C ILE A 12 25.46 13.01 -23.23
N LEU A 13 24.46 12.39 -22.61
CA LEU A 13 23.05 12.45 -23.07
C LEU A 13 22.22 13.21 -22.10
N ASN A 14 21.47 14.20 -22.60
CA ASN A 14 20.74 15.17 -21.75
C ASN A 14 19.32 15.19 -22.09
N GLY A 15 18.50 14.97 -21.07
CA GLY A 15 17.05 14.80 -21.24
C GLY A 15 16.30 16.12 -21.29
N PRO A 16 14.97 16.01 -21.17
CA PRO A 16 14.09 17.12 -21.43
C PRO A 16 14.34 18.32 -20.59
N ASN A 17 14.03 19.52 -21.11
CA ASN A 17 14.15 20.78 -20.35
C ASN A 17 15.57 21.29 -20.07
N LEU A 18 16.60 20.47 -20.19
CA LEU A 18 17.94 20.89 -19.69
C LEU A 18 18.59 21.96 -20.61
N ASN A 19 17.94 22.21 -21.76
CA ASN A 19 18.34 23.31 -22.66
C ASN A 19 18.26 24.66 -21.98
N LEU A 20 17.63 24.67 -20.80
CA LEU A 20 17.19 25.86 -20.16
C LEU A 20 17.86 26.02 -18.86
N LEU A 21 18.74 25.09 -18.55
CA LEU A 21 19.61 25.15 -17.43
C LEU A 21 20.39 26.51 -17.47
N GLY A 22 20.51 27.16 -16.31
CA GLY A 22 20.98 28.54 -16.21
C GLY A 22 19.87 29.55 -16.06
N GLN A 23 18.85 29.41 -16.89
CA GLN A 23 17.72 30.32 -16.93
C GLN A 23 16.90 30.44 -15.62
N ARG A 24 16.62 29.36 -14.92
CA ARG A 24 15.93 29.54 -13.65
C ARG A 24 16.32 28.57 -12.52
N GLN A 25 15.89 28.92 -11.31
CA GLN A 25 15.97 28.06 -10.13
C GLN A 25 17.41 27.66 -9.75
N PRO A 26 18.36 28.60 -9.80
CA PRO A 26 19.76 28.32 -9.44
C PRO A 26 19.96 27.91 -7.97
N GLU A 27 19.00 28.21 -7.11
CA GLU A 27 19.07 27.66 -5.75
C GLU A 27 18.87 26.14 -5.79
N ILE A 28 18.25 25.66 -6.88
CA ILE A 28 17.98 24.25 -7.10
C ILE A 28 18.86 23.51 -8.16
N TYR A 29 19.21 24.21 -9.24
CA TYR A 29 19.91 23.61 -10.41
C TYR A 29 21.23 24.30 -10.75
N GLY A 30 21.48 25.48 -10.16
CA GLY A 30 22.75 26.18 -10.35
C GLY A 30 22.72 27.22 -11.46
N SER A 31 23.74 28.10 -11.44
CA SER A 31 23.78 29.28 -12.34
C SER A 31 24.34 29.01 -13.74
N ASP A 32 24.96 27.86 -13.93
CA ASP A 32 25.63 27.55 -15.17
C ASP A 32 24.65 27.02 -16.23
N THR A 33 25.00 27.21 -17.50
CA THR A 33 24.18 26.78 -18.62
C THR A 33 24.60 25.39 -19.16
N LEU A 34 23.87 24.87 -20.15
CA LEU A 34 24.22 23.61 -20.70
C LEU A 34 25.52 23.74 -21.50
N ALA A 35 25.70 24.84 -22.23
CA ALA A 35 26.98 25.13 -22.90
C ALA A 35 28.12 25.13 -21.90
N ASP A 36 27.84 25.68 -20.73
CA ASP A 36 28.77 25.65 -19.61
C ASP A 36 29.08 24.22 -19.16
N VAL A 37 28.04 23.40 -19.01
CA VAL A 37 28.17 21.97 -18.64
C VAL A 37 28.96 21.27 -19.73
N GLU A 38 28.51 21.41 -20.97
CA GLU A 38 29.24 20.81 -22.08
C GLU A 38 30.72 21.17 -21.88
N ALA A 39 31.00 22.44 -21.57
CA ALA A 39 32.36 22.94 -21.50
C ALA A 39 33.16 22.13 -20.47
N LEU A 40 32.61 21.95 -19.27
CA LEU A 40 33.17 21.04 -18.24
C LEU A 40 33.46 19.63 -18.72
N CYS A 41 32.56 19.11 -19.53
CA CYS A 41 32.66 17.72 -19.89
C CYS A 41 33.89 17.54 -20.81
N VAL A 42 33.97 18.40 -21.83
CA VAL A 42 35.14 18.55 -22.74
C VAL A 42 36.43 18.63 -21.93
N LYS A 43 36.41 19.48 -20.92
CA LYS A 43 37.57 19.69 -20.04
C LYS A 43 37.96 18.47 -19.19
N ALA A 44 36.96 17.78 -18.68
CA ALA A 44 37.22 16.62 -17.90
C ALA A 44 37.64 15.46 -18.80
N ALA A 45 37.03 15.29 -19.95
CA ALA A 45 37.51 14.20 -20.83
C ALA A 45 38.96 14.45 -21.29
N ALA A 46 39.19 15.69 -21.76
CA ALA A 46 40.50 16.16 -22.18
C ALA A 46 41.51 15.67 -21.19
N ALA A 47 41.24 15.94 -19.92
CA ALA A 47 42.13 15.58 -18.82
C ALA A 47 42.43 14.08 -18.79
N HIS A 48 41.53 13.22 -19.20
CA HIS A 48 41.93 11.81 -19.17
C HIS A 48 42.24 11.29 -20.55
N GLY A 49 42.65 12.21 -21.43
CA GLY A 49 43.01 11.87 -22.81
C GLY A 49 41.82 11.46 -23.69
N GLY A 50 40.60 11.90 -23.33
CA GLY A 50 39.34 11.50 -23.99
C GLY A 50 38.67 12.71 -24.62
N THR A 51 37.67 12.45 -25.44
CA THR A 51 36.75 13.49 -25.94
C THR A 51 35.30 13.10 -25.56
N VAL A 52 34.39 14.06 -25.63
CA VAL A 52 32.97 13.78 -25.33
C VAL A 52 32.17 14.21 -26.50
N ASP A 53 30.99 13.62 -26.64
CA ASP A 53 30.05 13.93 -27.73
C ASP A 53 28.79 14.28 -26.97
N PHE A 54 28.58 15.58 -26.75
CA PHE A 54 27.57 16.06 -25.83
C PHE A 54 26.25 16.49 -26.52
N ARG A 55 25.14 15.87 -26.07
CA ARG A 55 23.84 16.05 -26.67
C ARG A 55 22.80 16.32 -25.56
N GLN A 56 21.76 17.09 -25.94
CA GLN A 56 20.47 17.27 -25.23
C GLN A 56 19.29 17.01 -26.15
N SER A 57 18.32 16.22 -25.66
CA SER A 57 16.99 16.08 -26.30
C SER A 57 15.83 16.16 -25.28
N ASN A 58 14.72 16.73 -25.74
CA ASN A 58 13.42 16.69 -25.02
C ASN A 58 12.57 15.49 -25.41
N HIS A 59 13.03 14.74 -26.42
CA HIS A 59 12.32 13.62 -27.02
C HIS A 59 12.89 12.30 -26.54
N GLU A 60 12.03 11.47 -25.96
CA GLU A 60 12.38 10.16 -25.46
C GLU A 60 12.94 9.15 -26.49
N GLY A 61 12.28 8.96 -27.64
CA GLY A 61 12.80 8.01 -28.68
C GLY A 61 14.07 8.47 -29.36
N GLU A 62 14.39 9.76 -29.24
CA GLU A 62 15.59 10.37 -29.79
C GLU A 62 16.74 9.97 -28.98
N LEU A 63 16.72 10.35 -27.70
CA LEU A 63 17.56 9.75 -26.68
C LEU A 63 17.77 8.24 -26.82
N VAL A 64 16.68 7.47 -26.94
CA VAL A 64 16.81 6.02 -27.29
C VAL A 64 17.63 5.82 -28.60
N ASP A 65 17.39 6.60 -29.65
CA ASP A 65 18.17 6.49 -30.83
C ASP A 65 19.65 6.71 -30.48
N TRP A 66 19.97 7.70 -29.64
CA TRP A 66 21.42 8.10 -29.39
C TRP A 66 22.14 7.15 -28.50
N ILE A 67 21.39 6.43 -27.66
CA ILE A 67 21.94 5.35 -26.89
C ILE A 67 22.31 4.18 -27.86
N HIS A 68 21.41 3.83 -28.77
CA HIS A 68 21.75 2.76 -29.71
C HIS A 68 23.00 3.13 -30.51
N GLU A 69 23.14 4.42 -30.78
CA GLU A 69 24.31 4.96 -31.49
C GLU A 69 25.55 4.95 -30.65
N ALA A 70 25.43 5.39 -29.39
CA ALA A 70 26.52 5.32 -28.45
C ALA A 70 26.90 3.86 -28.26
N ARG A 71 25.91 2.98 -28.36
CA ARG A 71 26.12 1.54 -28.27
C ARG A 71 27.27 1.04 -29.19
N LEU A 72 27.48 1.65 -30.32
CA LEU A 72 28.48 1.08 -31.23
C LEU A 72 29.63 2.01 -31.59
N ASN A 73 29.71 3.18 -30.96
CA ASN A 73 30.47 4.27 -31.50
C ASN A 73 31.17 5.10 -30.42
N HIS A 74 30.84 4.75 -29.15
CA HIS A 74 31.43 5.42 -27.99
C HIS A 74 32.00 4.48 -26.93
N CYS A 75 32.74 5.06 -26.00
CA CYS A 75 33.44 4.30 -24.97
C CYS A 75 32.66 4.21 -23.63
N GLY A 76 31.54 4.92 -23.57
CA GLY A 76 30.78 4.98 -22.33
C GLY A 76 29.66 5.97 -22.50
N ILE A 77 28.75 6.01 -21.52
CA ILE A 77 27.66 6.99 -21.57
C ILE A 77 27.57 7.62 -20.23
N VAL A 78 27.38 8.93 -20.23
CA VAL A 78 26.97 9.68 -19.04
C VAL A 78 25.60 10.24 -19.37
N ILE A 79 24.59 10.04 -18.50
CA ILE A 79 23.26 10.60 -18.80
C ILE A 79 22.56 11.38 -17.66
N ASN A 80 21.93 12.51 -18.01
CA ASN A 80 21.03 13.18 -17.12
C ASN A 80 19.73 13.07 -17.87
N PRO A 81 18.95 12.04 -17.56
CA PRO A 81 17.73 11.77 -18.35
C PRO A 81 16.71 12.72 -17.78
N ALA A 82 17.10 13.48 -16.74
CA ALA A 82 16.18 14.43 -16.15
C ALA A 82 14.85 13.72 -15.97
N ALA A 83 13.78 14.28 -16.52
CA ALA A 83 12.44 13.80 -16.12
C ALA A 83 12.23 12.39 -16.57
N TYR A 84 12.89 12.00 -17.65
CA TYR A 84 12.66 10.67 -18.13
C TYR A 84 13.32 9.63 -17.28
N SER A 85 14.12 10.02 -16.28
CA SER A 85 14.62 9.03 -15.30
C SER A 85 13.44 8.38 -14.59
N HIS A 86 12.32 9.11 -14.50
CA HIS A 86 11.29 8.62 -13.59
C HIS A 86 10.14 7.96 -14.32
N THR A 87 10.18 7.93 -15.65
CA THR A 87 9.02 7.61 -16.49
C THR A 87 9.44 6.62 -17.59
N SER A 88 10.72 6.65 -17.91
CA SER A 88 11.19 5.91 -19.10
C SER A 88 11.75 4.54 -18.81
N VAL A 89 10.94 3.51 -18.97
CA VAL A 89 11.44 2.15 -19.03
C VAL A 89 12.21 1.93 -20.37
N ALA A 90 11.88 2.71 -21.40
CA ALA A 90 12.46 2.53 -22.74
C ALA A 90 13.91 2.93 -22.87
N ILE A 91 14.31 3.94 -22.09
CA ILE A 91 15.69 4.36 -21.94
C ILE A 91 16.43 3.36 -21.08
N LEU A 92 15.83 2.93 -19.96
CA LEU A 92 16.40 1.79 -19.26
C LEU A 92 16.70 0.59 -20.25
N ASP A 93 15.71 0.24 -21.05
CA ASP A 93 15.86 -0.94 -21.89
C ASP A 93 16.87 -0.62 -22.93
N ALA A 94 16.81 0.57 -23.55
CA ALA A 94 17.92 1.01 -24.43
C ALA A 94 19.22 0.77 -23.79
N LEU A 95 19.38 1.22 -22.54
CA LEU A 95 20.65 1.08 -21.84
C LEU A 95 20.97 -0.33 -21.50
N ASN A 96 19.98 -1.17 -21.28
CA ASN A 96 20.25 -2.60 -21.16
C ASN A 96 20.91 -3.27 -22.40
N THR A 97 20.62 -2.77 -23.59
CA THR A 97 21.16 -3.38 -24.82
C THR A 97 22.67 -3.17 -24.91
N CYS A 98 23.16 -2.17 -24.20
CA CYS A 98 24.59 -1.84 -24.22
C CYS A 98 25.33 -2.76 -23.28
N ASP A 99 25.49 -4.02 -23.63
CA ASP A 99 26.39 -4.88 -22.79
C ASP A 99 27.86 -4.40 -22.79
N GLY A 100 28.48 -4.30 -21.61
CA GLY A 100 29.89 -3.95 -21.50
C GLY A 100 30.23 -2.46 -21.47
N LEU A 101 29.27 -1.62 -21.85
CA LEU A 101 29.42 -0.17 -21.94
C LEU A 101 29.29 0.46 -20.56
N PRO A 102 30.27 1.26 -20.11
CA PRO A 102 30.15 1.90 -18.79
C PRO A 102 29.12 3.03 -18.85
N VAL A 103 28.13 2.96 -17.96
CA VAL A 103 27.04 3.93 -17.89
C VAL A 103 26.99 4.64 -16.54
N VAL A 104 27.20 5.94 -16.59
CA VAL A 104 27.00 6.71 -15.39
C VAL A 104 25.82 7.70 -15.64
N GLU A 105 24.91 7.69 -14.65
CA GLU A 105 23.78 8.54 -14.62
C GLU A 105 24.04 9.68 -13.63
N VAL A 106 23.57 10.87 -13.96
CA VAL A 106 23.88 12.05 -13.16
C VAL A 106 22.62 12.85 -13.03
N HIS A 107 22.35 13.34 -11.84
CA HIS A 107 21.34 14.34 -11.63
C HIS A 107 22.06 15.42 -10.88
N ILE A 108 21.84 16.67 -11.29
CA ILE A 108 22.36 17.85 -10.59
C ILE A 108 21.75 18.11 -9.18
N SER A 109 20.43 18.04 -9.09
CA SER A 109 19.70 18.14 -7.82
C SER A 109 19.73 16.86 -7.00
N ASN A 110 19.65 16.97 -5.68
CA ASN A 110 19.65 15.71 -4.99
C ASN A 110 18.15 15.18 -4.99
N ILE A 111 17.84 14.29 -5.91
CA ILE A 111 16.43 13.90 -6.12
C ILE A 111 15.79 13.27 -4.91
N HIS A 112 16.57 12.65 -4.07
CA HIS A 112 16.06 11.98 -2.84
C HIS A 112 15.60 12.97 -1.80
N GLN A 113 15.79 14.25 -2.12
CA GLN A 113 15.26 15.36 -1.35
C GLN A 113 14.04 15.99 -2.02
N ARG A 114 13.66 15.49 -3.18
CA ARG A 114 12.66 16.24 -3.91
C ARG A 114 11.22 15.68 -3.76
N GLU A 115 10.33 15.98 -4.68
CA GLU A 115 8.99 15.35 -4.59
C GLU A 115 9.23 13.83 -4.55
N PRO A 116 8.34 13.08 -3.92
CA PRO A 116 8.50 11.64 -3.82
C PRO A 116 8.43 10.85 -5.13
N PHE A 117 7.88 11.42 -6.20
CA PHE A 117 7.98 10.74 -7.53
C PHE A 117 9.42 10.90 -8.14
N ARG A 118 10.17 11.89 -7.62
CA ARG A 118 11.53 12.08 -8.06
C ARG A 118 12.48 11.09 -7.43
N HIS A 119 12.02 10.30 -6.47
CA HIS A 119 12.96 9.43 -5.76
C HIS A 119 13.42 8.14 -6.56
N HIS A 120 12.76 7.80 -7.65
CA HIS A 120 13.00 6.54 -8.31
C HIS A 120 13.39 6.79 -9.76
N SER A 121 14.41 6.09 -10.24
CA SER A 121 14.98 6.30 -11.53
C SER A 121 15.00 4.91 -12.08
N TYR A 122 14.31 4.68 -13.22
CA TYR A 122 14.52 3.45 -13.98
C TYR A 122 15.97 3.26 -14.33
N VAL A 123 16.60 4.33 -14.81
CA VAL A 123 17.96 4.27 -15.28
C VAL A 123 18.97 3.70 -14.27
N SER A 124 18.86 4.10 -12.98
CA SER A 124 19.66 3.56 -11.88
C SER A 124 19.58 2.05 -11.79
N GLN A 125 18.59 1.40 -12.46
CA GLN A 125 18.57 -0.05 -12.46
C GLN A 125 19.67 -0.61 -13.39
N ARG A 126 20.22 0.19 -14.31
CA ARG A 126 21.25 -0.26 -15.24
C ARG A 126 22.56 0.53 -15.15
N ALA A 127 22.44 1.82 -14.85
CA ALA A 127 23.62 2.65 -14.68
C ALA A 127 24.51 1.96 -13.66
N ASP A 128 25.79 1.91 -13.99
CA ASP A 128 26.79 1.30 -13.17
C ASP A 128 27.00 2.21 -11.96
N GLY A 129 27.17 3.52 -12.17
CA GLY A 129 27.08 4.48 -11.04
C GLY A 129 26.00 5.52 -11.31
N VAL A 130 25.51 6.18 -10.22
CA VAL A 130 24.54 7.28 -10.28
C VAL A 130 25.10 8.30 -9.33
N VAL A 131 25.24 9.53 -9.77
CA VAL A 131 25.69 10.67 -8.90
C VAL A 131 24.46 11.64 -8.87
N ALA A 132 24.12 12.23 -7.72
CA ALA A 132 22.90 13.04 -7.58
C ALA A 132 23.27 14.15 -6.64
N GLY A 133 22.83 15.38 -6.95
CA GLY A 133 22.99 16.56 -6.10
C GLY A 133 24.43 17.05 -5.78
N CYS A 134 25.37 16.66 -6.63
CA CYS A 134 26.73 17.27 -6.59
C CYS A 134 26.92 18.38 -7.58
N GLY A 135 25.85 19.08 -7.95
CA GLY A 135 25.88 20.11 -8.94
C GLY A 135 26.33 19.60 -10.30
N VAL A 136 26.62 20.54 -11.21
CA VAL A 136 27.22 20.23 -12.53
C VAL A 136 28.51 19.51 -12.39
N GLN A 137 29.09 19.64 -11.21
CA GLN A 137 30.19 18.79 -10.89
C GLN A 137 29.90 17.29 -11.02
N GLY A 138 28.65 16.85 -10.82
CA GLY A 138 28.36 15.40 -10.85
C GLY A 138 28.68 14.83 -12.24
N TYR A 139 28.83 15.72 -13.19
CA TYR A 139 28.92 15.40 -14.59
C TYR A 139 30.36 15.00 -14.80
N VAL A 140 31.22 15.57 -13.97
CA VAL A 140 32.70 15.39 -14.12
C VAL A 140 33.16 14.06 -13.54
N PHE A 141 32.59 13.72 -12.38
CA PHE A 141 32.70 12.37 -11.75
C PHE A 141 32.31 11.29 -12.75
N GLY A 142 31.24 11.56 -13.47
CA GLY A 142 30.82 10.73 -14.56
C GLY A 142 31.91 10.48 -15.55
N VAL A 143 32.57 11.55 -16.05
CA VAL A 143 33.56 11.43 -17.10
C VAL A 143 34.67 10.63 -16.43
N GLU A 144 34.97 11.05 -15.18
CA GLU A 144 36.02 10.47 -14.36
C GLU A 144 35.87 8.95 -14.25
N ARG A 145 34.74 8.49 -13.68
CA ARG A 145 34.33 7.12 -13.74
C ARG A 145 34.34 6.43 -15.11
N ILE A 146 33.74 7.02 -16.12
CA ILE A 146 33.82 6.33 -17.43
C ILE A 146 35.31 6.02 -17.69
N ALA A 147 36.19 6.96 -17.33
CA ALA A 147 37.63 6.85 -17.65
C ALA A 147 38.28 5.74 -16.88
N ALA A 148 37.97 5.69 -15.58
CA ALA A 148 38.36 4.57 -14.76
C ALA A 148 37.97 3.28 -15.46
N LEU A 149 36.74 3.21 -15.99
CA LEU A 149 36.24 1.94 -16.57
C LEU A 149 36.54 1.66 -18.03
N ALA A 150 36.73 2.69 -18.84
CA ALA A 150 37.10 2.40 -20.21
C ALA A 150 38.62 2.28 -20.29
N GLY A 151 39.30 3.02 -19.42
CA GLY A 151 40.75 2.83 -19.24
C GLY A 151 41.01 1.74 -18.22
N ARG B 3 5.32 39.62 -21.12
CA ARG B 3 4.22 39.60 -22.07
C ARG B 3 2.85 39.68 -21.39
N SER B 4 1.85 40.09 -22.20
CA SER B 4 0.51 40.47 -21.72
C SER B 4 -0.55 39.89 -22.64
N LEU B 5 -1.81 40.01 -22.23
CA LEU B 5 -2.91 39.60 -23.10
C LEU B 5 -2.94 40.42 -24.38
N ALA B 6 -2.67 41.73 -24.27
CA ALA B 6 -2.70 42.67 -25.42
C ALA B 6 -1.65 42.47 -26.54
N ASN B 7 -0.55 41.76 -26.26
CA ASN B 7 0.60 41.69 -27.21
C ASN B 7 1.13 40.32 -27.63
N ALA B 8 0.55 39.24 -27.12
CA ALA B 8 1.05 37.83 -27.32
C ALA B 8 -0.10 36.85 -27.36
N PRO B 9 -0.06 35.84 -28.25
CA PRO B 9 -1.16 34.86 -28.30
C PRO B 9 -1.24 34.07 -27.00
N ILE B 10 -2.41 33.51 -26.73
CA ILE B 10 -2.52 32.43 -25.76
C ILE B 10 -2.10 31.16 -26.46
N MET B 11 -1.05 30.48 -25.96
CA MET B 11 -0.71 29.13 -26.48
C MET B 11 -1.72 28.09 -26.04
N ILE B 12 -2.28 27.34 -27.00
CA ILE B 12 -3.13 26.26 -26.57
C ILE B 12 -2.79 24.92 -27.08
N LEU B 13 -2.24 24.14 -26.14
CA LEU B 13 -1.69 22.83 -26.45
C LEU B 13 -2.64 21.68 -26.17
N ASN B 14 -2.74 20.80 -27.17
CA ASN B 14 -3.56 19.60 -27.07
C ASN B 14 -2.62 18.44 -27.27
N GLY B 15 -2.87 17.33 -26.55
CA GLY B 15 -1.91 16.22 -26.43
C GLY B 15 -2.45 15.10 -27.24
N PRO B 16 -1.97 13.88 -27.01
CA PRO B 16 -2.24 12.83 -27.94
C PRO B 16 -3.71 12.52 -28.07
N ASN B 17 -3.98 12.02 -29.27
CA ASN B 17 -5.27 11.69 -29.85
C ASN B 17 -6.29 12.79 -29.94
N LEU B 18 -6.01 14.03 -29.56
CA LEU B 18 -7.15 14.94 -29.63
C LEU B 18 -7.40 15.30 -31.08
N ASN B 19 -6.49 14.89 -31.94
CA ASN B 19 -6.72 15.26 -33.32
C ASN B 19 -8.10 14.74 -33.76
N LEU B 20 -8.37 13.50 -33.38
CA LEU B 20 -9.61 12.82 -33.68
C LEU B 20 -10.80 13.17 -32.80
N LEU B 21 -10.60 14.07 -31.84
CA LEU B 21 -11.71 14.40 -30.96
C LEU B 21 -12.98 14.52 -31.77
N GLY B 22 -13.96 13.64 -31.51
CA GLY B 22 -15.26 13.76 -32.13
C GLY B 22 -15.51 12.89 -33.31
N GLN B 23 -14.76 11.82 -33.44
CA GLN B 23 -15.12 10.77 -34.40
C GLN B 23 -15.83 9.59 -33.70
N ARG B 24 -15.81 9.62 -32.36
CA ARG B 24 -16.22 8.52 -31.49
C ARG B 24 -16.31 8.93 -29.99
N GLN B 25 -17.05 8.11 -29.23
CA GLN B 25 -17.39 8.37 -27.84
C GLN B 25 -17.86 9.80 -27.53
N PRO B 26 -18.93 10.25 -28.22
CA PRO B 26 -19.49 11.58 -27.98
C PRO B 26 -20.11 11.62 -26.59
N GLU B 27 -20.50 10.44 -26.09
CA GLU B 27 -21.03 10.27 -24.75
C GLU B 27 -20.01 10.80 -23.76
N ILE B 28 -18.73 10.81 -24.16
CA ILE B 28 -17.69 11.37 -23.28
C ILE B 28 -17.07 12.64 -23.82
N TYR B 29 -16.91 12.76 -25.13
CA TYR B 29 -16.13 13.89 -25.64
C TYR B 29 -16.92 14.96 -26.38
N GLY B 30 -18.21 14.72 -26.58
CA GLY B 30 -19.03 15.60 -27.38
C GLY B 30 -18.82 15.29 -28.85
N SER B 31 -19.45 16.09 -29.69
CA SER B 31 -19.45 15.86 -31.14
C SER B 31 -18.56 16.88 -31.86
N ASP B 32 -18.11 17.87 -31.12
CA ASP B 32 -17.20 18.85 -31.65
C ASP B 32 -15.81 18.28 -31.93
N THR B 33 -15.28 18.64 -33.09
CA THR B 33 -13.94 18.30 -33.53
C THR B 33 -12.89 19.21 -32.87
N LEU B 34 -11.62 18.91 -33.13
CA LEU B 34 -10.53 19.79 -32.71
C LEU B 34 -10.60 21.18 -33.36
N ALA B 35 -10.93 21.24 -34.65
CA ALA B 35 -11.29 22.50 -35.35
C ALA B 35 -12.39 23.31 -34.67
N ASP B 36 -13.50 22.64 -34.36
CA ASP B 36 -14.54 23.31 -33.60
C ASP B 36 -14.08 23.93 -32.28
N VAL B 37 -13.32 23.17 -31.49
CA VAL B 37 -12.64 23.64 -30.25
C VAL B 37 -11.64 24.80 -30.48
N GLU B 38 -10.73 24.67 -31.46
CA GLU B 38 -9.86 25.84 -31.74
C GLU B 38 -10.74 27.06 -31.95
N ALA B 39 -11.71 26.94 -32.88
CA ALA B 39 -12.72 28.02 -33.12
C ALA B 39 -13.38 28.61 -31.87
N LEU B 40 -13.74 27.78 -30.92
CA LEU B 40 -14.35 28.29 -29.68
C LEU B 40 -13.33 29.13 -28.94
N CYS B 41 -12.07 28.72 -29.06
CA CYS B 41 -10.99 29.37 -28.34
C CYS B 41 -10.73 30.66 -29.10
N VAL B 42 -10.81 30.64 -30.43
CA VAL B 42 -10.78 31.93 -31.13
C VAL B 42 -11.88 32.93 -30.62
N LYS B 43 -13.11 32.46 -30.44
CA LYS B 43 -14.15 33.37 -29.92
C LYS B 43 -13.89 33.86 -28.45
N ALA B 44 -13.67 32.92 -27.54
CA ALA B 44 -13.51 33.30 -26.14
C ALA B 44 -12.26 34.14 -25.96
N ALA B 45 -11.27 33.98 -26.80
CA ALA B 45 -10.08 34.86 -26.64
C ALA B 45 -10.35 36.33 -27.07
N ALA B 46 -10.93 36.53 -28.24
CA ALA B 46 -11.44 37.84 -28.68
C ALA B 46 -12.34 38.56 -27.64
N ALA B 47 -13.29 37.81 -27.06
CA ALA B 47 -14.24 38.34 -26.07
C ALA B 47 -13.53 39.05 -24.98
N HIS B 48 -12.26 38.71 -24.79
CA HIS B 48 -11.55 39.25 -23.64
C HIS B 48 -10.37 40.09 -24.03
N GLY B 49 -10.30 40.39 -25.34
CA GLY B 49 -9.26 41.24 -25.90
C GLY B 49 -8.04 40.49 -26.44
N GLY B 50 -8.23 39.22 -26.83
CA GLY B 50 -7.10 38.28 -27.06
C GLY B 50 -6.99 37.52 -28.37
N THR B 51 -5.86 36.80 -28.50
CA THR B 51 -5.57 35.85 -29.59
C THR B 51 -5.11 34.47 -29.05
N VAL B 52 -5.17 33.45 -29.94
CA VAL B 52 -4.67 32.12 -29.61
C VAL B 52 -3.74 31.56 -30.69
N ASP B 53 -2.82 30.70 -30.21
CA ASP B 53 -1.84 29.91 -30.96
C ASP B 53 -2.12 28.50 -30.54
N PHE B 54 -3.13 27.90 -31.20
CA PHE B 54 -3.68 26.59 -30.93
C PHE B 54 -2.95 25.49 -31.71
N ARG B 55 -2.28 24.57 -30.97
CA ARG B 55 -1.66 23.39 -31.58
C ARG B 55 -2.08 22.03 -30.96
N GLN B 56 -1.61 20.93 -31.57
CA GLN B 56 -1.87 19.55 -31.15
C GLN B 56 -0.75 18.67 -31.64
N SER B 57 -0.29 17.77 -30.78
CA SER B 57 0.80 16.85 -31.12
C SER B 57 0.56 15.57 -30.32
N ASN B 58 0.82 14.42 -30.96
CA ASN B 58 0.83 13.14 -30.27
C ASN B 58 2.16 12.87 -29.57
N HIS B 59 3.08 13.83 -29.70
CA HIS B 59 4.49 13.66 -29.32
C HIS B 59 4.81 14.40 -28.01
N GLU B 60 5.11 13.66 -26.94
CA GLU B 60 5.40 14.28 -25.60
C GLU B 60 6.54 15.30 -25.72
N GLY B 61 7.48 15.07 -26.64
CA GLY B 61 8.68 15.94 -26.68
C GLY B 61 8.41 17.27 -27.38
N GLU B 62 7.37 17.29 -28.21
CA GLU B 62 7.07 18.43 -29.06
C GLU B 62 6.27 19.39 -28.23
N LEU B 63 5.36 18.79 -27.45
CA LEU B 63 4.71 19.51 -26.38
C LEU B 63 5.70 20.23 -25.48
N VAL B 64 6.75 19.55 -24.97
CA VAL B 64 7.81 20.22 -24.22
C VAL B 64 8.39 21.37 -25.06
N ASP B 65 8.65 21.05 -26.34
CA ASP B 65 9.26 21.94 -27.35
C ASP B 65 8.39 23.16 -27.38
N TRP B 66 7.09 22.92 -27.58
CA TRP B 66 6.15 24.01 -27.61
C TRP B 66 6.01 24.75 -26.30
N ILE B 67 6.07 24.06 -25.18
CA ILE B 67 5.98 24.78 -23.88
C ILE B 67 7.13 25.79 -23.72
N HIS B 68 8.33 25.35 -24.06
CA HIS B 68 9.52 26.21 -23.99
C HIS B 68 9.25 27.48 -24.80
N GLU B 69 8.63 27.30 -25.97
CA GLU B 69 8.29 28.43 -26.86
C GLU B 69 7.39 29.51 -26.25
N ALA B 70 6.25 29.06 -25.75
CA ALA B 70 5.32 29.87 -25.00
C ALA B 70 5.98 30.59 -23.79
N ARG B 71 6.92 29.93 -23.13
CA ARG B 71 7.65 30.62 -22.02
C ARG B 71 8.24 31.97 -22.49
N LEU B 72 8.60 32.09 -23.79
CA LEU B 72 8.99 33.43 -24.33
C LEU B 72 7.95 34.12 -25.27
N ASN B 73 7.28 33.36 -26.11
CA ASN B 73 6.52 34.00 -27.16
C ASN B 73 5.05 34.33 -26.84
N HIS B 74 4.49 33.70 -25.81
CA HIS B 74 3.05 33.66 -25.60
C HIS B 74 2.71 34.26 -24.22
N CYS B 75 1.43 34.59 -23.93
CA CYS B 75 1.12 35.19 -22.64
C CYS B 75 0.74 34.13 -21.58
N GLY B 76 0.43 32.91 -22.05
CA GLY B 76 0.12 31.80 -21.17
C GLY B 76 -0.30 30.57 -21.94
N ILE B 77 -0.69 29.57 -21.17
CA ILE B 77 -0.94 28.22 -21.66
C ILE B 77 -2.26 27.68 -21.08
N VAL B 78 -3.14 27.27 -21.97
CA VAL B 78 -4.23 26.36 -21.63
C VAL B 78 -3.69 25.11 -22.26
N ILE B 79 -3.78 23.99 -21.55
CA ILE B 79 -3.34 22.71 -22.13
C ILE B 79 -4.18 21.58 -21.72
N ASN B 80 -4.60 20.81 -22.70
CA ASN B 80 -5.18 19.57 -22.41
C ASN B 80 -4.19 18.52 -22.82
N PRO B 81 -3.42 17.98 -21.85
CA PRO B 81 -2.35 16.98 -22.18
C PRO B 81 -2.86 15.63 -22.58
N ALA B 82 -4.18 15.44 -22.47
CA ALA B 82 -4.74 14.16 -22.85
C ALA B 82 -3.79 13.10 -22.17
N ALA B 83 -3.39 12.03 -22.84
CA ALA B 83 -2.78 10.93 -22.10
C ALA B 83 -1.54 11.28 -21.27
N TYR B 84 -0.82 12.33 -21.68
CA TYR B 84 0.45 12.62 -21.07
C TYR B 84 0.24 13.28 -19.72
N SER B 85 -1.03 13.41 -19.33
CA SER B 85 -1.41 14.08 -18.07
C SER B 85 -0.96 13.18 -17.00
N HIS B 86 -1.25 11.91 -17.22
CA HIS B 86 -1.16 10.87 -16.19
C HIS B 86 0.22 10.27 -16.25
N THR B 87 1.02 10.63 -17.23
CA THR B 87 2.36 10.06 -17.36
C THR B 87 3.55 10.98 -17.45
N SER B 88 3.33 12.24 -17.83
CA SER B 88 4.48 13.15 -18.27
C SER B 88 5.03 14.08 -17.26
N VAL B 89 6.04 13.60 -16.55
CA VAL B 89 6.80 14.43 -15.63
C VAL B 89 7.58 15.50 -16.46
N ALA B 90 8.03 15.12 -17.66
CA ALA B 90 8.68 16.04 -18.60
C ALA B 90 7.82 17.29 -18.98
N ILE B 91 6.50 17.13 -19.24
CA ILE B 91 5.69 18.31 -19.40
C ILE B 91 5.57 19.01 -18.04
N LEU B 92 5.23 18.26 -17.01
CA LEU B 92 5.31 18.82 -15.69
C LEU B 92 6.53 19.73 -15.56
N ASP B 93 7.70 19.18 -15.83
CA ASP B 93 8.88 19.97 -15.73
C ASP B 93 9.08 21.12 -16.70
N ALA B 94 8.66 20.96 -17.96
CA ALA B 94 8.52 22.09 -18.91
C ALA B 94 7.63 23.26 -18.34
N LEU B 95 6.44 22.91 -17.86
CA LEU B 95 5.63 23.92 -17.16
C LEU B 95 6.38 24.59 -16.00
N ASN B 96 7.15 23.84 -15.26
CA ASN B 96 7.94 24.41 -14.13
C ASN B 96 9.03 25.46 -14.52
N THR B 97 9.38 25.53 -15.81
CA THR B 97 10.39 26.49 -16.28
C THR B 97 9.69 27.79 -16.66
N CYS B 98 8.35 27.69 -16.84
CA CYS B 98 7.50 28.81 -17.19
C CYS B 98 7.12 29.64 -15.97
N ASP B 99 8.14 30.12 -15.25
CA ASP B 99 7.97 30.99 -14.12
C ASP B 99 7.06 32.17 -14.38
N GLY B 100 6.15 32.43 -13.43
CA GLY B 100 5.20 33.55 -13.52
C GLY B 100 4.36 33.53 -14.78
N LEU B 101 4.33 32.40 -15.49
CA LEU B 101 3.45 32.24 -16.62
C LEU B 101 2.16 31.59 -16.12
N PRO B 102 0.98 32.11 -16.53
CA PRO B 102 -0.33 31.45 -16.26
C PRO B 102 -0.62 30.25 -17.22
N VAL B 103 -1.16 29.18 -16.63
CA VAL B 103 -1.27 27.82 -17.22
C VAL B 103 -2.58 27.22 -16.66
N VAL B 104 -3.54 26.88 -17.51
CA VAL B 104 -4.73 26.21 -17.06
C VAL B 104 -4.68 24.87 -17.74
N GLU B 105 -4.90 23.79 -16.97
CA GLU B 105 -5.05 22.48 -17.47
C GLU B 105 -6.48 22.19 -17.78
N VAL B 106 -6.76 21.55 -18.94
CA VAL B 106 -8.14 21.26 -19.28
C VAL B 106 -8.38 19.79 -19.63
N HIS B 107 -9.35 19.17 -18.92
CA HIS B 107 -9.84 17.87 -19.35
C HIS B 107 -11.27 18.02 -19.71
N ILE B 108 -11.59 17.65 -20.94
CA ILE B 108 -13.00 17.59 -21.38
C ILE B 108 -13.88 16.67 -20.50
N SER B 109 -13.41 15.43 -20.32
CA SER B 109 -14.04 14.54 -19.40
C SER B 109 -13.68 14.88 -17.98
N ASN B 110 -14.49 14.32 -17.12
CA ASN B 110 -14.19 14.29 -15.74
C ASN B 110 -13.32 13.09 -15.40
N ILE B 111 -12.03 13.34 -15.16
CA ILE B 111 -11.12 12.22 -14.95
C ILE B 111 -11.37 11.48 -13.64
N HIS B 112 -11.89 12.16 -12.64
CA HIS B 112 -12.15 11.56 -11.34
C HIS B 112 -13.28 10.54 -11.35
N GLN B 113 -14.00 10.44 -12.47
CA GLN B 113 -15.12 9.50 -12.66
C GLN B 113 -14.75 8.32 -13.63
N ARG B 114 -13.46 8.23 -13.90
CA ARG B 114 -12.99 7.30 -14.91
C ARG B 114 -12.01 6.25 -14.31
N GLU B 115 -11.40 5.44 -15.17
CA GLU B 115 -10.30 4.52 -14.80
C GLU B 115 -9.42 5.21 -13.74
N PRO B 116 -9.16 4.49 -12.64
CA PRO B 116 -8.35 4.99 -11.55
C PRO B 116 -6.99 5.62 -11.93
N PHE B 117 -6.34 5.17 -13.01
CA PHE B 117 -5.00 5.73 -13.35
C PHE B 117 -5.22 7.05 -14.04
N ARG B 118 -6.47 7.36 -14.35
CA ARG B 118 -6.76 8.68 -14.86
C ARG B 118 -7.03 9.69 -13.77
N HIS B 119 -6.88 9.34 -12.50
CA HIS B 119 -7.28 10.26 -11.46
C HIS B 119 -6.15 11.20 -11.18
N HIS B 120 -4.91 10.75 -11.33
CA HIS B 120 -3.77 11.60 -11.11
C HIS B 120 -3.27 12.24 -12.41
N SER B 121 -2.99 13.56 -12.31
CA SER B 121 -2.27 14.35 -13.30
C SER B 121 -0.95 14.91 -12.80
N TYR B 122 0.15 14.76 -13.58
CA TYR B 122 1.41 15.52 -13.27
C TYR B 122 1.31 17.02 -13.45
N VAL B 123 0.54 17.41 -14.45
CA VAL B 123 0.42 18.76 -14.98
C VAL B 123 -0.32 19.52 -13.93
N SER B 124 -1.30 18.87 -13.29
CA SER B 124 -2.01 19.50 -12.18
C SER B 124 -1.10 20.06 -11.10
N GLN B 125 0.08 19.46 -10.88
CA GLN B 125 0.97 19.94 -9.82
C GLN B 125 1.49 21.34 -10.10
N ARG B 126 1.46 21.75 -11.33
CA ARG B 126 2.02 23.04 -11.63
C ARG B 126 0.91 23.95 -12.09
N ALA B 127 0.00 23.41 -12.90
CA ALA B 127 -1.08 24.20 -13.47
C ALA B 127 -1.75 24.99 -12.39
N ASP B 128 -1.77 26.31 -12.58
CA ASP B 128 -2.45 27.18 -11.62
C ASP B 128 -3.91 26.76 -11.54
N GLY B 129 -4.60 26.75 -12.67
CA GLY B 129 -6.01 26.34 -12.61
C GLY B 129 -6.23 25.03 -13.35
N VAL B 130 -7.12 24.17 -12.84
CA VAL B 130 -7.46 22.90 -13.53
C VAL B 130 -8.99 22.78 -13.65
N VAL B 131 -9.44 22.40 -14.83
CA VAL B 131 -10.85 22.45 -15.11
C VAL B 131 -11.03 21.08 -15.72
N ALA B 132 -11.95 20.32 -15.12
CA ALA B 132 -12.24 18.98 -15.51
C ALA B 132 -13.76 18.70 -15.76
N GLY B 133 -14.06 17.92 -16.78
CA GLY B 133 -15.41 17.51 -16.95
C GLY B 133 -16.43 18.56 -17.26
N CYS B 134 -15.97 19.64 -17.93
CA CYS B 134 -16.84 20.73 -18.32
C CYS B 134 -17.03 20.66 -19.85
N GLY B 135 -16.59 19.56 -20.47
CA GLY B 135 -16.74 19.38 -21.92
C GLY B 135 -15.80 20.38 -22.59
N VAL B 136 -15.89 20.61 -23.89
CA VAL B 136 -15.01 21.61 -24.49
C VAL B 136 -15.10 23.05 -23.89
N GLN B 137 -16.27 23.43 -23.37
CA GLN B 137 -16.42 24.70 -22.66
C GLN B 137 -15.30 24.95 -21.64
N GLY B 138 -14.70 23.86 -21.15
CA GLY B 138 -13.51 23.88 -20.31
C GLY B 138 -12.38 24.73 -20.91
N TYR B 139 -12.20 24.65 -22.23
CA TYR B 139 -11.28 25.57 -22.92
C TYR B 139 -11.61 27.08 -22.75
N VAL B 140 -12.89 27.45 -22.92
CA VAL B 140 -13.31 28.81 -22.73
C VAL B 140 -12.98 29.38 -21.38
N PHE B 141 -13.44 28.68 -20.35
CA PHE B 141 -13.03 28.88 -19.00
C PHE B 141 -11.51 29.01 -18.85
N GLY B 142 -10.73 28.35 -19.72
CA GLY B 142 -9.31 28.26 -19.52
C GLY B 142 -8.76 29.52 -20.16
N VAL B 143 -9.35 29.85 -21.30
CA VAL B 143 -9.09 31.15 -21.93
C VAL B 143 -9.54 32.30 -21.04
N GLU B 144 -10.74 32.26 -20.50
CA GLU B 144 -11.10 33.33 -19.50
C GLU B 144 -10.16 33.56 -18.31
N ARG B 145 -9.60 32.51 -17.71
CA ARG B 145 -8.70 32.67 -16.52
C ARG B 145 -7.34 33.24 -16.92
N ILE B 146 -6.95 32.96 -18.16
CA ILE B 146 -5.75 33.53 -18.73
C ILE B 146 -6.05 34.99 -18.97
N ALA B 147 -7.21 35.31 -19.54
CA ALA B 147 -7.61 36.70 -19.70
C ALA B 147 -7.46 37.50 -18.44
N ALA B 148 -8.01 36.94 -17.36
CA ALA B 148 -8.07 37.56 -16.04
C ALA B 148 -6.64 37.74 -15.49
N LEU B 149 -5.86 36.68 -15.52
CA LEU B 149 -4.57 36.70 -14.92
C LEU B 149 -3.56 37.43 -15.79
N ALA B 150 -3.68 37.32 -17.11
CA ALA B 150 -2.76 38.03 -17.97
C ALA B 150 -3.15 39.49 -18.21
N GLY B 151 -4.44 39.79 -18.11
CA GLY B 151 -4.92 41.15 -18.18
C GLY B 151 -4.77 41.90 -16.86
N ARG C 3 -13.35 -3.67 -42.29
CA ARG C 3 -12.23 -4.15 -43.15
C ARG C 3 -11.87 -5.63 -42.85
N SER C 4 -11.94 -6.47 -43.87
CA SER C 4 -11.51 -7.85 -43.78
C SER C 4 -10.06 -7.94 -44.21
N LEU C 5 -9.54 -9.15 -44.19
CA LEU C 5 -8.15 -9.41 -44.47
C LEU C 5 -7.88 -9.34 -45.97
N ALA C 6 -8.94 -9.59 -46.74
CA ALA C 6 -8.86 -9.67 -48.19
C ALA C 6 -8.71 -8.28 -48.72
N ASN C 7 -9.06 -7.31 -47.89
CA ASN C 7 -9.10 -5.90 -48.25
C ASN C 7 -7.97 -4.99 -47.69
N ALA C 8 -7.38 -5.31 -46.56
CA ALA C 8 -6.31 -4.43 -46.03
C ALA C 8 -5.19 -5.21 -45.38
N PRO C 9 -3.95 -4.67 -45.39
CA PRO C 9 -2.87 -5.27 -44.62
C PRO C 9 -3.15 -5.24 -43.10
N ILE C 10 -2.57 -6.18 -42.36
CA ILE C 10 -2.59 -6.15 -40.91
C ILE C 10 -1.46 -5.24 -40.48
N MET C 11 -1.73 -4.29 -39.59
CA MET C 11 -0.62 -3.48 -39.07
C MET C 11 0.13 -4.19 -37.93
N ILE C 12 1.45 -4.32 -38.11
CA ILE C 12 2.35 -4.86 -37.08
C ILE C 12 3.28 -3.76 -36.59
N LEU C 13 3.08 -3.40 -35.30
CA LEU C 13 3.79 -2.32 -34.67
C LEU C 13 4.77 -2.86 -33.59
N ASN C 14 6.01 -2.40 -33.64
CA ASN C 14 7.04 -2.88 -32.73
C ASN C 14 7.56 -1.68 -32.02
N GLY C 15 7.70 -1.75 -30.70
CA GLY C 15 8.03 -0.53 -29.95
C GLY C 15 9.51 -0.37 -29.78
N PRO C 16 9.94 0.42 -28.78
CA PRO C 16 11.28 0.81 -28.64
C PRO C 16 12.21 -0.38 -28.44
N ASN C 17 13.44 -0.21 -28.89
CA ASN C 17 14.43 -1.24 -28.69
C ASN C 17 14.39 -2.47 -29.60
N LEU C 18 13.28 -2.69 -30.28
CA LEU C 18 13.16 -3.95 -30.96
C LEU C 18 13.98 -3.98 -32.26
N ASN C 19 14.45 -2.82 -32.73
CA ASN C 19 15.29 -2.72 -33.93
C ASN C 19 16.45 -3.69 -33.85
N LEU C 20 17.02 -3.81 -32.64
CA LEU C 20 18.18 -4.63 -32.34
C LEU C 20 17.86 -6.05 -31.91
N LEU C 21 16.58 -6.36 -31.73
CA LEU C 21 16.13 -7.75 -31.58
C LEU C 21 17.17 -8.72 -32.20
N GLY C 22 17.61 -9.72 -31.43
CA GLY C 22 18.49 -10.75 -31.97
C GLY C 22 19.94 -10.72 -31.55
N GLN C 23 20.43 -9.58 -31.10
CA GLN C 23 21.86 -9.37 -30.79
C GLN C 23 22.29 -9.67 -29.35
N ARG C 24 21.33 -9.92 -28.49
CA ARG C 24 21.61 -10.18 -27.07
C ARG C 24 20.42 -10.80 -26.36
N GLN C 25 20.63 -11.20 -25.11
CA GLN C 25 19.65 -11.96 -24.35
C GLN C 25 18.87 -12.91 -25.27
N PRO C 26 19.59 -13.76 -26.00
CA PRO C 26 18.95 -14.78 -26.80
C PRO C 26 18.25 -15.73 -25.84
N GLU C 27 18.61 -15.60 -24.56
CA GLU C 27 18.00 -16.36 -23.46
C GLU C 27 16.58 -15.86 -23.20
N ILE C 28 16.36 -14.55 -23.34
CA ILE C 28 15.01 -14.00 -23.11
C ILE C 28 14.30 -13.63 -24.41
N TYR C 29 15.07 -13.30 -25.43
CA TYR C 29 14.48 -12.79 -26.65
C TYR C 29 14.66 -13.67 -27.91
N GLY C 30 15.64 -14.55 -27.87
CA GLY C 30 15.96 -15.33 -29.05
C GLY C 30 17.02 -14.66 -29.93
N SER C 31 17.20 -15.21 -31.13
CA SER C 31 18.24 -14.76 -32.05
C SER C 31 17.67 -14.45 -33.41
N ASP C 32 16.37 -14.62 -33.54
CA ASP C 32 15.69 -14.08 -34.71
C ASP C 32 15.60 -12.55 -34.60
N THR C 33 15.87 -11.88 -35.71
CA THR C 33 16.01 -10.43 -35.69
C THR C 33 14.67 -9.91 -36.08
N LEU C 34 14.57 -8.60 -36.24
CA LEU C 34 13.33 -7.98 -36.60
C LEU C 34 12.98 -8.38 -38.02
N ALA C 35 13.90 -8.18 -38.96
CA ALA C 35 13.79 -8.77 -40.31
C ALA C 35 13.16 -10.15 -40.29
N ASP C 36 13.62 -11.01 -39.40
CA ASP C 36 13.12 -12.36 -39.23
C ASP C 36 11.68 -12.51 -38.71
N VAL C 37 11.38 -11.81 -37.62
CA VAL C 37 10.00 -11.66 -37.17
C VAL C 37 9.11 -11.19 -38.33
N GLU C 38 9.55 -10.11 -39.02
CA GLU C 38 8.75 -9.47 -40.01
C GLU C 38 8.38 -10.57 -41.01
N ALA C 39 9.38 -11.34 -41.43
CA ALA C 39 9.25 -12.52 -42.32
C ALA C 39 8.28 -13.63 -41.82
N LEU C 40 8.46 -14.11 -40.60
CA LEU C 40 7.40 -14.93 -39.99
C LEU C 40 5.96 -14.42 -40.10
N CYS C 41 5.77 -13.09 -40.14
CA CYS C 41 4.42 -12.47 -40.24
C CYS C 41 3.89 -12.39 -41.68
N VAL C 42 4.79 -12.16 -42.62
CA VAL C 42 4.40 -12.19 -44.04
C VAL C 42 3.83 -13.57 -44.36
N LYS C 43 4.46 -14.58 -43.75
CA LYS C 43 4.15 -15.97 -43.88
C LYS C 43 2.77 -16.27 -43.32
N ALA C 44 2.62 -15.98 -42.02
CA ALA C 44 1.37 -16.15 -41.28
C ALA C 44 0.16 -15.53 -41.96
N ALA C 45 0.31 -14.28 -42.37
CA ALA C 45 -0.78 -13.58 -42.97
C ALA C 45 -1.16 -14.30 -44.27
N ALA C 46 -0.18 -14.58 -45.14
CA ALA C 46 -0.42 -15.17 -46.46
C ALA C 46 -1.24 -16.41 -46.25
N ALA C 47 -0.75 -17.29 -45.38
CA ALA C 47 -1.43 -18.52 -45.04
C ALA C 47 -2.93 -18.32 -44.71
N HIS C 48 -3.30 -17.08 -44.38
CA HIS C 48 -4.65 -16.82 -43.90
C HIS C 48 -5.34 -15.85 -44.82
N GLY C 49 -4.75 -15.67 -46.00
CA GLY C 49 -5.40 -14.91 -47.06
C GLY C 49 -5.14 -13.40 -47.03
N GLY C 50 -4.07 -12.99 -46.35
CA GLY C 50 -3.81 -11.57 -46.18
C GLY C 50 -2.38 -11.07 -46.18
N THR C 51 -2.25 -9.81 -45.73
CA THR C 51 -0.94 -9.08 -45.69
C THR C 51 -0.61 -8.30 -44.38
N VAL C 52 0.65 -7.87 -44.30
CA VAL C 52 1.23 -7.16 -43.18
C VAL C 52 1.95 -5.90 -43.62
N ASP C 53 1.68 -4.83 -42.85
CA ASP C 53 2.33 -3.56 -42.91
C ASP C 53 3.12 -3.55 -41.57
N PHE C 54 4.47 -3.73 -41.62
CA PHE C 54 5.28 -4.05 -40.41
C PHE C 54 6.26 -2.92 -40.04
N ARG C 55 6.07 -2.29 -38.86
CA ARG C 55 6.86 -1.10 -38.49
C ARG C 55 7.46 -1.20 -37.07
N GLN C 56 8.46 -0.36 -36.79
CA GLN C 56 9.13 -0.36 -35.54
C GLN C 56 9.39 1.11 -35.39
N SER C 57 9.32 1.57 -34.13
CA SER C 57 9.60 2.94 -33.71
C SER C 57 10.00 2.96 -32.23
N ASN C 58 10.98 3.78 -31.93
CA ASN C 58 11.36 4.02 -30.56
C ASN C 58 10.54 5.16 -30.00
N HIS C 59 9.72 5.79 -30.87
CA HIS C 59 9.02 7.03 -30.54
C HIS C 59 7.54 6.81 -30.23
N GLU C 60 7.15 7.25 -29.03
CA GLU C 60 5.84 6.90 -28.52
C GLU C 60 4.71 7.51 -29.41
N GLY C 61 4.95 8.73 -29.90
CA GLY C 61 3.93 9.52 -30.57
C GLY C 61 3.75 8.95 -31.98
N GLU C 62 4.83 8.35 -32.49
CA GLU C 62 4.87 7.82 -33.85
C GLU C 62 4.08 6.57 -33.96
N LEU C 63 4.07 5.82 -32.87
CA LEU C 63 3.23 4.64 -32.80
C LEU C 63 1.73 5.01 -32.81
N VAL C 64 1.40 6.15 -32.20
CA VAL C 64 0.04 6.71 -32.11
C VAL C 64 -0.38 7.18 -33.47
N ASP C 65 0.51 7.92 -34.14
CA ASP C 65 0.24 8.28 -35.53
C ASP C 65 -0.17 7.06 -36.30
N TRP C 66 0.66 6.04 -36.27
CA TRP C 66 0.43 4.79 -37.00
C TRP C 66 -0.79 4.04 -36.59
N ILE C 67 -1.21 4.27 -35.35
CA ILE C 67 -2.45 3.60 -34.87
C ILE C 67 -3.69 4.38 -35.37
N HIS C 68 -3.61 5.70 -35.27
CA HIS C 68 -4.53 6.56 -35.97
C HIS C 68 -4.65 6.07 -37.42
N GLU C 69 -3.53 5.89 -38.11
CA GLU C 69 -3.58 5.30 -39.45
C GLU C 69 -4.35 3.98 -39.53
N ALA C 70 -3.85 2.94 -38.86
CA ALA C 70 -4.36 1.59 -39.13
C ALA C 70 -5.87 1.61 -38.91
N ARG C 71 -6.30 2.41 -37.94
CA ARG C 71 -7.69 2.63 -37.62
C ARG C 71 -8.53 2.76 -38.87
N LEU C 72 -7.94 3.37 -39.90
CA LEU C 72 -8.64 3.64 -41.14
C LEU C 72 -8.14 2.91 -42.38
N ASN C 73 -6.86 2.52 -42.40
CA ASN C 73 -6.29 1.96 -43.63
C ASN C 73 -6.02 0.47 -43.52
N HIS C 74 -6.32 -0.12 -42.38
CA HIS C 74 -5.90 -1.50 -42.09
C HIS C 74 -6.97 -2.36 -41.41
N CYS C 75 -6.84 -3.68 -41.49
CA CYS C 75 -7.85 -4.55 -40.91
C CYS C 75 -7.53 -4.98 -39.46
N GLY C 76 -6.39 -4.55 -38.90
CA GLY C 76 -6.09 -4.86 -37.53
C GLY C 76 -4.66 -4.73 -37.03
N ILE C 77 -4.56 -4.57 -35.70
CA ILE C 77 -3.27 -4.37 -35.05
C ILE C 77 -2.86 -5.58 -34.25
N VAL C 78 -1.65 -6.05 -34.56
CA VAL C 78 -0.82 -6.88 -33.71
C VAL C 78 0.23 -5.97 -33.14
N ILE C 79 0.26 -5.80 -31.81
CA ILE C 79 1.30 -4.92 -31.28
C ILE C 79 2.22 -5.48 -30.16
N ASN C 80 3.52 -5.22 -30.34
CA ASN C 80 4.50 -5.32 -29.29
C ASN C 80 5.01 -3.91 -28.96
N PRO C 81 4.31 -3.27 -27.99
CA PRO C 81 4.65 -1.95 -27.50
C PRO C 81 6.03 -1.86 -26.85
N ALA C 82 6.66 -3.00 -26.61
CA ALA C 82 7.90 -3.08 -25.90
C ALA C 82 7.80 -2.25 -24.61
N ALA C 83 8.77 -1.43 -24.24
CA ALA C 83 8.68 -0.74 -22.93
C ALA C 83 7.43 0.08 -22.70
N TYR C 84 6.72 0.40 -23.79
CA TYR C 84 5.65 1.46 -23.77
C TYR C 84 4.33 0.79 -23.47
N SER C 85 4.42 -0.51 -23.24
CA SER C 85 3.27 -1.34 -22.77
C SER C 85 3.05 -0.93 -21.31
N HIS C 86 4.13 -0.60 -20.62
CA HIS C 86 4.09 -0.35 -19.20
C HIS C 86 3.89 1.08 -18.89
N THR C 87 4.30 1.99 -19.77
CA THR C 87 4.26 3.41 -19.51
C THR C 87 3.22 4.27 -20.24
N SER C 88 2.83 3.84 -21.44
CA SER C 88 2.08 4.70 -22.39
C SER C 88 0.59 4.52 -22.20
N VAL C 89 -0.08 5.49 -21.57
CA VAL C 89 -1.56 5.58 -21.57
C VAL C 89 -2.07 6.12 -22.96
N ALA C 90 -1.25 7.00 -23.55
CA ALA C 90 -1.40 7.58 -24.90
C ALA C 90 -1.71 6.54 -25.96
N ILE C 91 -0.82 5.55 -26.00
CA ILE C 91 -0.87 4.40 -26.96
C ILE C 91 -2.11 3.54 -26.66
N LEU C 92 -2.39 3.32 -25.37
CA LEU C 92 -3.64 2.72 -24.92
C LEU C 92 -4.84 3.50 -25.53
N ASP C 93 -4.83 4.80 -25.42
CA ASP C 93 -5.90 5.58 -25.96
C ASP C 93 -5.90 5.68 -27.42
N ALA C 94 -4.72 5.50 -28.03
CA ALA C 94 -4.72 5.43 -29.50
C ALA C 94 -5.58 4.27 -29.93
N LEU C 95 -5.62 3.22 -29.13
CA LEU C 95 -6.23 1.96 -29.46
C LEU C 95 -7.75 1.96 -29.10
N ASN C 96 -8.04 2.55 -27.96
CA ASN C 96 -9.43 2.86 -27.64
C ASN C 96 -10.20 3.48 -28.80
N THR C 97 -9.52 4.29 -29.64
CA THR C 97 -10.22 5.14 -30.60
C THR C 97 -10.69 4.34 -31.77
N CYS C 98 -10.23 3.10 -31.84
CA CYS C 98 -10.43 2.24 -33.03
C CYS C 98 -11.70 1.42 -32.97
N ASP C 99 -12.85 1.98 -32.59
CA ASP C 99 -14.04 1.15 -32.33
C ASP C 99 -14.13 -0.02 -33.32
N GLY C 100 -14.40 -1.21 -32.79
CA GLY C 100 -14.53 -2.45 -33.57
C GLY C 100 -13.38 -3.10 -34.34
N LEU C 101 -12.16 -2.59 -34.21
CA LEU C 101 -10.97 -3.19 -34.83
C LEU C 101 -10.36 -4.20 -33.87
N PRO C 102 -9.87 -5.32 -34.41
CA PRO C 102 -9.27 -6.37 -33.61
C PRO C 102 -7.83 -5.94 -33.28
N VAL C 103 -7.48 -5.91 -31.99
CA VAL C 103 -6.11 -5.71 -31.53
C VAL C 103 -5.65 -6.91 -30.71
N VAL C 104 -4.43 -7.34 -30.96
CA VAL C 104 -3.78 -8.38 -30.20
C VAL C 104 -2.40 -7.87 -29.77
N GLU C 105 -2.16 -7.98 -28.47
CA GLU C 105 -0.88 -7.60 -27.91
C GLU C 105 0.05 -8.78 -27.82
N VAL C 106 1.27 -8.58 -28.28
CA VAL C 106 2.26 -9.61 -28.15
C VAL C 106 3.51 -9.20 -27.33
N HIS C 107 3.95 -10.08 -26.45
CA HIS C 107 5.22 -9.86 -25.77
C HIS C 107 5.98 -11.13 -26.01
N ILE C 108 7.17 -11.00 -26.59
CA ILE C 108 8.11 -12.09 -26.75
C ILE C 108 8.50 -12.84 -25.47
N SER C 109 8.93 -12.11 -24.42
CA SER C 109 9.14 -12.76 -23.12
C SER C 109 7.86 -12.96 -22.31
N ASN C 110 7.95 -13.81 -21.27
CA ASN C 110 6.94 -13.82 -20.21
C ASN C 110 7.14 -12.68 -19.13
N ILE C 111 6.52 -11.52 -19.33
CA ILE C 111 6.58 -10.29 -18.46
C ILE C 111 6.16 -10.50 -17.00
N HIS C 112 5.27 -11.48 -16.79
CA HIS C 112 4.98 -12.06 -15.49
C HIS C 112 6.07 -12.91 -14.86
N GLN C 113 7.23 -13.09 -15.50
CA GLN C 113 8.36 -13.66 -14.72
C GLN C 113 9.57 -12.70 -14.44
N ARG C 114 9.53 -11.52 -15.01
CA ARG C 114 10.66 -10.65 -14.98
C ARG C 114 10.31 -9.68 -13.85
N GLU C 115 11.00 -8.57 -13.77
CA GLU C 115 10.70 -7.41 -12.92
C GLU C 115 9.21 -6.99 -12.79
N PRO C 116 8.72 -6.85 -11.54
CA PRO C 116 7.40 -6.25 -11.24
C PRO C 116 6.95 -5.03 -12.08
N PHE C 117 7.88 -4.14 -12.50
CA PHE C 117 7.48 -3.01 -13.32
C PHE C 117 6.99 -3.48 -14.72
N ARG C 118 7.48 -4.64 -15.18
CA ARG C 118 6.98 -5.26 -16.45
C ARG C 118 5.68 -6.09 -16.31
N HIS C 119 5.31 -6.40 -15.08
CA HIS C 119 4.09 -7.20 -14.87
C HIS C 119 2.80 -6.58 -15.48
N HIS C 120 2.75 -5.24 -15.55
CA HIS C 120 1.54 -4.50 -15.92
C HIS C 120 1.73 -3.88 -17.31
N SER C 121 0.67 -3.90 -18.13
CA SER C 121 0.69 -3.25 -19.44
C SER C 121 -0.54 -2.41 -19.61
N TYR C 122 -0.43 -1.11 -19.92
CA TYR C 122 -1.63 -0.31 -20.29
C TYR C 122 -2.34 -0.89 -21.53
N VAL C 123 -1.58 -1.41 -22.51
CA VAL C 123 -2.19 -1.92 -23.74
C VAL C 123 -3.20 -3.05 -23.56
N SER C 124 -2.93 -3.96 -22.62
CA SER C 124 -3.78 -5.05 -22.27
C SER C 124 -5.20 -4.72 -21.92
N GLN C 125 -5.43 -3.43 -21.65
CA GLN C 125 -6.68 -2.88 -21.15
C GLN C 125 -7.51 -2.64 -22.38
N ARG C 126 -6.90 -2.60 -23.57
CA ARG C 126 -7.66 -2.47 -24.79
C ARG C 126 -7.53 -3.69 -25.69
N ALA C 127 -6.31 -4.19 -25.83
CA ALA C 127 -6.07 -5.31 -26.72
C ALA C 127 -7.14 -6.36 -26.46
N ASP C 128 -7.65 -6.97 -27.53
CA ASP C 128 -8.64 -8.01 -27.31
C ASP C 128 -7.95 -9.27 -26.82
N GLY C 129 -6.77 -9.53 -27.36
CA GLY C 129 -5.97 -10.67 -26.97
C GLY C 129 -4.57 -10.22 -26.54
N VAL C 130 -3.96 -11.00 -25.65
CA VAL C 130 -2.59 -10.88 -25.29
C VAL C 130 -1.88 -12.19 -25.28
N VAL C 131 -0.83 -12.24 -26.05
CA VAL C 131 0.03 -13.37 -25.91
C VAL C 131 1.38 -12.92 -25.31
N ALA C 132 1.82 -13.63 -24.27
CA ALA C 132 3.09 -13.41 -23.60
C ALA C 132 3.78 -14.71 -23.55
N GLY C 133 5.10 -14.66 -23.69
CA GLY C 133 5.94 -15.77 -23.37
C GLY C 133 5.99 -16.83 -24.45
N CYS C 134 5.49 -16.51 -25.62
CA CYS C 134 5.50 -17.49 -26.69
C CYS C 134 6.62 -17.24 -27.72
N GLY C 135 7.60 -16.36 -27.37
CA GLY C 135 8.73 -16.04 -28.25
C GLY C 135 8.28 -15.35 -29.53
N VAL C 136 9.11 -15.40 -30.58
CA VAL C 136 8.73 -14.79 -31.84
C VAL C 136 7.43 -15.40 -32.43
N GLN C 137 7.17 -16.68 -32.14
CA GLN C 137 5.87 -17.36 -32.50
C GLN C 137 4.54 -16.71 -32.02
N GLY C 138 4.62 -15.86 -31.01
CA GLY C 138 3.46 -15.08 -30.58
C GLY C 138 2.92 -14.13 -31.61
N TYR C 139 3.82 -13.45 -32.31
CA TYR C 139 3.42 -12.69 -33.46
C TYR C 139 2.50 -13.45 -34.41
N VAL C 140 2.73 -14.77 -34.48
CA VAL C 140 2.07 -15.64 -35.44
C VAL C 140 0.69 -15.97 -34.91
N PHE C 141 0.61 -16.12 -33.59
CA PHE C 141 -0.68 -16.27 -32.94
C PHE C 141 -1.46 -14.99 -33.12
N GLY C 142 -0.77 -13.86 -33.02
CA GLY C 142 -1.41 -12.55 -33.16
C GLY C 142 -2.03 -12.44 -34.51
N VAL C 143 -1.39 -13.02 -35.50
CA VAL C 143 -1.84 -12.83 -36.88
C VAL C 143 -3.01 -13.77 -37.19
N GLU C 144 -2.96 -14.95 -36.62
CA GLU C 144 -4.04 -15.92 -36.71
C GLU C 144 -5.30 -15.46 -35.98
N ARG C 145 -5.09 -14.88 -34.82
CA ARG C 145 -6.18 -14.26 -34.10
C ARG C 145 -6.82 -13.18 -34.94
N ILE C 146 -6.06 -12.22 -35.43
CA ILE C 146 -6.64 -11.19 -36.27
C ILE C 146 -7.40 -11.95 -37.41
N ALA C 147 -6.73 -12.80 -38.19
CA ALA C 147 -7.36 -13.48 -39.35
C ALA C 147 -8.65 -14.06 -38.88
N ALA C 148 -8.63 -14.79 -37.76
CA ALA C 148 -9.90 -15.32 -37.26
C ALA C 148 -10.94 -14.20 -37.22
N LEU C 149 -10.52 -13.02 -36.72
CA LEU C 149 -11.49 -11.99 -36.30
C LEU C 149 -11.89 -11.08 -37.43
N ALA C 150 -10.92 -10.79 -38.27
CA ALA C 150 -11.11 -9.98 -39.46
C ALA C 150 -11.96 -10.69 -40.51
N GLY C 151 -12.29 -11.95 -40.23
CA GLY C 151 -13.31 -12.71 -40.98
C GLY C 151 -14.55 -12.98 -40.12
N ARG D 3 35.66 27.75 8.33
CA ARG D 3 36.52 26.60 8.08
C ARG D 3 36.67 26.32 6.59
N SER D 4 37.85 25.84 6.21
CA SER D 4 38.15 25.52 4.83
C SER D 4 38.94 24.25 4.75
N LEU D 5 39.12 23.80 3.51
CA LEU D 5 39.94 22.67 3.17
C LEU D 5 41.37 22.90 3.68
N ALA D 6 41.73 24.19 3.78
CA ALA D 6 43.04 24.67 4.28
C ALA D 6 43.18 24.59 5.80
N ASN D 7 42.07 24.75 6.51
CA ASN D 7 42.05 24.79 7.99
C ASN D 7 41.86 23.49 8.76
N ALA D 8 41.23 22.49 8.15
CA ALA D 8 40.76 21.29 8.89
C ALA D 8 40.53 20.04 8.03
N PRO D 9 40.79 18.85 8.58
CA PRO D 9 40.63 17.64 7.77
C PRO D 9 39.15 17.40 7.35
N ILE D 10 38.97 16.60 6.31
CA ILE D 10 37.66 16.07 5.98
C ILE D 10 37.41 14.83 6.83
N MET D 11 36.39 14.89 7.69
CA MET D 11 35.86 13.65 8.26
C MET D 11 35.28 12.62 7.29
N ILE D 12 35.91 11.47 7.33
CA ILE D 12 35.50 10.35 6.52
C ILE D 12 35.04 9.21 7.43
N LEU D 13 33.71 9.05 7.45
CA LEU D 13 32.99 8.06 8.25
C LEU D 13 32.61 6.80 7.49
N ASN D 14 33.01 5.68 8.11
CA ASN D 14 32.73 4.35 7.63
C ASN D 14 31.86 3.53 8.59
N GLY D 15 30.74 3.05 8.10
CA GLY D 15 29.76 2.36 8.96
C GLY D 15 30.07 0.87 9.11
N PRO D 16 29.09 0.12 9.59
CA PRO D 16 29.25 -1.29 9.91
C PRO D 16 29.73 -2.24 8.85
N ASN D 17 30.48 -3.27 9.29
CA ASN D 17 30.97 -4.28 8.35
C ASN D 17 32.10 -3.90 7.38
N LEU D 18 32.39 -2.61 7.25
CA LEU D 18 33.34 -2.06 6.25
C LEU D 18 34.79 -2.32 6.58
N ASN D 19 35.07 -2.36 7.90
CA ASN D 19 36.27 -2.96 8.44
C ASN D 19 36.72 -4.22 7.68
N LEU D 20 35.79 -4.98 7.13
CA LEU D 20 36.12 -6.22 6.43
C LEU D 20 36.22 -6.20 4.93
N LEU D 21 36.16 -5.00 4.37
CA LEU D 21 36.23 -4.75 2.94
C LEU D 21 37.46 -5.49 2.32
N GLY D 22 37.21 -6.09 1.14
CA GLY D 22 38.19 -6.85 0.40
C GLY D 22 38.01 -8.35 0.56
N GLN D 23 37.59 -8.78 1.76
CA GLN D 23 37.59 -10.20 2.08
C GLN D 23 36.57 -11.01 1.31
N ARG D 24 35.43 -10.42 0.97
CA ARG D 24 34.43 -11.11 0.16
C ARG D 24 33.70 -10.14 -0.81
N GLN D 25 32.79 -10.68 -1.61
CA GLN D 25 32.00 -9.88 -2.55
C GLN D 25 32.77 -8.90 -3.45
N PRO D 26 33.97 -9.26 -3.94
CA PRO D 26 34.71 -8.33 -4.82
C PRO D 26 33.83 -7.82 -5.99
N GLU D 27 33.14 -8.73 -6.68
CA GLU D 27 32.18 -8.36 -7.75
C GLU D 27 31.11 -7.36 -7.33
N ILE D 28 30.91 -7.20 -6.01
CA ILE D 28 29.94 -6.25 -5.45
C ILE D 28 30.63 -5.00 -4.84
N TYR D 29 31.75 -5.26 -4.14
CA TYR D 29 32.45 -4.21 -3.38
C TYR D 29 33.92 -3.94 -3.79
N GLY D 30 34.48 -4.83 -4.60
CA GLY D 30 35.86 -4.71 -5.03
C GLY D 30 36.81 -5.55 -4.20
N SER D 31 38.10 -5.36 -4.46
CA SER D 31 39.17 -6.19 -3.91
C SER D 31 40.03 -5.35 -2.98
N ASP D 32 39.87 -4.03 -3.09
CA ASP D 32 40.33 -3.06 -2.09
C ASP D 32 39.92 -3.40 -0.66
N THR D 33 40.79 -3.04 0.29
CA THR D 33 40.54 -3.22 1.70
C THR D 33 40.12 -1.89 2.25
N LEU D 34 39.64 -1.91 3.50
CA LEU D 34 39.47 -0.67 4.17
C LEU D 34 40.74 0.20 4.12
N ALA D 35 41.87 -0.29 4.65
CA ALA D 35 43.15 0.46 4.55
C ALA D 35 43.48 0.96 3.12
N ASP D 36 43.25 0.12 2.12
CA ASP D 36 43.37 0.61 0.74
C ASP D 36 42.45 1.79 0.49
N VAL D 37 41.21 1.68 0.96
CA VAL D 37 40.32 2.80 0.72
C VAL D 37 40.89 4.07 1.31
N GLU D 38 41.37 3.99 2.55
CA GLU D 38 41.85 5.13 3.26
C GLU D 38 42.99 5.86 2.52
N ALA D 39 43.91 5.04 2.02
CA ALA D 39 45.04 5.49 1.19
C ALA D 39 44.61 6.26 -0.11
N LEU D 40 43.58 5.77 -0.81
CA LEU D 40 42.98 6.60 -1.84
C LEU D 40 42.47 7.90 -1.31
N CYS D 41 41.81 7.86 -0.13
CA CYS D 41 41.19 9.08 0.40
C CYS D 41 42.24 10.15 0.77
N VAL D 42 43.33 9.74 1.39
CA VAL D 42 44.48 10.63 1.66
C VAL D 42 45.01 11.29 0.40
N LYS D 43 45.35 10.47 -0.56
CA LYS D 43 45.81 10.89 -1.86
C LYS D 43 44.77 11.87 -2.39
N ALA D 44 43.51 11.44 -2.25
CA ALA D 44 42.41 12.11 -2.89
C ALA D 44 42.37 13.52 -2.38
N ALA D 45 42.59 13.72 -1.08
CA ALA D 45 42.59 15.07 -0.50
C ALA D 45 43.88 15.89 -0.73
N ALA D 46 45.06 15.30 -0.56
CA ALA D 46 46.32 16.04 -0.87
C ALA D 46 46.24 16.76 -2.20
N ALA D 47 45.83 15.97 -3.21
CA ALA D 47 45.54 16.38 -4.56
C ALA D 47 44.71 17.59 -4.65
N HIS D 48 44.14 18.04 -3.54
CA HIS D 48 43.31 19.25 -3.51
C HIS D 48 43.72 20.14 -2.36
N GLY D 49 44.86 19.82 -1.78
CA GLY D 49 45.47 20.66 -0.74
C GLY D 49 44.67 20.45 0.52
N GLY D 50 44.47 19.16 0.82
CA GLY D 50 43.69 18.72 1.96
C GLY D 50 44.20 17.46 2.59
N THR D 51 43.71 17.23 3.82
CA THR D 51 44.08 16.11 4.66
C THR D 51 42.76 15.42 5.02
N VAL D 52 42.86 14.18 5.44
CA VAL D 52 41.67 13.46 5.93
C VAL D 52 41.75 12.97 7.41
N ASP D 53 40.57 12.68 8.01
CA ASP D 53 40.52 12.00 9.27
C ASP D 53 39.55 10.81 9.11
N PHE D 54 40.13 9.62 8.97
CA PHE D 54 39.44 8.48 8.32
C PHE D 54 39.10 7.49 9.41
N ARG D 55 37.82 7.12 9.52
CA ARG D 55 37.37 6.28 10.63
C ARG D 55 36.42 5.24 10.22
N GLN D 56 36.35 4.15 10.98
CA GLN D 56 35.28 3.14 10.85
C GLN D 56 34.71 2.71 12.20
N SER D 57 33.41 2.44 12.22
CA SER D 57 32.77 1.89 13.43
C SER D 57 31.54 1.13 13.05
N ASN D 58 31.32 0.04 13.76
CA ASN D 58 30.10 -0.76 13.66
C ASN D 58 28.92 -0.19 14.42
N HIS D 59 29.22 0.87 15.16
CA HIS D 59 28.31 1.47 16.14
C HIS D 59 27.59 2.72 15.68
N GLU D 60 26.26 2.64 15.70
CA GLU D 60 25.40 3.76 15.40
C GLU D 60 25.77 5.02 16.17
N GLY D 61 25.74 4.89 17.49
CA GLY D 61 25.90 6.00 18.42
C GLY D 61 27.25 6.70 18.32
N GLU D 62 28.30 5.98 17.91
CA GLU D 62 29.68 6.52 17.80
C GLU D 62 29.97 7.26 16.50
N LEU D 63 29.46 6.72 15.39
CA LEU D 63 29.27 7.56 14.23
C LEU D 63 28.50 8.84 14.51
N VAL D 64 27.41 8.74 15.27
CA VAL D 64 26.74 9.95 15.78
C VAL D 64 27.80 10.89 16.45
N ASP D 65 28.47 10.33 17.47
CA ASP D 65 29.46 11.07 18.25
C ASP D 65 30.55 11.70 17.37
N TRP D 66 31.09 10.91 16.45
CA TRP D 66 32.05 11.38 15.48
C TRP D 66 31.41 12.50 14.65
N ILE D 67 30.13 12.36 14.27
CA ILE D 67 29.58 13.41 13.39
C ILE D 67 29.60 14.71 14.21
N HIS D 68 29.27 14.61 15.50
CA HIS D 68 29.20 15.83 16.40
C HIS D 68 30.57 16.50 16.46
N GLU D 69 31.61 15.69 16.72
CA GLU D 69 32.98 16.15 16.58
C GLU D 69 33.29 16.89 15.26
N ALA D 70 32.92 16.30 14.12
CA ALA D 70 33.08 16.97 12.82
C ALA D 70 32.37 18.34 12.65
N ARG D 71 31.11 18.42 13.07
CA ARG D 71 30.42 19.71 13.28
C ARG D 71 31.37 20.77 13.89
N LEU D 72 32.12 20.38 14.90
CA LEU D 72 33.06 21.35 15.46
C LEU D 72 34.36 21.51 14.67
N ASN D 73 34.98 20.38 14.35
CA ASN D 73 36.41 20.29 14.09
C ASN D 73 36.90 20.02 12.66
N HIS D 74 35.97 19.74 11.74
CA HIS D 74 36.33 19.20 10.39
C HIS D 74 35.76 20.07 9.30
N CYS D 75 36.31 19.97 8.09
CA CYS D 75 35.77 20.82 7.04
C CYS D 75 34.63 20.14 6.21
N GLY D 76 34.34 18.86 6.48
CA GLY D 76 33.24 18.20 5.79
C GLY D 76 33.21 16.71 5.99
N ILE D 77 32.08 16.08 5.64
CA ILE D 77 31.92 14.65 5.83
C ILE D 77 31.70 13.95 4.50
N VAL D 78 32.52 12.92 4.28
CA VAL D 78 32.28 11.93 3.32
C VAL D 78 31.80 10.79 4.22
N ILE D 79 30.73 10.11 3.84
CA ILE D 79 30.22 9.05 4.66
C ILE D 79 29.54 7.96 3.83
N ASN D 80 29.97 6.73 4.10
CA ASN D 80 29.33 5.55 3.59
C ASN D 80 28.73 4.88 4.84
N PRO D 81 27.46 5.19 5.06
CA PRO D 81 26.82 4.78 6.23
C PRO D 81 26.67 3.29 6.26
N ALA D 82 27.03 2.62 5.18
CA ALA D 82 26.71 1.17 5.15
C ALA D 82 25.26 0.98 5.57
N ALA D 83 25.01 -0.03 6.42
CA ALA D 83 23.64 -0.56 6.56
C ALA D 83 22.78 0.42 7.35
N TYR D 84 23.45 1.27 8.17
CA TYR D 84 22.82 2.28 8.99
C TYR D 84 22.26 3.27 7.99
N SER D 85 22.57 3.12 6.69
CA SER D 85 21.97 4.02 5.69
C SER D 85 20.48 3.88 5.68
N HIS D 86 20.03 2.63 5.88
CA HIS D 86 18.63 2.26 5.68
C HIS D 86 17.82 2.25 6.94
N THR D 87 18.49 2.48 8.09
CA THR D 87 17.85 2.23 9.37
C THR D 87 17.95 3.39 10.35
N SER D 88 18.94 4.28 10.13
CA SER D 88 19.41 5.33 11.09
C SER D 88 18.79 6.75 10.94
N VAL D 89 17.68 7.06 11.60
CA VAL D 89 17.27 8.41 11.62
C VAL D 89 18.26 9.09 12.60
N ALA D 90 18.80 8.33 13.59
CA ALA D 90 19.83 8.90 14.55
C ALA D 90 20.88 9.71 13.79
N ILE D 91 21.58 9.02 12.86
CA ILE D 91 22.60 9.57 11.93
C ILE D 91 22.18 10.73 11.02
N LEU D 92 21.03 10.56 10.35
CA LEU D 92 20.42 11.65 9.64
C LEU D 92 20.38 12.86 10.54
N ASP D 93 19.78 12.66 11.71
CA ASP D 93 19.57 13.81 12.63
C ASP D 93 20.94 14.32 13.05
N ALA D 94 21.93 13.40 13.19
CA ALA D 94 23.32 13.82 13.50
C ALA D 94 23.83 14.76 12.44
N LEU D 95 23.60 14.41 11.16
CA LEU D 95 23.99 15.30 10.07
C LEU D 95 23.06 16.52 9.92
N ASN D 96 21.77 16.35 10.02
CA ASN D 96 20.92 17.54 10.18
C ASN D 96 21.56 18.61 11.11
N THR D 97 22.23 18.17 12.21
CA THR D 97 22.83 19.18 13.14
C THR D 97 23.96 20.09 12.55
N CYS D 98 24.36 19.77 11.33
CA CYS D 98 25.66 20.20 10.77
C CYS D 98 25.53 21.37 9.81
N ASP D 99 24.89 22.45 10.26
CA ASP D 99 24.46 23.50 9.31
C ASP D 99 25.63 24.00 8.58
N GLY D 100 25.46 24.08 7.25
CA GLY D 100 26.43 24.70 6.39
C GLY D 100 27.68 23.88 6.19
N LEU D 101 27.62 22.63 6.66
CA LEU D 101 28.70 21.66 6.45
C LEU D 101 28.44 20.75 5.25
N PRO D 102 29.30 20.78 4.24
CA PRO D 102 29.10 19.88 3.07
C PRO D 102 29.17 18.40 3.53
N VAL D 103 28.14 17.60 3.19
CA VAL D 103 28.10 16.14 3.50
C VAL D 103 27.94 15.43 2.12
N VAL D 104 28.79 14.45 1.80
CA VAL D 104 28.56 13.57 0.62
C VAL D 104 28.40 12.12 1.05
N GLU D 105 27.29 11.52 0.60
CA GLU D 105 27.05 10.15 0.92
C GLU D 105 27.55 9.25 -0.21
N VAL D 106 28.25 8.16 0.18
CA VAL D 106 28.89 7.18 -0.70
C VAL D 106 28.42 5.73 -0.45
N HIS D 107 27.93 5.02 -1.47
CA HIS D 107 27.72 3.59 -1.47
C HIS D 107 28.58 2.98 -2.59
N ILE D 108 29.34 1.98 -2.25
CA ILE D 108 30.29 1.38 -3.20
C ILE D 108 29.50 0.75 -4.33
N SER D 109 28.45 0.03 -3.92
CA SER D 109 27.53 -0.66 -4.77
C SER D 109 26.45 0.34 -5.07
N ASN D 110 25.71 0.04 -6.11
CA ASN D 110 24.47 0.73 -6.43
C ASN D 110 23.33 -0.03 -5.79
N ILE D 111 22.87 0.52 -4.67
CA ILE D 111 21.81 -0.05 -3.81
C ILE D 111 20.42 -0.13 -4.45
N HIS D 112 20.36 0.52 -5.60
CA HIS D 112 19.13 0.76 -6.35
C HIS D 112 19.05 -0.37 -7.30
N GLN D 113 20.04 -1.25 -7.25
CA GLN D 113 20.07 -2.48 -8.06
C GLN D 113 19.87 -3.67 -7.15
N ARG D 114 19.86 -3.44 -5.84
CA ARG D 114 19.92 -4.56 -4.90
C ARG D 114 18.55 -4.87 -4.26
N GLU D 115 18.57 -5.49 -3.08
CA GLU D 115 17.31 -5.72 -2.28
C GLU D 115 16.51 -4.42 -2.09
N PRO D 116 15.19 -4.53 -2.21
CA PRO D 116 14.36 -3.33 -2.18
C PRO D 116 14.56 -2.39 -0.96
N PHE D 117 14.78 -2.99 0.20
CA PHE D 117 15.17 -2.26 1.42
C PHE D 117 16.52 -1.54 1.34
N ARG D 118 17.43 -1.96 0.45
CA ARG D 118 18.69 -1.15 0.24
C ARG D 118 18.42 0.20 -0.50
N HIS D 119 17.30 0.20 -1.21
CA HIS D 119 16.96 1.22 -2.12
C HIS D 119 16.82 2.58 -1.43
N HIS D 120 16.39 2.57 -0.15
CA HIS D 120 16.15 3.80 0.64
C HIS D 120 17.31 4.07 1.68
N SER D 121 17.75 5.29 1.77
CA SER D 121 18.70 5.67 2.74
C SER D 121 18.17 6.92 3.39
N TYR D 122 18.03 6.91 4.71
CA TYR D 122 17.79 8.15 5.43
C TYR D 122 18.78 9.27 5.26
N VAL D 123 20.08 8.95 5.38
CA VAL D 123 21.18 9.96 5.16
C VAL D 123 21.05 10.87 3.99
N SER D 124 20.51 10.35 2.84
CA SER D 124 20.35 11.00 1.55
C SER D 124 19.43 12.15 1.63
N GLN D 125 18.56 12.08 2.61
CA GLN D 125 17.64 13.17 2.94
C GLN D 125 18.41 14.46 3.38
N ARG D 126 19.62 14.29 3.88
CA ARG D 126 20.43 15.45 4.30
C ARG D 126 21.75 15.66 3.48
N ALA D 127 22.45 14.56 3.22
CA ALA D 127 23.59 14.55 2.34
C ALA D 127 23.37 15.51 1.19
N ASP D 128 24.31 16.41 0.99
CA ASP D 128 24.22 17.27 -0.18
C ASP D 128 24.33 16.50 -1.50
N GLY D 129 25.19 15.50 -1.54
CA GLY D 129 25.29 14.67 -2.74
C GLY D 129 25.32 13.22 -2.28
N VAL D 130 24.86 12.34 -3.15
CA VAL D 130 24.97 10.96 -2.95
C VAL D 130 25.74 10.40 -4.15
N VAL D 131 26.77 9.59 -3.86
CA VAL D 131 27.51 8.87 -4.92
C VAL D 131 27.19 7.39 -4.73
N ALA D 132 26.87 6.70 -5.82
CA ALA D 132 26.55 5.31 -5.70
C ALA D 132 27.03 4.44 -6.88
N GLY D 133 27.45 3.20 -6.57
CA GLY D 133 27.87 2.29 -7.64
C GLY D 133 29.10 2.78 -8.36
N CYS D 134 29.80 3.75 -7.79
CA CYS D 134 31.05 4.14 -8.42
C CYS D 134 32.26 3.47 -7.82
N GLY D 135 32.07 2.33 -7.18
CA GLY D 135 33.13 1.67 -6.44
C GLY D 135 33.64 2.54 -5.31
N VAL D 136 34.84 2.22 -4.82
CA VAL D 136 35.64 3.11 -3.97
C VAL D 136 36.17 4.36 -4.67
N GLN D 137 36.12 4.42 -6.00
CA GLN D 137 36.29 5.71 -6.65
C GLN D 137 35.23 6.74 -6.10
N GLY D 138 34.09 6.29 -5.59
CA GLY D 138 33.10 7.27 -5.08
C GLY D 138 33.49 8.11 -3.88
N TYR D 139 34.26 7.53 -2.99
CA TYR D 139 35.09 8.23 -1.99
C TYR D 139 35.98 9.36 -2.55
N VAL D 140 36.67 9.09 -3.66
CA VAL D 140 37.50 10.12 -4.32
C VAL D 140 36.58 11.28 -4.84
N PHE D 141 35.47 10.89 -5.54
CA PHE D 141 34.44 11.85 -5.90
C PHE D 141 33.92 12.57 -4.63
N GLY D 142 33.58 11.82 -3.61
CA GLY D 142 33.10 12.50 -2.38
C GLY D 142 34.12 13.54 -1.95
N VAL D 143 35.42 13.18 -1.92
CA VAL D 143 36.43 14.14 -1.41
C VAL D 143 36.50 15.34 -2.32
N GLU D 144 36.42 15.09 -3.63
CA GLU D 144 36.45 16.15 -4.65
C GLU D 144 35.36 17.20 -4.35
N ARG D 145 34.19 16.66 -4.08
CA ARG D 145 33.00 17.48 -3.93
C ARG D 145 33.16 18.38 -2.75
N ILE D 146 33.72 17.83 -1.71
CA ILE D 146 33.89 18.51 -0.46
C ILE D 146 34.90 19.59 -0.67
N ALA D 147 35.94 19.27 -1.45
CA ALA D 147 36.99 20.22 -1.67
C ALA D 147 36.40 21.36 -2.44
N ALA D 148 35.50 21.06 -3.39
CA ALA D 148 34.89 22.13 -4.19
C ALA D 148 34.09 23.01 -3.27
N LEU D 149 33.24 22.36 -2.50
CA LEU D 149 32.33 23.06 -1.61
C LEU D 149 33.05 23.76 -0.51
N ALA D 150 34.08 23.11 0.04
CA ALA D 150 34.77 23.58 1.28
C ALA D 150 35.84 24.64 1.01
N GLY D 151 36.64 24.45 -0.04
CA GLY D 151 37.70 25.41 -0.39
C GLY D 151 37.26 26.32 -1.53
N ARG E 3 36.08 -24.11 10.10
CA ARG E 3 36.12 -24.50 11.52
C ARG E 3 34.94 -25.38 11.97
N SER E 4 35.24 -26.37 12.82
CA SER E 4 34.31 -27.44 13.12
C SER E 4 33.92 -27.52 14.60
N LEU E 5 32.99 -28.43 14.89
CA LEU E 5 32.49 -28.66 16.24
C LEU E 5 33.62 -29.22 17.05
N ALA E 6 34.32 -30.19 16.47
CA ALA E 6 35.56 -30.74 17.02
C ALA E 6 36.57 -29.62 17.39
N ASN E 7 36.95 -28.80 16.40
CA ASN E 7 37.94 -27.70 16.57
C ASN E 7 37.49 -26.37 17.23
N ALA E 8 36.19 -26.04 17.15
CA ALA E 8 35.76 -24.71 17.52
C ALA E 8 34.36 -24.70 18.13
N PRO E 9 34.15 -23.78 19.07
CA PRO E 9 32.81 -23.59 19.61
C PRO E 9 31.78 -22.98 18.61
N ILE E 10 30.54 -23.09 19.03
CA ILE E 10 29.40 -22.53 18.37
C ILE E 10 29.31 -21.20 19.07
N MET E 11 29.35 -20.13 18.28
CA MET E 11 28.87 -18.85 18.86
C MET E 11 27.36 -18.88 19.06
N ILE E 12 26.92 -18.72 20.30
CA ILE E 12 25.51 -18.48 20.59
C ILE E 12 25.33 -17.08 21.12
N LEU E 13 24.59 -16.31 20.30
CA LEU E 13 24.41 -14.90 20.46
C LEU E 13 23.02 -14.51 20.85
N ASN E 14 22.91 -13.57 21.78
CA ASN E 14 21.63 -13.10 22.34
C ASN E 14 21.60 -11.62 22.31
N GLY E 15 20.45 -11.06 21.92
CA GLY E 15 20.24 -9.65 21.64
C GLY E 15 19.59 -8.87 22.80
N PRO E 16 18.96 -7.75 22.50
CA PRO E 16 18.63 -6.87 23.58
C PRO E 16 17.51 -7.46 24.50
N ASN E 17 17.70 -7.19 25.79
CA ASN E 17 16.70 -7.46 26.79
C ASN E 17 16.73 -8.92 27.25
N LEU E 18 17.48 -9.76 26.53
CA LEU E 18 17.50 -11.18 26.87
C LEU E 18 18.29 -11.46 28.16
N ASN E 19 19.14 -10.52 28.60
CA ASN E 19 19.64 -10.55 29.95
C ASN E 19 18.54 -10.78 31.02
N LEU E 20 17.36 -10.18 30.81
CA LEU E 20 16.29 -10.27 31.82
C LEU E 20 15.36 -11.45 31.69
N LEU E 21 15.72 -12.41 30.81
CA LEU E 21 14.93 -13.63 30.57
C LEU E 21 14.51 -14.31 31.86
N GLY E 22 13.24 -14.72 31.95
CA GLY E 22 12.67 -15.35 33.15
C GLY E 22 12.23 -14.41 34.27
N GLN E 23 12.59 -13.12 34.18
CA GLN E 23 12.08 -12.13 35.17
C GLN E 23 10.70 -11.58 34.91
N ARG E 24 10.00 -12.06 33.88
CA ARG E 24 8.63 -11.56 33.62
C ARG E 24 7.95 -12.07 32.34
N GLN E 25 6.61 -12.02 32.38
CA GLN E 25 5.70 -12.65 31.44
C GLN E 25 6.17 -14.03 30.98
N PRO E 26 6.11 -15.03 31.87
CA PRO E 26 6.48 -16.40 31.50
C PRO E 26 5.46 -17.11 30.61
N GLU E 27 4.22 -16.60 30.51
CA GLU E 27 3.24 -17.15 29.55
C GLU E 27 3.83 -17.10 28.15
N ILE E 28 4.57 -16.02 27.92
CA ILE E 28 5.04 -15.64 26.62
C ILE E 28 6.49 -16.05 26.35
N TYR E 29 7.38 -15.95 27.35
CA TYR E 29 8.81 -16.35 27.16
C TYR E 29 9.30 -17.48 28.06
N GLY E 30 8.45 -18.01 28.94
CA GLY E 30 8.89 -19.03 29.89
C GLY E 30 9.60 -18.47 31.11
N SER E 31 10.06 -19.34 32.01
CA SER E 31 10.60 -18.89 33.30
C SER E 31 12.03 -19.31 33.58
N ASP E 32 12.68 -19.95 32.61
CA ASP E 32 14.13 -20.04 32.62
C ASP E 32 14.80 -18.68 32.52
N THR E 33 15.99 -18.58 33.12
CA THR E 33 16.85 -17.42 32.90
C THR E 33 17.73 -17.66 31.71
N LEU E 34 18.47 -16.60 31.33
CA LEU E 34 19.40 -16.65 30.23
C LEU E 34 20.43 -17.66 30.65
N ALA E 35 20.80 -17.60 31.94
CA ALA E 35 21.75 -18.54 32.58
C ALA E 35 21.29 -19.99 32.39
N ASP E 36 20.00 -20.23 32.67
CA ASP E 36 19.37 -21.52 32.39
C ASP E 36 19.52 -21.90 30.92
N VAL E 37 19.20 -20.97 30.03
CA VAL E 37 19.36 -21.19 28.59
C VAL E 37 20.80 -21.60 28.25
N GLU E 38 21.75 -20.80 28.70
CA GLU E 38 23.18 -21.15 28.54
C GLU E 38 23.49 -22.63 28.85
N ALA E 39 23.23 -23.01 30.11
CA ALA E 39 23.27 -24.42 30.64
C ALA E 39 22.70 -25.46 29.65
N LEU E 40 21.47 -25.23 29.17
CA LEU E 40 20.89 -26.03 28.07
C LEU E 40 21.73 -26.19 26.81
N CYS E 41 22.33 -25.06 26.38
CA CYS E 41 23.17 -25.00 25.15
C CYS E 41 24.52 -25.65 25.37
N VAL E 42 25.16 -25.45 26.53
CA VAL E 42 26.39 -26.22 26.87
C VAL E 42 26.07 -27.71 26.78
N LYS E 43 25.03 -28.08 27.53
CA LYS E 43 24.43 -29.40 27.48
C LYS E 43 24.13 -29.89 26.08
N ALA E 44 23.38 -29.10 25.30
CA ALA E 44 22.94 -29.53 23.95
C ALA E 44 24.09 -29.74 22.99
N ALA E 45 25.15 -28.93 23.13
CA ALA E 45 26.30 -29.05 22.24
C ALA E 45 27.18 -30.25 22.62
N ALA E 46 27.29 -30.47 23.95
CA ALA E 46 27.97 -31.64 24.54
C ALA E 46 27.33 -32.94 24.00
N ALA E 47 25.99 -32.96 23.95
CA ALA E 47 25.30 -34.15 23.54
C ALA E 47 25.80 -34.52 22.18
N HIS E 48 26.47 -33.60 21.48
CA HIS E 48 26.71 -33.71 20.05
C HIS E 48 28.12 -33.47 19.65
N GLY E 49 29.01 -33.46 20.63
CA GLY E 49 30.44 -33.41 20.37
C GLY E 49 31.00 -32.01 20.19
N GLY E 50 30.41 -31.06 20.94
CA GLY E 50 30.64 -29.65 20.73
C GLY E 50 30.71 -28.81 21.99
N THR E 51 31.13 -27.56 21.78
CA THR E 51 31.15 -26.57 22.85
C THR E 51 30.53 -25.26 22.34
N VAL E 52 30.34 -24.31 23.24
CA VAL E 52 29.61 -23.12 22.90
C VAL E 52 30.27 -21.87 23.51
N ASP E 53 29.91 -20.69 23.01
CA ASP E 53 30.44 -19.43 23.47
C ASP E 53 29.15 -18.64 23.42
N PHE E 54 28.65 -18.36 24.59
CA PHE E 54 27.29 -17.96 24.78
C PHE E 54 27.36 -16.54 25.25
N ARG E 55 26.68 -15.64 24.53
CA ARG E 55 26.80 -14.21 24.77
C ARG E 55 25.47 -13.48 24.71
N GLN E 56 25.45 -12.33 25.37
CA GLN E 56 24.30 -11.47 25.33
C GLN E 56 24.85 -10.07 25.21
N SER E 57 24.19 -9.29 24.37
CA SER E 57 24.36 -7.88 24.40
C SER E 57 23.11 -7.19 23.90
N ASN E 58 22.81 -6.09 24.62
CA ASN E 58 22.04 -4.90 24.22
C ASN E 58 22.50 -3.99 23.07
N HIS E 59 23.73 -4.10 22.61
CA HIS E 59 24.25 -3.15 21.61
C HIS E 59 24.37 -3.75 20.25
N GLU E 60 23.64 -3.18 19.29
CA GLU E 60 23.68 -3.63 17.92
C GLU E 60 25.14 -3.82 17.44
N GLY E 61 26.00 -2.83 17.69
CA GLY E 61 27.29 -2.89 17.10
C GLY E 61 28.21 -3.91 17.69
N GLU E 62 28.01 -4.23 18.94
CA GLU E 62 28.86 -5.25 19.58
C GLU E 62 28.55 -6.68 19.14
N LEU E 63 27.26 -6.99 19.01
CA LEU E 63 26.82 -8.15 18.30
C LEU E 63 27.46 -8.28 16.91
N VAL E 64 27.54 -7.16 16.23
CA VAL E 64 28.26 -7.10 14.96
C VAL E 64 29.72 -7.48 15.19
N ASP E 65 30.34 -6.93 16.24
CA ASP E 65 31.75 -7.25 16.50
C ASP E 65 31.86 -8.77 16.72
N TRP E 66 30.96 -9.29 17.58
CA TRP E 66 30.92 -10.69 17.94
C TRP E 66 30.61 -11.61 16.72
N ILE E 67 29.74 -11.18 15.81
CA ILE E 67 29.51 -11.94 14.54
C ILE E 67 30.83 -12.05 13.72
N HIS E 68 31.55 -10.90 13.62
CA HIS E 68 32.80 -10.86 12.87
C HIS E 68 33.77 -11.79 13.50
N GLU E 69 33.92 -11.71 14.83
CA GLU E 69 34.75 -12.63 15.59
C GLU E 69 34.45 -14.14 15.31
N ALA E 70 33.16 -14.52 15.35
CA ALA E 70 32.80 -15.90 15.15
C ALA E 70 33.09 -16.29 13.70
N ARG E 71 33.23 -15.26 12.89
CA ARG E 71 33.50 -15.47 11.48
C ARG E 71 34.83 -16.23 11.35
N LEU E 72 35.74 -15.92 12.26
CA LEU E 72 37.08 -16.49 12.21
C LEU E 72 37.38 -17.51 13.31
N ASN E 73 36.52 -17.56 14.32
CA ASN E 73 36.92 -18.30 15.50
C ASN E 73 36.03 -19.50 15.90
N HIS E 74 34.78 -19.48 15.43
CA HIS E 74 33.76 -20.42 15.88
C HIS E 74 33.19 -21.31 14.79
N CYS E 75 32.51 -22.41 15.14
CA CYS E 75 32.02 -23.24 14.02
C CYS E 75 30.65 -22.82 13.41
N GLY E 76 29.99 -21.86 14.03
CA GLY E 76 28.65 -21.60 13.60
C GLY E 76 28.01 -20.69 14.58
N ILE E 77 26.85 -20.18 14.16
CA ILE E 77 26.16 -19.19 14.95
C ILE E 77 24.72 -19.59 15.16
N VAL E 78 24.33 -19.58 16.43
CA VAL E 78 22.92 -19.71 16.82
C VAL E 78 22.64 -18.33 17.37
N ILE E 79 21.57 -17.69 16.85
CA ILE E 79 21.30 -16.34 17.20
C ILE E 79 19.85 -16.13 17.41
N ASN E 80 19.60 -15.57 18.57
CA ASN E 80 18.40 -14.84 18.89
C ASN E 80 18.62 -13.30 19.02
N PRO E 81 18.32 -12.58 17.92
CA PRO E 81 18.70 -11.18 17.81
C PRO E 81 17.66 -10.27 18.52
N ALA E 82 16.76 -10.91 19.26
CA ALA E 82 15.70 -10.16 19.91
C ALA E 82 15.14 -9.05 18.98
N ALA E 83 14.83 -7.87 19.51
CA ALA E 83 14.43 -6.66 18.75
C ALA E 83 15.07 -6.30 17.41
N TYR E 84 16.36 -6.61 17.30
CA TYR E 84 17.14 -6.33 16.06
C TYR E 84 16.91 -7.33 14.99
N SER E 85 16.25 -8.42 15.33
CA SER E 85 15.67 -9.25 14.28
C SER E 85 14.88 -8.31 13.34
N HIS E 86 14.23 -7.29 13.91
CA HIS E 86 13.22 -6.60 13.13
C HIS E 86 13.81 -5.33 12.71
N THR E 87 14.95 -4.91 13.28
CA THR E 87 15.39 -3.56 12.93
C THR E 87 16.67 -3.56 12.14
N SER E 88 17.49 -4.58 12.32
CA SER E 88 18.94 -4.42 12.13
C SER E 88 19.46 -4.98 10.82
N VAL E 89 19.53 -4.13 9.79
CA VAL E 89 20.21 -4.48 8.52
C VAL E 89 21.66 -4.74 8.87
N ALA E 90 22.20 -4.01 9.85
CA ALA E 90 23.68 -4.20 10.04
C ALA E 90 24.06 -5.56 10.53
N ILE E 91 23.21 -6.14 11.40
CA ILE E 91 23.44 -7.52 11.90
C ILE E 91 23.29 -8.59 10.81
N LEU E 92 22.31 -8.37 9.90
CA LEU E 92 22.10 -9.19 8.71
C LEU E 92 23.34 -9.09 7.82
N ASP E 93 23.73 -7.84 7.49
CA ASP E 93 24.90 -7.62 6.66
C ASP E 93 26.10 -8.31 7.28
N ALA E 94 26.19 -8.24 8.61
CA ALA E 94 27.26 -8.93 9.31
C ALA E 94 27.21 -10.44 9.08
N LEU E 95 26.05 -11.07 9.20
CA LEU E 95 25.96 -12.50 9.10
C LEU E 95 26.25 -12.79 7.65
N ASN E 96 25.77 -11.91 6.80
CA ASN E 96 26.15 -12.02 5.42
C ASN E 96 27.66 -12.13 5.19
N THR E 97 28.47 -11.57 6.08
CA THR E 97 29.90 -11.65 5.75
C THR E 97 30.47 -13.04 5.90
N CYS E 98 29.66 -13.95 6.46
CA CYS E 98 30.12 -15.31 6.85
C CYS E 98 29.88 -16.33 5.80
N ASP E 99 30.54 -16.14 4.67
CA ASP E 99 30.42 -17.09 3.59
C ASP E 99 30.56 -18.49 4.14
N GLY E 100 29.53 -19.32 3.93
CA GLY E 100 29.71 -20.73 4.22
C GLY E 100 29.57 -21.16 5.67
N LEU E 101 29.20 -20.25 6.56
CA LEU E 101 29.11 -20.64 7.95
C LEU E 101 27.62 -20.91 8.34
N PRO E 102 27.34 -22.02 9.03
CA PRO E 102 25.99 -22.30 9.46
C PRO E 102 25.47 -21.23 10.44
N VAL E 103 24.32 -20.64 10.11
CA VAL E 103 23.60 -19.69 10.97
C VAL E 103 22.17 -20.18 11.15
N VAL E 104 21.74 -20.20 12.39
CA VAL E 104 20.39 -20.56 12.74
C VAL E 104 19.87 -19.40 13.59
N GLU E 105 18.72 -18.92 13.16
CA GLU E 105 18.05 -17.90 13.91
C GLU E 105 16.95 -18.56 14.72
N VAL E 106 16.84 -18.10 15.98
CA VAL E 106 15.90 -18.60 16.99
C VAL E 106 15.10 -17.50 17.71
N HIS E 107 13.75 -17.53 17.66
CA HIS E 107 13.07 -16.72 18.62
C HIS E 107 12.20 -17.65 19.49
N ILE E 108 12.16 -17.32 20.76
CA ILE E 108 11.43 -18.10 21.70
C ILE E 108 9.91 -18.00 21.46
N SER E 109 9.40 -16.77 21.29
CA SER E 109 7.96 -16.64 21.13
C SER E 109 7.74 -16.82 19.69
N ASN E 110 6.58 -17.31 19.32
CA ASN E 110 6.19 -17.37 17.94
C ASN E 110 5.81 -15.97 17.42
N ILE E 111 6.82 -15.25 16.91
CA ILE E 111 6.75 -13.84 16.53
C ILE E 111 5.63 -13.57 15.49
N HIS E 112 5.26 -14.62 14.75
CA HIS E 112 4.24 -14.51 13.71
C HIS E 112 2.89 -14.43 14.32
N GLN E 113 2.84 -14.68 15.61
CA GLN E 113 1.55 -14.60 16.31
C GLN E 113 1.44 -13.26 17.09
N ARG E 114 2.35 -12.31 16.82
CA ARG E 114 2.35 -11.12 17.64
C ARG E 114 1.98 -9.86 16.83
N GLU E 115 2.31 -8.67 17.35
CA GLU E 115 2.27 -7.43 16.52
C GLU E 115 2.83 -7.68 15.10
N PRO E 116 2.18 -7.13 14.08
CA PRO E 116 2.75 -7.11 12.75
C PRO E 116 4.23 -6.68 12.64
N PHE E 117 4.76 -5.97 13.63
CA PHE E 117 6.08 -5.42 13.38
C PHE E 117 7.16 -6.49 13.70
N ARG E 118 6.71 -7.48 14.50
CA ARG E 118 7.56 -8.61 14.88
C ARG E 118 7.47 -9.73 13.87
N HIS E 119 6.72 -9.56 12.80
CA HIS E 119 6.50 -10.62 11.82
C HIS E 119 7.67 -10.83 10.86
N HIS E 120 8.38 -9.74 10.52
CA HIS E 120 9.53 -9.71 9.62
C HIS E 120 10.91 -9.68 10.37
N SER E 121 11.89 -10.46 9.90
CA SER E 121 13.23 -10.48 10.45
C SER E 121 14.23 -10.38 9.32
N TYR E 122 15.02 -9.34 9.39
CA TYR E 122 16.13 -9.18 8.48
C TYR E 122 17.11 -10.33 8.44
N VAL E 123 17.41 -10.79 9.63
CA VAL E 123 18.17 -11.95 9.91
C VAL E 123 17.60 -13.17 9.21
N SER E 124 16.28 -13.26 8.91
CA SER E 124 15.74 -14.51 8.29
C SER E 124 16.20 -14.64 6.87
N GLN E 125 16.53 -13.50 6.30
CA GLN E 125 17.15 -13.33 5.03
C GLN E 125 18.52 -14.00 4.90
N ARG E 126 19.27 -14.10 5.97
CA ARG E 126 20.52 -14.83 5.83
C ARG E 126 20.54 -16.15 6.61
N ALA E 127 19.98 -16.16 7.82
CA ALA E 127 19.93 -17.44 8.61
C ALA E 127 19.64 -18.59 7.68
N ASP E 128 20.32 -19.70 7.88
CA ASP E 128 20.05 -20.83 7.10
C ASP E 128 18.70 -21.33 7.67
N GLY E 129 18.66 -21.56 8.95
CA GLY E 129 17.47 -22.11 9.58
C GLY E 129 16.93 -20.98 10.40
N VAL E 130 15.61 -20.99 10.57
CA VAL E 130 14.89 -20.15 11.53
C VAL E 130 13.87 -21.00 12.28
N VAL E 131 13.91 -20.85 13.61
CA VAL E 131 13.02 -21.55 14.53
C VAL E 131 12.34 -20.51 15.36
N ALA E 132 11.03 -20.60 15.50
CA ALA E 132 10.36 -19.65 16.45
C ALA E 132 9.21 -20.45 17.09
N GLY E 133 8.94 -20.17 18.35
CA GLY E 133 7.78 -20.74 19.01
C GLY E 133 8.05 -22.09 19.67
N CYS E 134 9.33 -22.51 19.72
CA CYS E 134 9.67 -23.78 20.33
C CYS E 134 10.09 -23.56 21.76
N GLY E 135 9.95 -22.31 22.24
CA GLY E 135 10.52 -21.84 23.50
C GLY E 135 12.03 -21.84 23.47
N VAL E 136 12.63 -21.99 24.64
CA VAL E 136 14.07 -22.15 24.79
C VAL E 136 14.56 -23.46 24.17
N GLN E 137 13.74 -24.51 24.12
CA GLN E 137 14.15 -25.69 23.33
C GLN E 137 14.70 -25.29 21.93
N GLY E 138 14.18 -24.21 21.36
CA GLY E 138 14.54 -23.88 19.97
C GLY E 138 16.01 -23.55 19.87
N TYR E 139 16.60 -23.04 20.97
CA TYR E 139 18.06 -22.94 21.09
C TYR E 139 18.71 -24.33 20.84
N VAL E 140 18.17 -25.35 21.53
CA VAL E 140 18.62 -26.78 21.41
C VAL E 140 18.62 -27.17 19.95
N PHE E 141 17.54 -26.89 19.22
CA PHE E 141 17.46 -27.23 17.77
C PHE E 141 18.53 -26.50 16.94
N GLY E 142 18.70 -25.21 17.22
CA GLY E 142 19.75 -24.42 16.57
C GLY E 142 21.12 -25.01 16.73
N VAL E 143 21.45 -25.41 17.96
CA VAL E 143 22.68 -26.22 18.28
C VAL E 143 22.66 -27.55 17.53
N GLU E 144 21.53 -28.28 17.61
CA GLU E 144 21.39 -29.52 16.82
C GLU E 144 21.58 -29.24 15.33
N ARG E 145 21.02 -28.13 14.82
CA ARG E 145 21.21 -27.83 13.41
C ARG E 145 22.67 -27.53 13.06
N ILE E 146 23.35 -26.76 13.90
CA ILE E 146 24.73 -26.42 13.65
C ILE E 146 25.57 -27.72 13.64
N ALA E 147 25.37 -28.60 14.63
CA ALA E 147 26.06 -29.90 14.65
C ALA E 147 25.99 -30.63 13.31
N ALA E 148 24.75 -30.84 12.82
CA ALA E 148 24.61 -31.60 11.60
C ALA E 148 25.36 -30.91 10.47
N LEU E 149 25.28 -29.58 10.43
CA LEU E 149 25.85 -28.78 9.36
C LEU E 149 27.32 -28.64 9.50
N ALA E 150 27.76 -28.35 10.73
CA ALA E 150 29.18 -28.31 11.03
C ALA E 150 29.65 -29.77 11.01
N GLY E 151 29.63 -30.45 12.16
CA GLY E 151 30.03 -31.86 12.24
C GLY E 151 29.48 -32.84 11.20
N ARG F 3 7.54 2.08 43.76
CA ARG F 3 8.31 3.18 44.32
C ARG F 3 7.69 4.54 44.00
N SER F 4 7.90 5.50 44.90
CA SER F 4 7.35 6.85 44.81
C SER F 4 8.50 7.81 44.49
N LEU F 5 8.16 9.08 44.19
CA LEU F 5 9.20 10.12 44.10
C LEU F 5 9.84 10.25 45.45
N ALA F 6 9.05 9.95 46.49
CA ALA F 6 9.52 9.99 47.87
C ALA F 6 10.74 9.10 48.03
N ASN F 7 10.59 7.81 47.72
CA ASN F 7 11.73 6.93 47.90
C ASN F 7 12.76 6.88 46.78
N ALA F 8 12.44 7.56 45.67
CA ALA F 8 13.06 7.23 44.36
C ALA F 8 13.06 8.35 43.31
N PRO F 9 14.22 8.56 42.69
CA PRO F 9 14.37 9.52 41.59
C PRO F 9 13.61 9.09 40.34
N ILE F 10 13.01 10.06 39.66
CA ILE F 10 12.44 9.86 38.34
C ILE F 10 13.59 9.89 37.33
N MET F 11 14.00 8.75 36.80
CA MET F 11 14.85 8.72 35.62
C MET F 11 14.29 9.35 34.34
N ILE F 12 15.00 10.33 33.82
CA ILE F 12 14.58 11.07 32.65
C ILE F 12 15.62 10.86 31.57
N LEU F 13 15.21 10.15 30.49
CA LEU F 13 16.16 9.63 29.54
C LEU F 13 16.09 10.39 28.26
N ASN F 14 17.26 10.74 27.74
CA ASN F 14 17.32 11.49 26.52
C ASN F 14 18.21 10.78 25.47
N GLY F 15 17.65 10.61 24.27
CA GLY F 15 18.34 10.06 23.11
C GLY F 15 19.29 10.95 22.29
N PRO F 16 19.69 10.43 21.13
CA PRO F 16 20.74 11.08 20.36
C PRO F 16 20.44 12.52 19.95
N ASN F 17 21.55 13.22 19.73
CA ASN F 17 21.61 14.60 19.36
C ASN F 17 21.07 15.59 20.44
N LEU F 18 20.48 15.10 21.54
CA LEU F 18 19.92 15.99 22.59
C LEU F 18 20.93 16.88 23.26
N ASN F 19 22.14 16.35 23.49
CA ASN F 19 23.35 17.07 23.93
C ASN F 19 23.64 18.38 23.21
N LEU F 20 23.14 18.51 21.98
CA LEU F 20 23.30 19.73 21.18
C LEU F 20 22.09 20.63 21.28
N LEU F 21 21.12 20.25 22.09
CA LEU F 21 19.86 20.98 22.18
C LEU F 21 20.13 22.47 22.46
N GLY F 22 19.41 23.30 21.70
CA GLY F 22 19.55 24.75 21.80
C GLY F 22 20.74 25.32 21.04
N GLN F 23 21.22 24.58 20.04
CA GLN F 23 22.34 25.03 19.22
C GLN F 23 22.02 24.94 17.74
N ARG F 24 21.01 25.69 17.30
CA ARG F 24 20.60 25.72 15.88
C ARG F 24 19.13 25.36 15.76
N GLN F 25 18.47 25.90 14.73
CA GLN F 25 17.05 25.60 14.48
C GLN F 25 16.14 25.94 15.66
N PRO F 26 16.36 27.07 16.35
CA PRO F 26 15.55 27.38 17.53
C PRO F 26 14.05 27.45 17.20
N GLU F 27 13.73 27.70 15.94
CA GLU F 27 12.36 27.69 15.41
C GLU F 27 11.66 26.40 15.75
N ILE F 28 12.44 25.30 15.76
CA ILE F 28 11.95 23.93 16.04
C ILE F 28 12.16 23.49 17.49
N TYR F 29 13.40 23.55 17.97
CA TYR F 29 13.69 22.97 19.30
C TYR F 29 13.99 24.03 20.34
N GLY F 30 14.31 25.24 19.91
CA GLY F 30 14.36 26.37 20.82
C GLY F 30 15.77 26.85 21.13
N SER F 31 15.88 27.55 22.24
CA SER F 31 17.14 28.14 22.64
C SER F 31 17.55 27.69 24.03
N ASP F 32 16.68 26.95 24.71
CA ASP F 32 17.00 26.31 25.99
C ASP F 32 17.98 25.18 25.69
N THR F 33 18.87 24.87 26.62
CA THR F 33 19.83 23.83 26.34
C THR F 33 19.53 22.53 27.08
N LEU F 34 20.35 21.52 26.83
CA LEU F 34 20.27 20.32 27.62
C LEU F 34 20.51 20.55 29.11
N ALA F 35 21.49 21.39 29.47
CA ALA F 35 21.63 21.70 30.88
C ALA F 35 20.33 22.37 31.36
N ASP F 36 19.94 23.42 30.66
CA ASP F 36 18.73 24.15 31.03
C ASP F 36 17.58 23.24 31.28
N VAL F 37 17.38 22.33 30.34
CA VAL F 37 16.20 21.46 30.33
C VAL F 37 16.13 20.59 31.56
N GLU F 38 17.28 20.00 31.91
CA GLU F 38 17.49 19.27 33.14
C GLU F 38 17.09 20.07 34.37
N ALA F 39 17.43 21.36 34.34
CA ALA F 39 17.25 22.25 35.45
C ALA F 39 15.79 22.64 35.59
N LEU F 40 15.06 22.67 34.47
CA LEU F 40 13.60 22.67 34.58
C LEU F 40 13.17 21.40 35.28
N CYS F 41 13.68 20.28 34.79
CA CYS F 41 13.26 19.00 35.34
C CYS F 41 13.45 19.00 36.84
N VAL F 42 14.64 19.40 37.31
CA VAL F 42 14.94 19.47 38.75
C VAL F 42 13.83 20.15 39.57
N LYS F 43 13.54 21.39 39.17
CA LYS F 43 12.55 22.32 39.72
C LYS F 43 11.13 21.75 39.60
N ALA F 44 10.89 20.96 38.56
CA ALA F 44 9.56 20.41 38.36
C ALA F 44 9.38 19.17 39.25
N ALA F 45 10.43 18.36 39.40
CA ALA F 45 10.40 17.24 40.35
C ALA F 45 10.38 17.71 41.83
N ALA F 46 11.08 18.79 42.09
CA ALA F 46 11.07 19.44 43.41
C ALA F 46 9.65 19.78 43.87
N ALA F 47 8.93 20.43 42.95
CA ALA F 47 7.62 21.01 43.19
C ALA F 47 6.59 19.94 43.47
N HIS F 48 6.95 18.70 43.13
CA HIS F 48 6.07 17.56 43.38
C HIS F 48 6.64 16.47 44.34
N GLY F 49 7.49 16.91 45.26
CA GLY F 49 8.13 16.04 46.25
C GLY F 49 9.13 15.00 45.75
N GLY F 50 9.93 15.35 44.74
CA GLY F 50 10.79 14.36 44.04
C GLY F 50 12.12 14.81 43.48
N THR F 51 12.94 13.83 43.06
CA THR F 51 14.27 14.02 42.41
C THR F 51 14.24 13.42 41.01
N VAL F 52 15.19 13.86 40.18
CA VAL F 52 15.42 13.33 38.85
C VAL F 52 16.77 12.61 38.67
N ASP F 53 16.86 11.74 37.69
CA ASP F 53 18.12 11.08 37.31
C ASP F 53 18.15 11.29 35.78
N PHE F 54 18.73 12.42 35.40
CA PHE F 54 18.60 13.03 34.08
C PHE F 54 19.84 12.77 33.24
N ARG F 55 19.64 12.08 32.12
CA ARG F 55 20.77 11.55 31.38
C ARG F 55 20.53 11.70 29.88
N GLN F 56 21.62 11.75 29.09
CA GLN F 56 21.53 11.68 27.63
C GLN F 56 22.46 10.63 26.99
N SER F 57 22.10 10.11 25.82
CA SER F 57 22.98 9.16 25.13
C SER F 57 22.64 9.09 23.68
N ASN F 58 23.72 8.88 22.91
CA ASN F 58 23.57 8.62 21.52
C ASN F 58 23.49 7.09 21.24
N HIS F 59 23.73 6.31 22.28
CA HIS F 59 23.78 4.86 22.13
C HIS F 59 22.47 4.19 22.51
N GLU F 60 21.90 3.43 21.57
CA GLU F 60 20.60 2.75 21.73
C GLU F 60 20.66 1.69 22.77
N GLY F 61 21.73 0.90 22.72
CA GLY F 61 22.05 -0.06 23.75
C GLY F 61 22.26 0.47 25.18
N GLU F 62 22.76 1.66 25.32
CA GLU F 62 22.97 2.25 26.64
C GLU F 62 21.70 2.85 27.17
N LEU F 63 20.82 3.36 26.30
CA LEU F 63 19.50 3.78 26.76
C LEU F 63 18.75 2.57 27.29
N VAL F 64 18.80 1.48 26.51
CA VAL F 64 18.35 0.19 27.02
C VAL F 64 18.93 -0.17 28.40
N ASP F 65 20.25 -0.29 28.50
CA ASP F 65 20.93 -0.51 29.79
C ASP F 65 20.37 0.39 30.83
N TRP F 66 20.16 1.67 30.51
CA TRP F 66 19.54 2.62 31.45
C TRP F 66 18.06 2.37 31.74
N ILE F 67 17.31 1.81 30.81
CA ILE F 67 15.91 1.57 31.14
C ILE F 67 15.79 0.43 32.14
N HIS F 68 16.75 -0.49 32.05
CA HIS F 68 16.89 -1.60 33.04
C HIS F 68 17.26 -1.21 34.54
N GLU F 69 18.31 -0.42 34.71
CA GLU F 69 18.52 0.36 35.96
C GLU F 69 17.24 0.89 36.64
N ALA F 70 16.65 1.91 36.03
CA ALA F 70 15.38 2.49 36.49
C ALA F 70 14.34 1.43 36.86
N ARG F 71 14.30 0.37 36.06
CA ARG F 71 13.35 -0.73 36.25
C ARG F 71 13.36 -1.23 37.68
N LEU F 72 14.54 -1.21 38.29
CA LEU F 72 14.75 -1.69 39.65
C LEU F 72 14.97 -0.58 40.68
N ASN F 73 15.23 0.64 40.23
CA ASN F 73 15.73 1.63 41.15
C ASN F 73 15.02 2.96 41.04
N HIS F 74 14.18 3.11 40.04
CA HIS F 74 13.49 4.39 39.93
C HIS F 74 11.98 4.25 40.02
N CYS F 75 11.29 5.34 40.36
CA CYS F 75 9.85 5.34 40.47
C CYS F 75 9.17 5.56 39.13
N GLY F 76 9.87 6.16 38.17
CA GLY F 76 9.29 6.36 36.81
C GLY F 76 10.31 6.68 35.72
N ILE F 77 9.88 6.72 34.46
CA ILE F 77 10.69 7.14 33.31
C ILE F 77 9.97 8.22 32.52
N VAL F 78 10.65 9.33 32.34
CA VAL F 78 10.22 10.29 31.38
C VAL F 78 11.22 10.14 30.28
N ILE F 79 10.77 9.84 29.03
CA ILE F 79 11.74 9.70 27.89
C ILE F 79 11.49 10.48 26.62
N ASN F 80 12.49 11.25 26.21
CA ASN F 80 12.57 11.77 24.88
C ASN F 80 13.61 10.92 24.13
N PRO F 81 13.11 9.91 23.40
CA PRO F 81 13.96 8.94 22.69
C PRO F 81 14.60 9.54 21.45
N ALA F 82 14.26 10.77 21.14
CA ALA F 82 14.67 11.44 19.91
C ALA F 82 14.45 10.52 18.67
N ALA F 83 15.50 10.34 17.86
CA ALA F 83 15.45 9.48 16.63
C ALA F 83 15.09 8.01 16.88
N TYR F 84 15.55 7.45 18.00
CA TYR F 84 15.27 6.07 18.39
C TYR F 84 13.79 5.82 18.63
N SER F 85 13.05 6.90 18.82
CA SER F 85 11.60 6.77 18.94
C SER F 85 11.02 6.22 17.63
N HIS F 86 11.70 6.46 16.52
CA HIS F 86 11.18 5.98 15.23
C HIS F 86 11.82 4.68 14.71
N THR F 87 12.81 4.12 15.40
CA THR F 87 13.60 3.09 14.76
C THR F 87 13.79 1.98 15.69
N SER F 88 13.52 2.24 16.97
CA SER F 88 14.08 1.39 18.02
C SER F 88 13.14 0.39 18.69
N VAL F 89 13.06 -0.84 18.15
CA VAL F 89 12.34 -1.88 18.85
C VAL F 89 12.99 -2.26 20.17
N ALA F 90 14.33 -2.14 20.26
CA ALA F 90 15.08 -2.45 21.50
C ALA F 90 14.47 -1.69 22.70
N ILE F 91 14.35 -0.38 22.56
CA ILE F 91 13.90 0.54 23.67
C ILE F 91 12.51 0.23 24.07
N LEU F 92 11.59 0.15 23.12
CA LEU F 92 10.21 -0.31 23.45
C LEU F 92 10.19 -1.61 24.25
N ASP F 93 10.92 -2.65 23.78
CA ASP F 93 11.03 -3.90 24.51
C ASP F 93 11.70 -3.69 25.83
N ALA F 94 12.65 -2.78 25.90
CA ALA F 94 13.10 -2.38 27.24
C ALA F 94 11.87 -1.89 28.05
N LEU F 95 11.06 -1.00 27.50
CA LEU F 95 10.11 -0.30 28.31
C LEU F 95 9.11 -1.30 28.76
N ASN F 96 8.89 -2.32 27.92
CA ASN F 96 7.93 -3.40 28.19
C ASN F 96 8.48 -4.32 29.27
N THR F 97 9.79 -4.38 29.48
CA THR F 97 10.20 -5.10 30.68
C THR F 97 9.84 -4.30 31.89
N CYS F 98 9.42 -3.05 31.72
CA CYS F 98 9.19 -2.22 32.94
C CYS F 98 7.77 -2.34 33.54
N ASP F 99 7.30 -3.56 33.80
CA ASP F 99 5.92 -3.79 34.34
C ASP F 99 5.47 -3.04 35.61
N GLY F 100 4.41 -2.24 35.49
CA GLY F 100 3.86 -1.49 36.63
C GLY F 100 4.70 -0.29 36.96
N LEU F 101 5.49 0.15 36.00
CA LEU F 101 6.26 1.35 36.15
C LEU F 101 5.62 2.29 35.18
N PRO F 102 5.37 3.53 35.63
CA PRO F 102 4.86 4.57 34.74
C PRO F 102 5.96 5.09 33.77
N VAL F 103 5.57 5.30 32.52
CA VAL F 103 6.48 5.76 31.47
C VAL F 103 5.81 6.84 30.67
N VAL F 104 6.52 7.97 30.52
CA VAL F 104 5.94 9.08 29.76
C VAL F 104 6.89 9.57 28.66
N GLU F 105 6.42 9.44 27.42
CA GLU F 105 7.24 9.83 26.28
C GLU F 105 7.04 11.31 25.92
N VAL F 106 8.17 11.98 25.64
CA VAL F 106 8.14 13.42 25.34
C VAL F 106 8.78 13.72 24.01
N HIS F 107 8.14 14.62 23.31
CA HIS F 107 8.76 15.17 22.13
C HIS F 107 8.75 16.68 22.24
N ILE F 108 9.85 17.31 21.90
CA ILE F 108 9.90 18.75 21.92
C ILE F 108 8.98 19.34 20.83
N SER F 109 9.19 18.88 19.59
CA SER F 109 8.38 19.28 18.45
C SER F 109 7.09 18.52 18.37
N ASN F 110 6.12 19.10 17.68
CA ASN F 110 5.04 18.29 17.23
C ASN F 110 5.54 17.37 16.07
N ILE F 111 5.80 16.11 16.39
CA ILE F 111 6.30 15.15 15.38
C ILE F 111 5.23 14.87 14.29
N HIS F 112 3.96 15.19 14.60
CA HIS F 112 2.88 14.93 13.67
C HIS F 112 2.78 16.02 12.63
N GLN F 113 3.63 17.05 12.79
CA GLN F 113 3.72 18.20 11.87
C GLN F 113 5.00 18.10 11.02
N ARG F 114 5.67 16.96 11.07
CA ARG F 114 7.04 16.91 10.49
C ARG F 114 7.15 15.93 9.33
N GLU F 115 8.34 15.33 9.11
CA GLU F 115 8.49 14.33 8.03
C GLU F 115 7.63 13.15 8.40
N PRO F 116 6.98 12.55 7.39
CA PRO F 116 6.06 11.45 7.62
C PRO F 116 6.63 10.28 8.40
N PHE F 117 7.90 9.96 8.23
CA PHE F 117 8.62 8.92 9.03
C PHE F 117 8.75 9.24 10.56
N ARG F 118 8.67 10.51 10.90
CA ARG F 118 8.69 10.92 12.30
C ARG F 118 7.36 10.76 12.97
N HIS F 119 6.30 10.47 12.22
CA HIS F 119 4.93 10.41 12.74
C HIS F 119 4.68 9.19 13.59
N HIS F 120 5.45 8.13 13.35
CA HIS F 120 5.31 6.91 14.13
C HIS F 120 6.42 6.77 15.16
N SER F 121 5.98 6.39 16.36
CA SER F 121 6.82 6.01 17.44
C SER F 121 6.57 4.60 17.94
N TYR F 122 7.67 3.84 18.03
CA TYR F 122 7.62 2.59 18.82
C TYR F 122 7.35 2.79 20.29
N VAL F 123 7.98 3.80 20.89
CA VAL F 123 7.83 3.96 22.34
C VAL F 123 6.37 4.18 22.75
N SER F 124 5.60 4.75 21.82
CA SER F 124 4.20 5.10 22.05
C SER F 124 3.31 3.89 22.25
N GLN F 125 3.78 2.70 21.90
CA GLN F 125 3.05 1.45 22.17
C GLN F 125 3.19 1.05 23.60
N ARG F 126 4.15 1.62 24.33
CA ARG F 126 4.25 1.31 25.75
C ARG F 126 4.01 2.56 26.60
N ALA F 127 4.60 3.68 26.21
CA ALA F 127 4.49 4.88 27.04
C ALA F 127 3.07 5.09 27.45
N ASP F 128 2.84 5.25 28.75
CA ASP F 128 1.47 5.38 29.29
C ASP F 128 0.89 6.60 28.64
N GLY F 129 1.73 7.64 28.63
CA GLY F 129 1.45 8.94 28.01
C GLY F 129 2.54 9.43 27.08
N VAL F 130 2.23 10.43 26.28
CA VAL F 130 3.05 10.96 25.19
C VAL F 130 2.77 12.43 25.11
N VAL F 131 3.84 13.22 25.12
CA VAL F 131 3.69 14.63 24.91
C VAL F 131 4.52 15.06 23.76
N ALA F 132 3.99 16.01 22.98
CA ALA F 132 4.61 16.40 21.77
C ALA F 132 4.22 17.79 21.41
N GLY F 133 5.24 18.61 21.14
CA GLY F 133 5.10 19.94 20.60
C GLY F 133 4.60 20.96 21.62
N CYS F 134 4.96 20.68 22.87
CA CYS F 134 4.81 21.56 24.01
C CYS F 134 6.16 22.10 24.40
N GLY F 135 7.15 21.93 23.51
CA GLY F 135 8.53 22.24 23.86
C GLY F 135 9.01 21.53 25.12
N VAL F 136 10.05 22.08 25.74
CA VAL F 136 10.58 21.50 26.97
C VAL F 136 9.60 21.59 28.15
N GLN F 137 8.62 22.48 28.03
CA GLN F 137 7.53 22.41 28.98
C GLN F 137 7.13 20.93 29.01
N GLY F 138 7.04 20.27 27.85
CA GLY F 138 6.56 18.89 27.77
C GLY F 138 7.27 17.97 28.72
N TYR F 139 8.54 18.24 28.98
CA TYR F 139 9.27 17.48 29.97
C TYR F 139 8.61 17.64 31.35
N VAL F 140 8.03 18.81 31.57
CA VAL F 140 7.46 19.27 32.87
C VAL F 140 6.16 18.52 33.05
N PHE F 141 5.36 18.53 31.98
CA PHE F 141 4.20 17.66 31.90
C PHE F 141 4.57 16.23 32.24
N GLY F 142 5.63 15.70 31.64
CA GLY F 142 6.09 14.32 31.93
C GLY F 142 6.38 13.98 33.38
N VAL F 143 7.06 14.91 34.07
CA VAL F 143 7.29 14.80 35.49
C VAL F 143 5.97 14.99 36.29
N GLU F 144 5.13 15.90 35.85
CA GLU F 144 3.86 16.09 36.50
C GLU F 144 3.03 14.81 36.43
N ARG F 145 3.08 14.16 35.29
CA ARG F 145 2.36 12.89 35.14
C ARG F 145 2.98 11.76 35.97
N ILE F 146 4.30 11.65 35.90
CA ILE F 146 4.99 10.67 36.74
C ILE F 146 4.64 10.92 38.22
N ALA F 147 4.81 12.16 38.68
CA ALA F 147 4.52 12.47 40.09
C ALA F 147 3.12 12.03 40.44
N ALA F 148 2.17 12.32 39.56
CA ALA F 148 0.77 11.90 39.76
C ALA F 148 0.63 10.39 39.92
N LEU F 149 1.18 9.64 38.99
CA LEU F 149 0.90 8.23 38.92
C LEU F 149 1.56 7.53 40.06
N ALA F 150 2.69 8.07 40.49
CA ALA F 150 3.46 7.41 41.53
C ALA F 150 2.81 7.76 42.85
N GLY F 151 1.89 8.74 42.81
CA GLY F 151 1.08 9.14 43.95
C GLY F 151 -0.37 8.78 43.75
N ARG G 3 -36.19 22.17 -13.93
CA ARG G 3 -36.00 23.63 -13.95
C ARG G 3 -34.99 24.08 -15.03
N SER G 4 -35.14 25.29 -15.58
CA SER G 4 -34.13 25.91 -16.50
C SER G 4 -33.60 27.17 -15.83
N LEU G 5 -32.71 27.93 -16.50
CA LEU G 5 -32.24 29.19 -15.86
C LEU G 5 -33.31 30.25 -15.52
N ALA G 6 -34.14 30.61 -16.48
CA ALA G 6 -35.03 31.75 -16.31
C ALA G 6 -36.10 31.51 -15.23
N ASN G 7 -36.39 30.20 -15.03
CA ASN G 7 -37.47 29.67 -14.18
C ASN G 7 -37.14 29.36 -12.72
N ALA G 8 -35.87 29.23 -12.36
CA ALA G 8 -35.45 28.91 -10.98
C ALA G 8 -33.99 29.30 -10.71
N PRO G 9 -33.58 29.36 -9.46
CA PRO G 9 -32.25 29.82 -9.11
C PRO G 9 -31.26 28.67 -9.23
N ILE G 10 -30.00 29.00 -9.45
CA ILE G 10 -28.86 28.11 -9.23
C ILE G 10 -28.56 28.12 -7.75
N MET G 11 -28.46 26.91 -7.16
CA MET G 11 -28.13 26.81 -5.77
C MET G 11 -26.62 26.95 -5.66
N ILE G 12 -26.17 27.87 -4.83
CA ILE G 12 -24.75 27.91 -4.55
C ILE G 12 -24.44 27.68 -3.14
N LEU G 13 -23.75 26.55 -2.94
CA LEU G 13 -23.38 26.04 -1.63
C LEU G 13 -21.90 26.09 -1.19
N ASN G 14 -21.67 26.61 0.01
CA ASN G 14 -20.33 26.62 0.58
C ASN G 14 -20.25 25.86 1.83
N GLY G 15 -19.21 25.03 1.93
CA GLY G 15 -19.00 24.24 3.12
C GLY G 15 -18.28 24.99 4.22
N PRO G 16 -17.67 24.23 5.09
CA PRO G 16 -17.17 24.78 6.35
C PRO G 16 -16.09 25.85 6.19
N ASN G 17 -16.01 26.72 7.20
CA ASN G 17 -15.08 27.82 7.30
C ASN G 17 -15.07 28.91 6.26
N LEU G 18 -15.74 28.75 5.13
CA LEU G 18 -15.72 29.73 4.02
C LEU G 18 -16.41 31.06 4.41
N ASN G 19 -17.31 31.00 5.39
CA ASN G 19 -17.90 32.25 5.96
C ASN G 19 -16.80 33.29 6.20
N LEU G 20 -15.63 32.75 6.50
CA LEU G 20 -14.47 33.44 7.07
C LEU G 20 -13.44 33.91 6.03
N LEU G 21 -13.64 33.44 4.79
CA LEU G 21 -12.75 33.73 3.65
C LEU G 21 -12.54 35.24 3.39
N GLY G 22 -11.30 35.53 3.03
CA GLY G 22 -10.83 36.89 2.90
C GLY G 22 -9.99 37.31 4.09
N GLN G 23 -10.26 36.75 5.28
CA GLN G 23 -9.60 37.24 6.52
C GLN G 23 -8.18 36.71 6.80
N ARG G 24 -7.58 35.95 5.87
CA ARG G 24 -6.21 35.44 6.06
C ARG G 24 -5.75 34.49 4.92
N GLN G 25 -4.44 34.23 4.85
CA GLN G 25 -3.87 33.31 3.85
C GLN G 25 -4.34 33.63 2.41
N PRO G 26 -4.40 34.91 2.02
CA PRO G 26 -5.16 35.28 0.83
C PRO G 26 -4.44 34.81 -0.41
N GLU G 27 -3.14 34.53 -0.26
CA GLU G 27 -2.31 34.12 -1.38
C GLU G 27 -2.67 32.69 -1.73
N ILE G 28 -3.33 31.99 -0.79
CA ILE G 28 -4.03 30.74 -1.13
C ILE G 28 -5.47 31.01 -1.53
N TYR G 29 -6.16 31.90 -0.82
CA TYR G 29 -7.61 32.03 -1.03
C TYR G 29 -8.13 33.21 -1.78
N GLY G 30 -7.26 34.21 -1.98
CA GLY G 30 -7.70 35.50 -2.49
C GLY G 30 -8.03 36.38 -1.29
N SER G 31 -8.60 37.55 -1.58
CA SER G 31 -8.87 38.59 -0.58
C SER G 31 -10.35 39.00 -0.60
N ASP G 32 -11.12 38.30 -1.42
CA ASP G 32 -12.57 38.41 -1.52
C ASP G 32 -13.23 37.84 -0.29
N THR G 33 -14.26 38.49 0.20
CA THR G 33 -15.01 37.93 1.31
C THR G 33 -15.89 36.84 0.74
N LEU G 34 -16.67 36.16 1.61
CA LEU G 34 -17.65 35.22 1.11
C LEU G 34 -18.70 36.10 0.40
N ALA G 35 -18.93 37.29 0.97
CA ALA G 35 -19.78 38.34 0.40
C ALA G 35 -19.40 38.85 -0.96
N ASP G 36 -18.10 38.95 -1.26
CA ASP G 36 -17.74 39.31 -2.62
C ASP G 36 -18.03 38.10 -3.48
N VAL G 37 -17.85 36.89 -2.95
CA VAL G 37 -18.13 35.72 -3.80
C VAL G 37 -19.59 35.65 -4.20
N GLU G 38 -20.49 35.78 -3.22
CA GLU G 38 -21.89 35.83 -3.51
C GLU G 38 -22.17 36.88 -4.60
N ALA G 39 -21.51 38.03 -4.48
CA ALA G 39 -21.72 39.15 -5.38
C ALA G 39 -21.40 38.80 -6.81
N LEU G 40 -20.24 38.19 -6.99
CA LEU G 40 -19.70 37.75 -8.29
C LEU G 40 -20.69 36.79 -8.93
N CYS G 41 -21.46 36.11 -8.06
CA CYS G 41 -22.31 35.00 -8.43
C CYS G 41 -23.61 35.57 -8.93
N VAL G 42 -24.15 36.52 -8.14
CA VAL G 42 -25.31 37.30 -8.58
C VAL G 42 -25.02 37.87 -9.94
N LYS G 43 -23.82 38.43 -10.08
CA LYS G 43 -23.41 38.96 -11.37
C LYS G 43 -23.43 37.94 -12.50
N ALA G 44 -22.78 36.80 -12.29
CA ALA G 44 -22.61 35.79 -13.34
C ALA G 44 -23.91 35.17 -13.82
N ALA G 45 -24.78 34.84 -12.85
CA ALA G 45 -26.12 34.28 -13.15
C ALA G 45 -26.93 35.33 -13.94
N ALA G 46 -26.97 36.56 -13.41
CA ALA G 46 -27.53 37.71 -14.12
C ALA G 46 -27.17 37.76 -15.62
N ALA G 47 -25.88 37.68 -15.96
CA ALA G 47 -25.51 37.88 -17.37
C ALA G 47 -26.15 36.86 -18.29
N HIS G 48 -26.65 35.79 -17.70
CA HIS G 48 -27.16 34.66 -18.47
C HIS G 48 -28.66 34.53 -18.21
N GLY G 49 -29.24 35.62 -17.67
CA GLY G 49 -30.68 35.68 -17.32
C GLY G 49 -31.17 34.81 -16.14
N GLY G 50 -30.27 34.49 -15.21
CA GLY G 50 -30.64 33.73 -14.06
C GLY G 50 -30.44 34.52 -12.80
N THR G 51 -30.88 33.92 -11.67
CA THR G 51 -30.53 34.30 -10.29
C THR G 51 -29.83 33.13 -9.52
N VAL G 52 -29.41 33.39 -8.29
CA VAL G 52 -28.77 32.42 -7.42
C VAL G 52 -29.38 32.39 -5.99
N ASP G 53 -29.43 31.15 -5.49
CA ASP G 53 -29.74 30.89 -4.09
C ASP G 53 -28.44 30.50 -3.35
N PHE G 54 -27.77 31.52 -2.80
CA PHE G 54 -26.41 31.41 -2.25
C PHE G 54 -26.26 31.25 -0.72
N ARG G 55 -25.76 30.07 -0.30
CA ARG G 55 -25.65 29.70 1.11
C ARG G 55 -24.31 29.08 1.49
N GLN G 56 -23.99 29.27 2.78
CA GLN G 56 -22.86 28.66 3.46
C GLN G 56 -23.30 27.87 4.69
N SER G 57 -22.56 26.80 5.01
CA SER G 57 -22.86 26.10 6.23
C SER G 57 -21.69 25.35 6.70
N ASN G 58 -21.52 25.32 8.01
CA ASN G 58 -20.44 24.50 8.58
C ASN G 58 -20.82 23.07 8.87
N HIS G 59 -22.10 22.76 8.63
CA HIS G 59 -22.68 21.44 9.00
C HIS G 59 -22.96 20.63 7.80
N GLU G 60 -22.48 19.39 7.83
CA GLU G 60 -22.65 18.42 6.73
C GLU G 60 -24.14 18.09 6.48
N GLY G 61 -24.91 17.87 7.55
CA GLY G 61 -26.34 17.45 7.41
C GLY G 61 -27.12 18.60 6.79
N GLU G 62 -26.66 19.80 7.05
CA GLU G 62 -27.31 20.98 6.63
C GLU G 62 -27.08 21.14 5.20
N LEU G 63 -25.86 20.89 4.75
CA LEU G 63 -25.58 20.75 3.31
C LEU G 63 -26.43 19.62 2.58
N VAL G 64 -26.45 18.40 3.08
CA VAL G 64 -27.32 17.36 2.48
C VAL G 64 -28.79 17.89 2.42
N ASP G 65 -29.23 18.52 3.50
CA ASP G 65 -30.55 19.12 3.56
C ASP G 65 -30.71 20.07 2.40
N TRP G 66 -29.75 21.01 2.25
CA TRP G 66 -29.85 21.94 1.17
C TRP G 66 -29.86 21.31 -0.18
N ILE G 67 -29.19 20.19 -0.34
CA ILE G 67 -29.11 19.50 -1.62
C ILE G 67 -30.46 18.81 -1.88
N HIS G 68 -31.10 18.27 -0.84
CA HIS G 68 -32.46 17.77 -1.06
C HIS G 68 -33.33 18.90 -1.67
N GLU G 69 -33.31 20.08 -1.02
CA GLU G 69 -34.02 21.27 -1.52
C GLU G 69 -33.80 21.61 -2.98
N ALA G 70 -32.52 21.67 -3.36
CA ALA G 70 -32.10 22.03 -4.71
C ALA G 70 -32.68 21.05 -5.65
N ARG G 71 -32.55 19.77 -5.32
CA ARG G 71 -33.17 18.70 -6.13
C ARG G 71 -34.56 19.02 -6.55
N LEU G 72 -35.32 19.67 -5.64
CA LEU G 72 -36.67 19.99 -5.93
C LEU G 72 -36.86 21.34 -6.61
N ASN G 73 -36.16 22.35 -6.12
CA ASN G 73 -36.56 23.70 -6.31
C ASN G 73 -35.63 24.51 -7.18
N HIS G 74 -34.62 23.91 -7.79
CA HIS G 74 -33.58 24.75 -8.37
C HIS G 74 -33.05 24.23 -9.67
N CYS G 75 -32.28 25.03 -10.41
CA CYS G 75 -31.91 24.60 -11.76
C CYS G 75 -30.55 23.87 -11.83
N GLY G 76 -29.70 24.07 -10.82
CA GLY G 76 -28.47 23.34 -10.71
C GLY G 76 -27.80 23.68 -9.41
N ILE G 77 -26.58 23.15 -9.21
CA ILE G 77 -25.81 23.42 -7.98
C ILE G 77 -24.40 23.76 -8.37
N VAL G 78 -23.85 24.77 -7.69
CA VAL G 78 -22.45 25.02 -7.82
C VAL G 78 -22.09 24.87 -6.39
N ILE G 79 -21.05 24.06 -6.09
CA ILE G 79 -20.69 23.76 -4.72
C ILE G 79 -19.21 23.82 -4.38
N ASN G 80 -18.90 24.57 -3.33
CA ASN G 80 -17.60 24.37 -2.72
C ASN G 80 -17.79 23.75 -1.36
N PRO G 81 -17.40 22.48 -1.27
CA PRO G 81 -17.71 21.65 -0.13
C PRO G 81 -16.70 21.93 0.89
N ALA G 82 -15.67 22.65 0.46
CA ALA G 82 -14.64 23.06 1.39
C ALA G 82 -14.17 21.73 1.98
N ALA G 83 -14.08 21.60 3.26
CA ALA G 83 -13.45 20.32 3.71
C ALA G 83 -14.33 18.95 3.66
N TYR G 84 -15.58 19.01 3.26
CA TYR G 84 -16.39 17.75 3.18
C TYR G 84 -16.11 17.03 1.85
N SER G 85 -15.43 17.76 0.96
CA SER G 85 -14.99 17.29 -0.35
C SER G 85 -14.37 16.00 -0.01
N HIS G 86 -13.75 16.03 1.18
CA HIS G 86 -12.80 15.00 1.45
C HIS G 86 -13.28 13.89 2.35
N THR G 87 -14.37 14.14 3.09
CA THR G 87 -14.74 13.28 4.19
C THR G 87 -16.17 12.82 4.04
N SER G 88 -16.89 13.52 3.17
CA SER G 88 -18.40 13.39 2.98
C SER G 88 -18.92 12.51 1.84
N VAL G 89 -18.93 11.21 2.04
CA VAL G 89 -19.82 10.37 1.25
C VAL G 89 -21.33 10.84 1.34
N ALA G 90 -21.71 11.38 2.51
CA ALA G 90 -23.07 11.93 2.75
C ALA G 90 -23.47 12.96 1.68
N ILE G 91 -22.61 13.98 1.52
CA ILE G 91 -22.72 14.93 0.43
C ILE G 91 -22.79 14.33 -0.97
N LEU G 92 -21.80 13.50 -1.27
CA LEU G 92 -21.76 12.73 -2.55
C LEU G 92 -23.07 12.10 -2.81
N ASP G 93 -23.50 11.31 -1.82
CA ASP G 93 -24.71 10.55 -1.89
C ASP G 93 -25.87 11.45 -2.14
N ALA G 94 -25.91 12.59 -1.46
CA ALA G 94 -27.00 13.55 -1.62
C ALA G 94 -27.07 14.09 -3.03
N LEU G 95 -25.91 14.35 -3.62
CA LEU G 95 -25.94 14.86 -4.99
C LEU G 95 -26.22 13.75 -5.99
N ASN G 96 -25.83 12.52 -5.65
CA ASN G 96 -26.14 11.28 -6.42
C ASN G 96 -27.65 11.16 -6.65
N THR G 97 -28.43 11.61 -5.66
CA THR G 97 -29.92 11.55 -5.67
C THR G 97 -30.51 12.59 -6.61
N CYS G 98 -29.64 13.38 -7.26
CA CYS G 98 -30.04 14.49 -8.12
C CYS G 98 -30.02 14.19 -9.64
N ASP G 99 -30.72 13.12 -10.03
CA ASP G 99 -31.02 12.75 -11.40
C ASP G 99 -31.06 13.96 -12.35
N GLY G 100 -30.10 14.02 -13.29
CA GLY G 100 -30.08 15.10 -14.28
C GLY G 100 -30.20 16.52 -13.73
N LEU G 101 -29.62 16.76 -12.55
CA LEU G 101 -29.41 18.12 -12.09
C LEU G 101 -27.95 18.42 -12.39
N PRO G 102 -27.68 19.47 -13.17
CA PRO G 102 -26.33 19.88 -13.45
C PRO G 102 -25.70 20.29 -12.16
N VAL G 103 -24.54 19.69 -11.89
CA VAL G 103 -23.77 19.98 -10.68
C VAL G 103 -22.30 20.27 -11.07
N VAL G 104 -21.78 21.39 -10.56
CA VAL G 104 -20.36 21.72 -10.66
C VAL G 104 -19.69 21.92 -9.32
N GLU G 105 -18.57 21.22 -9.15
CA GLU G 105 -17.78 21.31 -7.98
C GLU G 105 -16.72 22.35 -8.20
N VAL G 106 -16.53 23.24 -7.21
CA VAL G 106 -15.67 24.38 -7.38
C VAL G 106 -14.65 24.46 -6.22
N HIS G 107 -13.36 24.67 -6.54
CA HIS G 107 -12.30 24.95 -5.53
C HIS G 107 -11.49 26.19 -5.79
N ILE G 108 -11.48 27.11 -4.84
CA ILE G 108 -10.64 28.30 -4.98
C ILE G 108 -9.17 27.94 -5.18
N SER G 109 -8.61 27.08 -4.31
CA SER G 109 -7.24 26.54 -4.50
C SER G 109 -7.13 25.27 -5.38
N ASN G 110 -5.94 25.03 -5.90
CA ASN G 110 -5.68 23.80 -6.60
C ASN G 110 -5.26 22.83 -5.51
N ILE G 111 -6.23 22.11 -5.00
CA ILE G 111 -6.03 21.08 -3.96
C ILE G 111 -4.98 19.98 -4.27
N HIS G 112 -4.74 19.73 -5.56
CA HIS G 112 -3.74 18.76 -6.13
C HIS G 112 -2.29 19.19 -5.89
N GLN G 113 -2.11 20.42 -5.41
CA GLN G 113 -0.79 20.91 -5.05
C GLN G 113 -0.68 21.04 -3.52
N ARG G 114 -1.77 20.71 -2.83
CA ARG G 114 -1.76 20.85 -1.39
C ARG G 114 -1.50 19.49 -0.76
N GLU G 115 -1.71 19.42 0.56
CA GLU G 115 -1.68 18.20 1.37
C GLU G 115 -2.19 17.00 0.61
N PRO G 116 -1.46 15.90 0.66
CA PRO G 116 -1.90 14.67 0.02
C PRO G 116 -3.35 14.32 0.33
N PHE G 117 -3.83 14.61 1.53
CA PHE G 117 -5.24 14.27 1.89
C PHE G 117 -6.34 15.14 1.18
N ARG G 118 -5.94 16.27 0.59
CA ARG G 118 -6.88 17.13 -0.05
C ARG G 118 -6.94 16.78 -1.52
N HIS G 119 -5.96 16.02 -1.98
CA HIS G 119 -5.95 15.61 -3.37
C HIS G 119 -7.28 15.01 -3.85
N HIS G 120 -7.95 14.24 -2.98
CA HIS G 120 -9.14 13.47 -3.34
C HIS G 120 -10.42 14.19 -2.86
N SER G 121 -11.43 14.17 -3.73
CA SER G 121 -12.74 14.60 -3.39
C SER G 121 -13.82 13.58 -3.64
N TYR G 122 -14.71 13.40 -2.66
CA TYR G 122 -15.89 12.54 -2.93
C TYR G 122 -16.82 13.14 -3.95
N VAL G 123 -16.97 14.45 -3.88
CA VAL G 123 -17.97 15.12 -4.67
C VAL G 123 -17.66 15.01 -6.14
N SER G 124 -16.38 14.82 -6.49
CA SER G 124 -15.91 14.69 -7.89
C SER G 124 -16.42 13.44 -8.61
N GLN G 125 -16.70 12.38 -7.86
CA GLN G 125 -17.42 11.20 -8.37
C GLN G 125 -18.87 11.43 -8.93
N ARG G 126 -19.59 12.44 -8.45
CA ARG G 126 -20.94 12.77 -9.04
C ARG G 126 -20.84 14.06 -9.86
N ALA G 127 -20.17 15.06 -9.29
CA ALA G 127 -20.20 16.37 -9.86
C ALA G 127 -19.89 16.21 -11.30
N ASP G 128 -20.61 16.98 -12.12
CA ASP G 128 -20.49 16.90 -13.54
C ASP G 128 -19.15 17.52 -13.97
N GLY G 129 -18.84 18.69 -13.40
CA GLY G 129 -17.61 19.40 -13.71
C GLY G 129 -17.02 19.83 -12.40
N VAL G 130 -15.71 20.09 -12.41
CA VAL G 130 -14.88 20.40 -11.24
C VAL G 130 -13.87 21.43 -11.75
N VAL G 131 -13.94 22.60 -11.13
CA VAL G 131 -12.95 23.62 -11.33
C VAL G 131 -12.10 23.68 -10.04
N ALA G 132 -10.77 23.70 -10.24
CA ALA G 132 -9.82 23.80 -9.17
C ALA G 132 -8.76 24.84 -9.51
N GLY G 133 -8.43 25.68 -8.54
CA GLY G 133 -7.30 26.57 -8.60
C GLY G 133 -7.43 27.77 -9.48
N CYS G 134 -8.69 28.05 -9.87
CA CYS G 134 -9.05 29.07 -10.77
C CYS G 134 -9.60 30.26 -10.02
N GLY G 135 -9.42 30.28 -8.71
CA GLY G 135 -9.66 31.46 -7.91
C GLY G 135 -11.10 31.44 -7.48
N VAL G 136 -11.56 32.58 -6.98
CA VAL G 136 -13.02 32.83 -6.79
C VAL G 136 -13.81 32.88 -8.13
N GLN G 137 -13.09 33.19 -9.19
CA GLN G 137 -13.55 33.13 -10.56
C GLN G 137 -14.08 31.74 -11.04
N GLY G 138 -13.62 30.67 -10.41
CA GLY G 138 -14.14 29.34 -10.73
C GLY G 138 -15.59 29.24 -10.32
N TYR G 139 -16.02 30.00 -9.30
CA TYR G 139 -17.49 30.12 -9.03
C TYR G 139 -18.20 30.63 -10.27
N VAL G 140 -17.66 31.72 -10.85
CA VAL G 140 -18.03 32.21 -12.17
C VAL G 140 -18.02 31.20 -13.34
N PHE G 141 -17.02 30.33 -13.41
CA PHE G 141 -17.06 29.25 -14.43
C PHE G 141 -18.11 28.26 -14.00
N GLY G 142 -18.19 28.01 -12.70
CA GLY G 142 -19.27 27.24 -12.12
C GLY G 142 -20.64 27.72 -12.60
N VAL G 143 -20.90 29.04 -12.53
CA VAL G 143 -22.18 29.56 -13.02
C VAL G 143 -22.33 29.51 -14.56
N GLU G 144 -21.28 29.87 -15.28
CA GLU G 144 -21.26 29.61 -16.72
C GLU G 144 -21.64 28.21 -17.18
N ARG G 145 -21.13 27.18 -16.54
CA ARG G 145 -21.37 25.81 -17.00
C ARG G 145 -22.84 25.38 -16.81
N ILE G 146 -23.40 25.70 -15.63
CA ILE G 146 -24.80 25.47 -15.34
C ILE G 146 -25.63 26.18 -16.40
N ALA G 147 -25.30 27.46 -16.67
CA ALA G 147 -25.99 28.19 -17.70
C ALA G 147 -26.04 27.41 -19.03
N ALA G 148 -24.94 26.74 -19.39
CA ALA G 148 -24.84 26.00 -20.67
C ALA G 148 -25.63 24.74 -20.58
N LEU G 149 -25.78 24.20 -19.38
CA LEU G 149 -26.46 22.92 -19.28
C LEU G 149 -27.95 23.13 -19.06
N ALA G 150 -28.31 23.91 -18.05
CA ALA G 150 -29.70 24.27 -17.77
C ALA G 150 -30.38 25.00 -18.93
N GLY G 151 -30.16 24.52 -20.15
CA GLY G 151 -30.46 25.30 -21.35
C GLY G 151 -29.83 24.67 -22.59
N ARG H 3 -5.37 37.84 22.37
CA ARG H 3 -5.85 37.91 23.77
C ARG H 3 -4.90 37.30 24.84
N SER H 4 -5.01 37.79 26.07
CA SER H 4 -4.32 37.17 27.19
C SER H 4 -5.31 36.37 28.08
N LEU H 5 -4.76 35.58 28.99
CA LEU H 5 -5.57 34.86 29.97
C LEU H 5 -6.22 35.83 30.94
N ALA H 6 -5.51 36.93 31.21
CA ALA H 6 -6.04 38.03 32.01
C ALA H 6 -7.29 38.58 31.31
N ASN H 7 -7.19 38.78 30.00
CA ASN H 7 -8.27 39.45 29.22
C ASN H 7 -9.38 38.57 28.63
N ALA H 8 -9.20 37.25 28.70
CA ALA H 8 -10.16 36.31 28.06
C ALA H 8 -9.98 34.88 28.53
N PRO H 9 -11.06 34.09 28.43
CA PRO H 9 -11.00 32.67 28.75
C PRO H 9 -10.21 31.82 27.72
N ILE H 10 -9.78 30.63 28.16
CA ILE H 10 -9.33 29.50 27.30
C ILE H 10 -10.60 28.85 26.82
N MET H 11 -10.78 28.66 25.52
CA MET H 11 -11.94 27.83 25.11
C MET H 11 -11.54 26.40 25.36
N ILE H 12 -12.34 25.64 26.10
CA ILE H 12 -12.11 24.20 26.13
C ILE H 12 -13.23 23.52 25.35
N LEU H 13 -12.87 22.67 24.36
CA LEU H 13 -13.82 21.97 23.42
C LEU H 13 -13.81 20.44 23.44
N ASN H 14 -15.00 19.87 23.50
CA ASN H 14 -15.16 18.44 23.63
C ASN H 14 -16.09 17.99 22.54
N GLY H 15 -15.73 16.90 21.88
CA GLY H 15 -16.46 16.42 20.72
C GLY H 15 -17.26 15.23 21.17
N PRO H 16 -17.68 14.39 20.22
CA PRO H 16 -18.69 13.42 20.50
C PRO H 16 -18.39 12.35 21.60
N ASN H 17 -19.50 11.97 22.25
CA ASN H 17 -19.55 10.88 23.22
C ASN H 17 -18.98 11.17 24.59
N LEU H 18 -18.26 12.29 24.70
CA LEU H 18 -17.63 12.79 25.95
C LEU H 18 -18.61 13.22 27.08
N ASN H 19 -19.77 13.72 26.70
CA ASN H 19 -20.87 13.83 27.62
C ASN H 19 -21.00 12.54 28.52
N LEU H 20 -20.87 11.36 27.91
CA LEU H 20 -21.08 10.18 28.74
C LEU H 20 -19.78 9.77 29.45
N LEU H 21 -18.72 10.55 29.30
CA LEU H 21 -17.51 10.26 30.02
C LEU H 21 -17.81 9.90 31.49
N GLY H 22 -17.15 8.84 31.93
CA GLY H 22 -17.03 8.51 33.34
C GLY H 22 -17.93 7.36 33.66
N GLN H 23 -18.83 7.10 32.70
CA GLN H 23 -19.86 6.07 32.81
C GLN H 23 -19.50 4.69 32.31
N ARG H 24 -18.26 4.43 31.95
CA ARG H 24 -17.97 3.15 31.32
C ARG H 24 -16.54 3.08 30.75
N GLN H 25 -16.06 1.87 30.54
CA GLN H 25 -14.65 1.68 30.22
C GLN H 25 -13.75 2.69 30.97
N PRO H 26 -13.85 2.72 32.30
CA PRO H 26 -12.93 3.50 33.14
C PRO H 26 -11.51 2.98 33.07
N GLU H 27 -11.33 1.71 32.67
CA GLU H 27 -9.96 1.17 32.52
C GLU H 27 -9.21 1.85 31.39
N ILE H 28 -9.94 2.48 30.45
CA ILE H 28 -9.30 3.29 29.42
C ILE H 28 -9.50 4.80 29.61
N TYR H 29 -10.64 5.17 30.21
CA TYR H 29 -10.97 6.59 30.39
C TYR H 29 -11.15 7.11 31.79
N GLY H 30 -10.98 6.26 32.81
CA GLY H 30 -11.27 6.64 34.21
C GLY H 30 -12.75 6.83 34.58
N SER H 31 -13.00 7.21 35.83
CA SER H 31 -14.37 7.39 36.35
C SER H 31 -14.80 8.84 36.54
N ASP H 32 -13.84 9.76 36.40
CA ASP H 32 -14.17 11.18 36.35
C ASP H 32 -15.20 11.45 35.25
N THR H 33 -16.18 12.29 35.52
CA THR H 33 -17.19 12.56 34.55
C THR H 33 -16.75 13.84 33.88
N LEU H 34 -17.56 14.34 32.95
CA LEU H 34 -17.16 15.48 32.14
C LEU H 34 -17.18 16.80 32.92
N ALA H 35 -18.10 16.92 33.90
CA ALA H 35 -18.11 18.05 34.85
C ALA H 35 -16.99 17.93 35.84
N ASP H 36 -16.61 16.71 36.14
CA ASP H 36 -15.36 16.53 36.82
C ASP H 36 -14.16 17.14 36.04
N VAL H 37 -14.08 16.87 34.73
CA VAL H 37 -13.02 17.41 33.87
C VAL H 37 -13.04 18.94 33.86
N GLU H 38 -14.19 19.50 33.48
CA GLU H 38 -14.49 20.93 33.59
C GLU H 38 -13.95 21.57 34.94
N ALA H 39 -14.35 20.96 36.06
CA ALA H 39 -13.85 21.41 37.37
C ALA H 39 -12.33 21.46 37.39
N LEU H 40 -11.68 20.40 36.93
CA LEU H 40 -10.19 20.42 36.78
C LEU H 40 -9.66 21.65 36.04
N CYS H 41 -10.39 22.06 35.00
CA CYS H 41 -9.94 23.11 34.08
C CYS H 41 -10.18 24.51 34.61
N VAL H 42 -11.31 24.70 35.26
CA VAL H 42 -11.45 25.88 36.13
C VAL H 42 -10.26 25.94 37.11
N LYS H 43 -10.06 24.94 37.94
CA LYS H 43 -8.95 25.00 38.90
C LYS H 43 -7.65 25.30 38.20
N ALA H 44 -7.44 24.56 37.10
CA ALA H 44 -6.28 24.74 36.22
C ALA H 44 -6.03 26.15 35.69
N ALA H 45 -7.03 26.75 35.07
CA ALA H 45 -6.88 28.12 34.64
C ALA H 45 -6.79 29.09 35.83
N ALA H 46 -7.66 28.93 36.83
CA ALA H 46 -7.56 29.77 38.05
C ALA H 46 -6.15 29.78 38.58
N ALA H 47 -5.54 28.59 38.63
CA ALA H 47 -4.18 28.48 39.12
C ALA H 47 -3.20 29.41 38.38
N HIS H 48 -3.67 30.04 37.31
CA HIS H 48 -2.81 30.78 36.38
C HIS H 48 -3.35 32.15 35.97
N GLY H 49 -4.47 32.54 36.56
CA GLY H 49 -5.04 33.85 36.29
C GLY H 49 -6.32 33.75 35.50
N GLY H 50 -6.35 32.80 34.57
CA GLY H 50 -7.42 32.78 33.62
C GLY H 50 -8.66 32.02 34.08
N THR H 51 -9.67 32.12 33.25
CA THR H 51 -10.81 31.24 33.24
C THR H 51 -10.81 30.41 31.96
N VAL H 52 -11.80 29.54 31.89
CA VAL H 52 -12.06 28.63 30.81
C VAL H 52 -13.54 28.75 30.43
N ASP H 53 -13.85 28.34 29.20
CA ASP H 53 -15.22 28.26 28.75
C ASP H 53 -15.26 26.87 28.13
N PHE H 54 -15.92 25.95 28.85
CA PHE H 54 -15.91 24.49 28.60
C PHE H 54 -17.21 24.07 27.93
N ARG H 55 -17.09 23.48 26.73
CA ARG H 55 -18.25 23.00 25.94
C ARG H 55 -18.10 21.53 25.47
N GLN H 56 -19.20 20.95 24.97
CA GLN H 56 -19.18 19.61 24.40
C GLN H 56 -20.33 19.63 23.39
N SER H 57 -20.04 19.05 22.23
CA SER H 57 -21.05 18.81 21.22
C SER H 57 -20.69 17.54 20.51
N ASN H 58 -21.71 16.92 19.98
CA ASN H 58 -21.54 15.72 19.21
C ASN H 58 -21.55 16.05 17.71
N HIS H 59 -21.78 17.34 17.43
CA HIS H 59 -21.87 17.90 16.08
C HIS H 59 -20.59 18.62 15.70
N GLU H 60 -20.03 18.15 14.58
CA GLU H 60 -18.85 18.71 13.90
C GLU H 60 -19.03 20.17 13.50
N GLY H 61 -20.13 20.55 12.82
CA GLY H 61 -20.35 21.97 12.49
C GLY H 61 -20.32 22.94 13.69
N GLU H 62 -20.79 22.47 14.84
CA GLU H 62 -20.83 23.31 16.03
C GLU H 62 -19.45 23.46 16.62
N LEU H 63 -18.67 22.37 16.62
CA LEU H 63 -17.31 22.50 17.09
C LEU H 63 -16.65 23.51 16.21
N VAL H 64 -16.74 23.35 14.89
CA VAL H 64 -16.29 24.38 13.94
C VAL H 64 -16.83 25.84 14.31
N ASP H 65 -18.16 26.02 14.44
CA ASP H 65 -18.69 27.34 14.88
C ASP H 65 -18.00 27.91 16.18
N TRP H 66 -17.75 27.08 17.19
CA TRP H 66 -17.03 27.44 18.44
C TRP H 66 -15.53 27.75 18.28
N ILE H 67 -14.91 27.15 17.29
CA ILE H 67 -13.51 27.49 16.95
C ILE H 67 -13.59 28.91 16.37
N HIS H 68 -14.58 29.17 15.49
CA HIS H 68 -14.79 30.52 14.94
C HIS H 68 -14.92 31.61 16.02
N GLU H 69 -15.80 31.38 16.97
CA GLU H 69 -15.88 32.20 18.19
C GLU H 69 -14.60 32.38 19.01
N ALA H 70 -13.89 31.29 19.26
CA ALA H 70 -12.67 31.31 20.06
C ALA H 70 -11.57 32.10 19.42
N ARG H 71 -11.39 31.90 18.11
CA ARG H 71 -10.41 32.62 17.28
C ARG H 71 -10.56 34.15 17.51
N LEU H 72 -11.83 34.52 17.73
CA LEU H 72 -12.25 35.88 17.90
C LEU H 72 -12.19 36.38 19.34
N ASN H 73 -12.59 35.53 20.31
CA ASN H 73 -12.94 35.96 21.64
C ASN H 73 -12.24 35.32 22.79
N HIS H 74 -11.37 34.36 22.49
CA HIS H 74 -10.75 33.57 23.57
C HIS H 74 -9.22 33.59 23.40
N CYS H 75 -8.48 33.22 24.43
CA CYS H 75 -7.00 33.34 24.33
C CYS H 75 -6.27 32.06 23.83
N GLY H 76 -7.06 30.98 23.66
CA GLY H 76 -6.57 29.67 23.24
C GLY H 76 -7.55 28.53 23.39
N ILE H 77 -7.21 27.40 22.77
CA ILE H 77 -8.11 26.24 22.78
C ILE H 77 -7.41 25.01 23.28
N VAL H 78 -8.04 24.39 24.27
CA VAL H 78 -7.75 23.01 24.57
C VAL H 78 -8.89 22.26 23.95
N ILE H 79 -8.55 21.41 22.97
CA ILE H 79 -9.58 20.60 22.24
C ILE H 79 -9.28 19.10 22.38
N ASN H 80 -10.28 18.37 22.87
CA ASN H 80 -10.40 16.96 22.65
C ASN H 80 -11.50 16.70 21.58
N PRO H 81 -11.08 16.43 20.32
CA PRO H 81 -11.98 16.25 19.15
C PRO H 81 -12.71 14.95 19.21
N ALA H 82 -12.20 14.13 20.10
CA ALA H 82 -12.60 12.78 20.34
C ALA H 82 -12.72 12.03 18.98
N ALA H 83 -13.87 11.46 18.63
CA ALA H 83 -13.97 10.79 17.35
C ALA H 83 -13.55 11.55 16.07
N TYR H 84 -14.03 12.82 15.95
CA TYR H 84 -13.60 13.78 14.92
C TYR H 84 -12.13 14.05 14.91
N SER H 85 -11.41 13.58 15.94
CA SER H 85 -9.96 13.54 15.81
C SER H 85 -9.53 12.86 14.49
N HIS H 86 -10.21 11.81 14.13
CA HIS H 86 -9.66 10.92 13.11
C HIS H 86 -10.32 11.11 11.75
N THR H 87 -11.40 11.92 11.69
CA THR H 87 -12.17 12.08 10.47
C THR H 87 -12.40 13.49 10.00
N SER H 88 -12.29 14.45 10.90
CA SER H 88 -12.64 15.84 10.59
C SER H 88 -11.48 16.72 10.03
N VAL H 89 -11.50 16.97 8.73
CA VAL H 89 -10.66 18.03 8.13
C VAL H 89 -11.34 19.42 8.36
N ALA H 90 -12.70 19.44 8.39
CA ALA H 90 -13.42 20.67 8.67
C ALA H 90 -12.96 21.29 10.04
N ILE H 91 -12.89 20.49 11.10
CA ILE H 91 -12.25 20.92 12.38
C ILE H 91 -10.81 21.40 12.24
N LEU H 92 -9.97 20.63 11.55
CA LEU H 92 -8.58 21.04 11.24
C LEU H 92 -8.48 22.40 10.55
N ASP H 93 -9.42 22.60 9.62
CA ASP H 93 -9.50 23.78 8.82
C ASP H 93 -9.96 24.97 9.64
N ALA H 94 -10.97 24.75 10.43
CA ALA H 94 -11.38 25.68 11.48
C ALA H 94 -10.14 26.13 12.29
N LEU H 95 -9.27 25.19 12.70
CA LEU H 95 -8.15 25.59 13.51
C LEU H 95 -6.99 26.24 12.70
N ASN H 96 -6.87 25.93 11.41
CA ASN H 96 -5.94 26.62 10.53
C ASN H 96 -6.21 28.15 10.35
N THR H 97 -7.47 28.60 10.45
CA THR H 97 -7.77 30.01 10.45
C THR H 97 -7.41 30.71 11.76
N CYS H 98 -7.03 29.96 12.80
CA CYS H 98 -6.78 30.56 14.12
C CYS H 98 -5.36 31.13 14.27
N ASP H 99 -5.00 32.04 13.37
CA ASP H 99 -3.61 32.46 13.25
C ASP H 99 -3.06 32.86 14.61
N GLY H 100 -2.05 32.11 15.07
CA GLY H 100 -1.30 32.46 16.27
C GLY H 100 -2.13 32.51 17.54
N LEU H 101 -3.28 31.83 17.53
CA LEU H 101 -4.03 31.48 18.74
C LEU H 101 -3.50 30.10 19.06
N PRO H 102 -2.99 29.88 20.26
CA PRO H 102 -2.36 28.56 20.54
C PRO H 102 -3.43 27.47 20.61
N VAL H 103 -3.04 26.23 20.33
CA VAL H 103 -3.97 25.11 20.35
C VAL H 103 -3.26 23.88 20.88
N VAL H 104 -3.90 23.27 21.88
CA VAL H 104 -3.52 21.95 22.34
C VAL H 104 -4.65 20.94 22.07
N GLU H 105 -4.25 19.87 21.35
CA GLU H 105 -4.97 18.59 21.33
C GLU H 105 -4.73 17.71 22.54
N VAL H 106 -5.80 17.06 22.97
CA VAL H 106 -5.80 16.27 24.15
C VAL H 106 -6.68 15.06 23.96
N HIS H 107 -6.11 13.88 24.23
CA HIS H 107 -6.79 12.57 24.14
C HIS H 107 -6.60 11.98 25.49
N ILE H 108 -7.69 11.62 26.16
CA ILE H 108 -7.62 10.93 27.46
C ILE H 108 -6.87 9.58 27.45
N SER H 109 -7.18 8.78 26.45
CA SER H 109 -6.49 7.50 26.22
C SER H 109 -5.30 7.61 25.25
N ASN H 110 -4.28 6.77 25.41
CA ASN H 110 -3.21 6.75 24.38
C ASN H 110 -3.70 6.01 23.13
N ILE H 111 -4.00 6.79 22.10
CA ILE H 111 -4.56 6.35 20.83
C ILE H 111 -3.57 5.48 19.97
N HIS H 112 -2.28 5.61 20.28
CA HIS H 112 -1.21 4.93 19.57
C HIS H 112 -1.11 3.43 19.93
N GLN H 113 -1.85 3.04 20.98
CA GLN H 113 -1.85 1.67 21.45
C GLN H 113 -3.23 0.95 21.33
N ARG H 114 -4.13 1.54 20.53
CA ARG H 114 -5.52 1.12 20.33
C ARG H 114 -5.64 0.84 18.85
N GLU H 115 -6.88 0.80 18.36
CA GLU H 115 -7.15 0.56 16.93
C GLU H 115 -6.42 1.48 15.90
N PRO H 116 -5.88 0.87 14.83
CA PRO H 116 -5.18 1.63 13.78
C PRO H 116 -5.97 2.80 13.23
N PHE H 117 -7.31 2.76 13.20
CA PHE H 117 -7.95 4.01 12.76
C PHE H 117 -7.56 5.15 13.75
N ARG H 118 -7.75 4.89 15.04
CA ARG H 118 -7.26 5.77 16.14
C ARG H 118 -5.81 6.33 16.04
N HIS H 119 -4.93 5.68 15.32
CA HIS H 119 -3.55 6.17 15.36
C HIS H 119 -3.36 7.60 14.84
N HIS H 120 -4.15 8.00 13.82
CA HIS H 120 -3.95 9.26 13.11
C HIS H 120 -5.04 10.32 13.42
N SER H 121 -4.58 11.57 13.55
CA SER H 121 -5.42 12.68 13.94
C SER H 121 -5.18 13.83 13.02
N TYR H 122 -6.25 14.42 12.46
CA TYR H 122 -6.11 15.63 11.66
C TYR H 122 -5.72 16.84 12.50
N VAL H 123 -6.17 16.86 13.74
CA VAL H 123 -5.92 18.08 14.55
C VAL H 123 -4.43 18.24 14.78
N SER H 124 -3.71 17.11 14.91
CA SER H 124 -2.29 17.21 15.32
C SER H 124 -1.48 17.98 14.30
N GLN H 125 -2.04 18.13 13.07
CA GLN H 125 -1.50 18.98 12.02
C GLN H 125 -1.49 20.49 12.39
N ARG H 126 -2.47 20.93 13.15
CA ARG H 126 -2.45 22.33 13.59
C ARG H 126 -2.13 22.52 15.09
N ALA H 127 -2.66 21.59 15.90
CA ALA H 127 -2.41 21.55 17.36
C ALA H 127 -0.93 21.79 17.57
N ASP H 128 -0.63 22.94 18.15
CA ASP H 128 0.75 23.23 18.53
C ASP H 128 1.36 22.04 19.28
N GLY H 129 0.65 21.53 20.27
CA GLY H 129 1.08 20.40 21.02
C GLY H 129 -0.07 19.46 21.13
N VAL H 130 0.28 18.25 21.51
CA VAL H 130 -0.66 17.19 21.60
C VAL H 130 -0.24 16.41 22.81
N VAL H 131 -1.24 16.13 23.63
CA VAL H 131 -1.06 15.33 24.84
C VAL H 131 -1.95 14.08 24.75
N ALA H 132 -1.37 12.91 24.98
CA ALA H 132 -2.06 11.65 24.85
C ALA H 132 -1.69 10.72 25.97
N GLY H 133 -2.67 9.95 26.46
CA GLY H 133 -2.47 8.97 27.50
C GLY H 133 -2.13 9.54 28.86
N CYS H 134 -2.39 10.84 29.07
CA CYS H 134 -2.26 11.42 30.40
C CYS H 134 -3.59 11.50 31.17
N GLY H 135 -4.59 10.73 30.72
CA GLY H 135 -5.94 10.83 31.24
C GLY H 135 -6.41 12.25 31.24
N VAL H 136 -7.24 12.59 32.21
CA VAL H 136 -7.95 13.86 32.22
C VAL H 136 -7.05 14.94 32.76
N GLN H 137 -5.97 14.52 33.42
CA GLN H 137 -4.81 15.39 33.74
C GLN H 137 -4.23 16.11 32.51
N GLY H 138 -4.35 15.47 31.35
CA GLY H 138 -3.84 16.06 30.12
C GLY H 138 -4.57 17.33 29.69
N TYR H 139 -5.84 17.45 30.05
CA TYR H 139 -6.53 18.75 29.92
C TYR H 139 -5.79 19.80 30.74
N VAL H 140 -5.35 19.41 31.93
CA VAL H 140 -4.63 20.26 32.88
C VAL H 140 -3.30 20.69 32.26
N PHE H 141 -2.64 19.77 31.55
CA PHE H 141 -1.47 20.14 30.75
C PHE H 141 -1.85 21.05 29.61
N GLY H 142 -2.94 20.74 28.91
CA GLY H 142 -3.41 21.64 27.86
C GLY H 142 -3.50 23.01 28.48
N VAL H 143 -4.18 23.09 29.62
CA VAL H 143 -4.31 24.37 30.28
C VAL H 143 -2.93 25.04 30.60
N GLU H 144 -2.03 24.34 31.27
CA GLU H 144 -0.76 25.00 31.65
C GLU H 144 -0.03 25.50 30.43
N ARG H 145 0.03 24.62 29.42
CA ARG H 145 0.56 25.00 28.12
C ARG H 145 -0.10 26.28 27.56
N ILE H 146 -1.43 26.31 27.42
CA ILE H 146 -2.05 27.52 26.91
C ILE H 146 -1.50 28.74 27.71
N ALA H 147 -1.49 28.61 29.03
CA ALA H 147 -1.07 29.71 29.91
C ALA H 147 0.37 30.13 29.61
N ALA H 148 1.26 29.15 29.50
CA ALA H 148 2.68 29.46 29.27
C ALA H 148 2.85 30.25 27.97
N LEU H 149 2.16 29.79 26.92
CA LEU H 149 2.19 30.44 25.62
C LEU H 149 1.52 31.81 25.52
N ALA H 150 0.30 31.93 26.04
CA ALA H 150 -0.51 33.16 25.87
C ALA H 150 0.02 34.48 26.54
N GLY H 151 1.02 34.36 27.44
CA GLY H 151 1.53 35.51 28.20
C GLY H 151 2.92 35.32 28.79
N ARG I 3 -33.52 -4.24 29.02
CA ARG I 3 -34.89 -4.03 28.56
C ARG I 3 -35.40 -5.18 27.68
N SER I 4 -36.71 -5.37 27.66
CA SER I 4 -37.29 -6.41 26.82
C SER I 4 -38.08 -5.74 25.66
N LEU I 5 -38.65 -6.56 24.79
CA LEU I 5 -39.47 -6.03 23.69
C LEU I 5 -40.75 -5.49 24.22
N ALA I 6 -41.15 -6.02 25.38
CA ALA I 6 -42.48 -5.78 25.96
C ALA I 6 -42.50 -4.46 26.72
N ASN I 7 -41.36 -4.11 27.29
CA ASN I 7 -41.23 -2.79 27.87
C ASN I 7 -41.03 -1.78 26.75
N ALA I 8 -39.84 -1.80 26.17
CA ALA I 8 -39.37 -0.67 25.40
C ALA I 8 -39.30 -0.96 23.91
N PRO I 9 -39.41 0.09 23.10
CA PRO I 9 -39.41 -0.07 21.63
C PRO I 9 -37.96 -0.24 21.10
N ILE I 10 -37.84 -0.93 19.97
CA ILE I 10 -36.57 -1.04 19.28
C ILE I 10 -36.39 0.33 18.65
N MET I 11 -35.28 1.01 18.99
CA MET I 11 -34.89 2.18 18.23
C MET I 11 -34.51 1.73 16.80
N ILE I 12 -35.10 2.34 15.76
CA ILE I 12 -34.64 2.17 14.36
C ILE I 12 -34.22 3.52 13.73
N LEU I 13 -32.91 3.64 13.49
CA LEU I 13 -32.28 4.87 12.99
C LEU I 13 -31.75 4.79 11.57
N ASN I 14 -31.96 5.89 10.86
CA ASN I 14 -31.75 6.01 9.47
C ASN I 14 -30.90 7.26 9.31
N GLY I 15 -29.90 7.15 8.46
CA GLY I 15 -28.97 8.25 8.21
C GLY I 15 -29.25 8.95 6.91
N PRO I 16 -28.21 9.61 6.34
CA PRO I 16 -28.44 10.64 5.37
C PRO I 16 -29.13 10.11 4.16
N ASN I 17 -29.87 11.00 3.47
CA ASN I 17 -30.52 10.73 2.17
C ASN I 17 -31.71 9.79 2.16
N LEU I 18 -31.75 8.85 3.12
CA LEU I 18 -32.79 7.83 3.24
C LEU I 18 -34.27 8.39 3.30
N ASN I 19 -34.49 9.62 3.76
CA ASN I 19 -35.84 10.21 3.70
C ASN I 19 -36.33 10.06 2.25
N LEU I 20 -35.41 10.20 1.32
CA LEU I 20 -35.64 10.12 -0.11
C LEU I 20 -35.83 8.71 -0.69
N LEU I 21 -35.62 7.69 0.10
CA LEU I 21 -35.82 6.30 -0.36
C LEU I 21 -37.22 6.14 -1.05
N GLY I 22 -37.24 5.49 -2.22
CA GLY I 22 -38.44 5.39 -3.04
C GLY I 22 -38.34 6.08 -4.39
N GLN I 23 -37.61 7.19 -4.46
CA GLN I 23 -37.71 8.13 -5.57
C GLN I 23 -36.72 7.97 -6.70
N ARG I 24 -35.61 7.29 -6.46
CA ARG I 24 -34.66 7.01 -7.55
C ARG I 24 -33.78 5.80 -7.32
N GLN I 25 -33.13 5.36 -8.40
CA GLN I 25 -32.45 4.05 -8.50
C GLN I 25 -33.22 2.83 -7.90
N PRO I 26 -34.33 2.48 -8.54
CA PRO I 26 -35.05 1.21 -8.28
C PRO I 26 -34.15 -0.03 -8.27
N GLU I 27 -33.21 -0.09 -9.23
CA GLU I 27 -32.33 -1.27 -9.45
C GLU I 27 -31.40 -1.61 -8.31
N ILE I 28 -31.09 -0.62 -7.50
CA ILE I 28 -30.19 -0.79 -6.36
C ILE I 28 -30.96 -0.75 -5.04
N TYR I 29 -31.91 0.18 -4.93
CA TYR I 29 -32.53 0.49 -3.64
C TYR I 29 -33.98 0.11 -3.46
N GLY I 30 -34.64 -0.25 -4.56
CA GLY I 30 -36.07 -0.63 -4.52
C GLY I 30 -37.02 0.54 -4.63
N SER I 31 -38.32 0.22 -4.62
CA SER I 31 -39.38 1.20 -4.84
C SER I 31 -40.23 1.46 -3.60
N ASP I 32 -39.79 0.91 -2.49
CA ASP I 32 -40.45 1.11 -1.23
C ASP I 32 -39.95 2.44 -0.71
N THR I 33 -40.77 3.12 0.07
CA THR I 33 -40.33 4.38 0.61
C THR I 33 -40.02 4.19 2.09
N LEU I 34 -39.53 5.24 2.72
CA LEU I 34 -39.08 5.14 4.06
C LEU I 34 -40.25 4.86 4.99
N ALA I 35 -41.42 5.38 4.62
CA ALA I 35 -42.64 5.28 5.45
C ALA I 35 -43.11 3.85 5.40
N ASP I 36 -43.01 3.25 4.20
CA ASP I 36 -43.26 1.83 4.04
C ASP I 36 -42.23 1.03 4.88
N VAL I 37 -40.95 1.36 4.75
CA VAL I 37 -39.93 0.71 5.60
C VAL I 37 -40.35 0.80 7.06
N GLU I 38 -40.80 1.95 7.49
CA GLU I 38 -41.16 2.14 8.86
C GLU I 38 -42.36 1.26 9.19
N ALA I 39 -43.22 1.05 8.19
CA ALA I 39 -44.40 0.24 8.45
C ALA I 39 -43.99 -1.23 8.52
N LEU I 40 -42.99 -1.62 7.73
CA LEU I 40 -42.58 -3.02 7.74
C LEU I 40 -41.94 -3.41 9.04
N CYS I 41 -41.36 -2.40 9.69
CA CYS I 41 -40.76 -2.60 10.99
C CYS I 41 -41.81 -2.67 12.09
N VAL I 42 -42.86 -1.86 11.96
CA VAL I 42 -43.94 -1.85 12.95
C VAL I 42 -44.54 -3.27 12.95
N LYS I 43 -44.86 -3.73 11.76
CA LYS I 43 -45.37 -5.08 11.55
C LYS I 43 -44.50 -6.09 12.31
N ALA I 44 -43.22 -6.21 11.87
CA ALA I 44 -42.21 -7.17 12.41
C ALA I 44 -42.01 -7.11 13.92
N ALA I 45 -41.94 -5.92 14.46
CA ALA I 45 -41.69 -5.86 15.88
C ALA I 45 -42.91 -6.52 16.57
N ALA I 46 -44.10 -6.29 15.96
CA ALA I 46 -45.39 -6.50 16.67
C ALA I 46 -45.51 -7.95 16.88
N ALA I 47 -45.05 -8.67 15.85
CA ALA I 47 -45.21 -10.08 15.73
C ALA I 47 -44.33 -10.83 16.74
N HIS I 48 -43.64 -10.04 17.56
CA HIS I 48 -42.74 -10.55 18.55
C HIS I 48 -42.98 -9.80 19.88
N GLY I 49 -44.14 -9.19 20.02
CA GLY I 49 -44.46 -8.50 21.26
C GLY I 49 -43.91 -7.09 21.38
N GLY I 50 -43.26 -6.58 20.30
CA GLY I 50 -42.57 -5.29 20.36
C GLY I 50 -43.16 -4.04 19.69
N THR I 51 -42.55 -2.88 20.02
CA THR I 51 -42.81 -1.60 19.36
C THR I 51 -41.50 -1.03 18.79
N VAL I 52 -41.56 0.03 18.00
CA VAL I 52 -40.34 0.67 17.46
C VAL I 52 -40.41 2.19 17.52
N ASP I 53 -39.25 2.81 17.79
CA ASP I 53 -39.03 4.26 17.70
C ASP I 53 -38.16 4.48 16.42
N PHE I 54 -38.83 4.53 15.27
CA PHE I 54 -38.19 4.58 13.96
C PHE I 54 -37.90 6.00 13.53
N ARG I 55 -36.63 6.30 13.26
CA ARG I 55 -36.21 7.67 12.98
C ARG I 55 -35.26 7.74 11.77
N GLN I 56 -35.11 8.95 11.24
CA GLN I 56 -34.16 9.30 10.15
C GLN I 56 -33.60 10.65 10.42
N SER I 57 -32.39 10.88 9.92
CA SER I 57 -31.65 12.16 10.01
C SER I 57 -30.41 12.15 9.11
N ASN I 58 -30.00 13.32 8.70
CA ASN I 58 -28.89 13.50 7.81
C ASN I 58 -27.65 14.05 8.51
N HIS I 59 -27.87 14.31 9.84
CA HIS I 59 -26.96 14.97 10.76
C HIS I 59 -26.20 13.94 11.60
N GLU I 60 -24.94 13.65 11.26
CA GLU I 60 -24.14 12.73 12.07
C GLU I 60 -24.34 12.96 13.58
N GLY I 61 -24.23 14.19 14.06
CA GLY I 61 -24.30 14.39 15.55
C GLY I 61 -25.66 14.00 16.16
N GLU I 62 -26.74 14.16 15.37
CA GLU I 62 -28.08 13.96 15.91
C GLU I 62 -28.29 12.49 16.25
N LEU I 63 -27.75 11.70 15.32
CA LEU I 63 -27.66 10.26 15.31
C LEU I 63 -26.85 9.78 16.46
N VAL I 64 -25.63 10.28 16.63
CA VAL I 64 -25.01 10.22 18.00
C VAL I 64 -26.03 10.54 19.16
N ASP I 65 -26.69 11.71 19.13
CA ASP I 65 -27.58 12.10 20.27
C ASP I 65 -28.53 10.93 20.49
N TRP I 66 -29.08 10.42 19.37
CA TRP I 66 -30.15 9.40 19.44
C TRP I 66 -29.71 8.04 19.89
N ILE I 67 -28.51 7.64 19.48
CA ILE I 67 -27.90 6.46 20.08
C ILE I 67 -27.66 6.71 21.59
N HIS I 68 -27.49 7.98 21.96
CA HIS I 68 -27.35 8.30 23.38
C HIS I 68 -28.67 8.00 24.14
N GLU I 69 -29.78 8.47 23.56
CA GLU I 69 -31.16 8.22 24.01
C GLU I 69 -31.56 6.74 24.16
N ALA I 70 -31.47 5.99 23.06
CA ALA I 70 -31.69 4.54 23.03
C ALA I 70 -30.87 3.77 24.05
N ARG I 71 -29.71 4.31 24.36
CA ARG I 71 -28.84 3.73 25.36
C ARG I 71 -29.61 3.54 26.68
N LEU I 72 -30.50 4.48 26.97
CA LEU I 72 -31.22 4.43 28.23
C LEU I 72 -32.63 3.84 28.08
N ASN I 73 -33.21 4.02 26.90
CA ASN I 73 -34.68 3.98 26.75
C ASN I 73 -35.19 2.91 25.81
N HIS I 74 -34.29 2.14 25.20
CA HIS I 74 -34.75 1.12 24.21
C HIS I 74 -34.20 -0.31 24.43
N CYS I 75 -34.76 -1.32 23.78
CA CYS I 75 -34.22 -2.67 24.03
C CYS I 75 -33.15 -3.06 23.02
N GLY I 76 -32.87 -2.16 22.07
CA GLY I 76 -31.89 -2.46 21.06
C GLY I 76 -31.94 -1.45 19.95
N ILE I 77 -31.01 -1.60 19.00
CA ILE I 77 -30.88 -0.62 17.93
C ILE I 77 -30.77 -1.38 16.61
N VAL I 78 -31.63 -1.02 15.65
CA VAL I 78 -31.42 -1.33 14.24
C VAL I 78 -31.02 -0.03 13.54
N ILE I 79 -29.76 0.02 13.05
CA ILE I 79 -29.23 1.19 12.24
C ILE I 79 -28.83 0.88 10.77
N ASN I 80 -29.47 1.63 9.85
CA ASN I 80 -28.92 1.84 8.52
C ASN I 80 -28.17 3.19 8.48
N PRO I 81 -26.85 3.14 8.73
CA PRO I 81 -25.96 4.34 8.85
C PRO I 81 -25.84 5.16 7.54
N ALA I 82 -26.33 4.55 6.49
CA ALA I 82 -26.23 5.00 5.15
C ALA I 82 -24.77 5.41 4.88
N ALA I 83 -24.56 6.56 4.28
CA ALA I 83 -23.16 6.93 3.96
C ALA I 83 -22.27 7.03 5.21
N TYR I 84 -22.89 7.33 6.37
CA TYR I 84 -22.12 7.47 7.63
C TYR I 84 -21.50 6.15 8.09
N SER I 85 -21.86 5.04 7.47
CA SER I 85 -21.20 3.79 7.81
C SER I 85 -19.75 3.88 7.39
N HIS I 86 -19.44 4.61 6.34
CA HIS I 86 -18.05 4.48 5.83
C HIS I 86 -17.19 5.59 6.38
N THR I 87 -17.82 6.52 7.14
CA THR I 87 -17.12 7.72 7.50
C THR I 87 -17.08 7.97 9.00
N SER I 88 -18.09 7.43 9.70
CA SER I 88 -18.38 8.02 11.05
C SER I 88 -17.75 7.23 12.18
N VAL I 89 -16.52 7.63 12.57
CA VAL I 89 -15.96 7.05 13.77
C VAL I 89 -16.91 7.46 14.95
N ALA I 90 -17.64 8.57 14.75
CA ALA I 90 -18.53 9.14 15.78
C ALA I 90 -19.57 8.16 16.23
N ILE I 91 -20.30 7.62 15.26
CA ILE I 91 -21.47 6.73 15.52
C ILE I 91 -20.97 5.40 16.02
N LEU I 92 -19.89 4.91 15.40
CA LEU I 92 -19.15 3.79 15.96
C LEU I 92 -18.89 3.91 17.47
N ASP I 93 -18.22 4.99 17.84
CA ASP I 93 -18.04 5.28 19.23
C ASP I 93 -19.29 5.33 20.10
N ALA I 94 -20.37 5.93 19.57
CA ALA I 94 -21.71 6.01 20.26
C ALA I 94 -22.26 4.64 20.64
N LEU I 95 -22.16 3.70 19.70
CA LEU I 95 -22.70 2.35 19.81
C LEU I 95 -21.93 1.58 20.83
N ASN I 96 -20.65 1.94 20.94
CA ASN I 96 -19.73 1.35 21.90
C ASN I 96 -19.99 1.85 23.34
N THR I 97 -20.82 2.88 23.51
CA THR I 97 -21.09 3.33 24.83
C THR I 97 -22.29 2.52 25.26
N CYS I 98 -22.90 1.86 24.27
CA CYS I 98 -24.08 1.02 24.49
C CYS I 98 -23.78 -0.38 24.99
N ASP I 99 -23.05 -0.47 26.08
CA ASP I 99 -22.66 -1.76 26.65
C ASP I 99 -23.87 -2.67 26.92
N GLY I 100 -23.79 -3.93 26.53
CA GLY I 100 -24.87 -4.87 26.80
C GLY I 100 -25.89 -5.02 25.70
N LEU I 101 -26.26 -3.88 25.08
CA LEU I 101 -27.39 -3.71 24.12
C LEU I 101 -27.18 -4.28 22.70
N PRO I 102 -28.17 -4.98 22.15
CA PRO I 102 -27.98 -5.54 20.83
C PRO I 102 -28.12 -4.44 19.78
N VAL I 103 -27.20 -4.49 18.79
CA VAL I 103 -27.16 -3.61 17.61
C VAL I 103 -27.08 -4.45 16.32
N VAL I 104 -27.99 -4.18 15.40
CA VAL I 104 -27.92 -4.79 14.09
C VAL I 104 -27.86 -3.73 12.98
N GLU I 105 -26.76 -3.74 12.21
CA GLU I 105 -26.62 -2.82 11.14
C GLU I 105 -27.32 -3.44 9.95
N VAL I 106 -28.05 -2.59 9.22
CA VAL I 106 -28.75 -2.99 7.96
C VAL I 106 -28.35 -2.18 6.72
N HIS I 107 -27.88 -2.88 5.68
CA HIS I 107 -27.88 -2.28 4.33
C HIS I 107 -28.67 -2.98 3.27
N ILE I 108 -29.40 -2.15 2.52
CA ILE I 108 -30.39 -2.44 1.46
C ILE I 108 -29.70 -2.94 0.17
N SER I 109 -28.63 -2.23 -0.16
CA SER I 109 -27.72 -2.69 -1.13
C SER I 109 -26.66 -3.64 -0.52
N ASN I 110 -26.24 -4.61 -1.35
CA ASN I 110 -24.95 -5.26 -1.20
C ASN I 110 -23.67 -4.32 -1.45
N ILE I 111 -23.33 -3.59 -0.39
CA ILE I 111 -22.16 -2.70 -0.39
C ILE I 111 -20.86 -3.29 -0.89
N HIS I 112 -20.71 -4.56 -0.56
CA HIS I 112 -19.60 -5.38 -0.97
C HIS I 112 -19.52 -5.43 -2.46
N GLN I 113 -20.66 -5.19 -3.18
CA GLN I 113 -20.65 -5.23 -4.66
C GLN I 113 -20.47 -3.87 -5.33
N ARG I 114 -20.15 -2.86 -4.54
CA ARG I 114 -20.28 -1.54 -5.05
C ARG I 114 -18.87 -0.92 -5.07
N GLU I 115 -18.79 0.40 -5.00
CA GLU I 115 -17.52 1.17 -4.92
C GLU I 115 -16.70 0.80 -3.66
N PRO I 116 -15.40 0.60 -3.85
CA PRO I 116 -14.45 0.40 -2.78
C PRO I 116 -14.64 0.97 -1.38
N PHE I 117 -14.97 2.27 -1.30
CA PHE I 117 -15.26 3.00 -0.04
C PHE I 117 -16.57 2.55 0.61
N ARG I 118 -17.50 2.06 -0.21
CA ARG I 118 -18.74 1.45 0.35
C ARG I 118 -18.43 0.11 1.01
N HIS I 119 -17.23 -0.44 0.75
CA HIS I 119 -16.88 -1.73 1.31
C HIS I 119 -16.66 -1.79 2.83
N HIS I 120 -16.22 -0.70 3.44
CA HIS I 120 -15.95 -0.79 4.86
C HIS I 120 -17.02 0.03 5.62
N SER I 121 -17.56 -0.57 6.66
CA SER I 121 -18.38 0.11 7.61
C SER I 121 -17.66 0.20 8.96
N TYR I 122 -17.42 1.40 9.47
CA TYR I 122 -16.99 1.48 10.87
C TYR I 122 -18.03 0.87 11.80
N VAL I 123 -19.30 0.86 11.36
CA VAL I 123 -20.33 0.50 12.34
C VAL I 123 -20.30 -0.98 12.61
N SER I 124 -20.03 -1.79 11.57
CA SER I 124 -19.78 -3.24 11.68
C SER I 124 -18.63 -3.61 12.69
N GLN I 125 -17.72 -2.67 13.06
CA GLN I 125 -16.79 -2.87 14.23
C GLN I 125 -17.52 -3.17 15.52
N ARG I 126 -18.79 -2.75 15.60
CA ARG I 126 -19.62 -2.88 16.78
C ARG I 126 -21.02 -3.50 16.55
N ALA I 127 -21.72 -3.14 15.47
CA ALA I 127 -22.95 -3.93 15.17
C ALA I 127 -22.72 -5.38 15.60
N ASP I 128 -23.67 -5.93 16.37
CA ASP I 128 -23.60 -7.34 16.70
C ASP I 128 -23.73 -8.14 15.44
N GLY I 129 -24.79 -7.87 14.68
CA GLY I 129 -24.98 -8.52 13.39
C GLY I 129 -24.97 -7.51 12.24
N VAL I 130 -24.52 -7.97 11.09
CA VAL I 130 -24.65 -7.17 9.93
C VAL I 130 -25.38 -7.91 8.82
N VAL I 131 -26.34 -7.20 8.25
CA VAL I 131 -27.12 -7.64 7.11
C VAL I 131 -27.00 -6.65 5.92
N ALA I 132 -26.66 -7.15 4.74
CA ALA I 132 -26.48 -6.27 3.57
C ALA I 132 -27.05 -6.88 2.32
N GLY I 133 -27.63 -6.04 1.47
CA GLY I 133 -28.26 -6.45 0.22
C GLY I 133 -29.39 -7.42 0.42
N CYS I 134 -30.14 -7.30 1.50
CA CYS I 134 -31.32 -8.12 1.62
C CYS I 134 -32.60 -7.33 1.32
N GLY I 135 -32.43 -6.26 0.53
CA GLY I 135 -33.30 -5.06 0.50
C GLY I 135 -33.80 -4.52 1.83
N VAL I 136 -35.03 -3.98 1.81
CA VAL I 136 -35.67 -3.45 3.02
C VAL I 136 -36.20 -4.58 3.91
N GLN I 137 -36.34 -5.79 3.36
CA GLN I 137 -36.49 -6.98 4.18
C GLN I 137 -35.38 -7.13 5.23
N GLY I 138 -34.19 -6.65 4.90
CA GLY I 138 -33.13 -6.53 5.90
C GLY I 138 -33.41 -5.87 7.25
N TYR I 139 -34.20 -4.80 7.34
CA TYR I 139 -34.51 -4.29 8.66
C TYR I 139 -35.43 -5.24 9.35
N VAL I 140 -36.14 -6.10 8.57
CA VAL I 140 -37.07 -7.05 9.22
C VAL I 140 -36.19 -8.00 10.00
N PHE I 141 -35.11 -8.43 9.35
CA PHE I 141 -34.16 -9.37 9.96
C PHE I 141 -33.55 -8.77 11.20
N GLY I 142 -33.23 -7.51 11.11
CA GLY I 142 -32.78 -6.74 12.23
C GLY I 142 -33.84 -7.03 13.27
N VAL I 143 -35.01 -6.42 13.10
CA VAL I 143 -36.06 -6.52 14.12
C VAL I 143 -36.13 -7.97 14.67
N GLU I 144 -36.16 -8.96 13.79
CA GLU I 144 -36.20 -10.35 14.19
C GLU I 144 -35.03 -10.69 15.15
N ARG I 145 -33.83 -10.22 14.82
CA ARG I 145 -32.68 -10.58 15.58
C ARG I 145 -32.60 -9.79 16.90
N ILE I 146 -33.08 -8.55 16.92
CA ILE I 146 -33.25 -7.81 18.18
C ILE I 146 -34.22 -8.55 19.10
N ALA I 147 -35.25 -9.17 18.53
CA ALA I 147 -36.27 -9.89 19.32
C ALA I 147 -35.51 -11.03 19.95
N ALA I 148 -34.77 -11.74 19.09
CA ALA I 148 -34.02 -12.96 19.48
C ALA I 148 -33.12 -12.72 20.68
N LEU I 149 -32.36 -11.63 20.63
CA LEU I 149 -31.36 -11.32 21.65
C LEU I 149 -31.93 -10.59 22.84
N ALA I 150 -33.06 -9.95 22.60
CA ALA I 150 -33.61 -9.08 23.61
C ALA I 150 -34.38 -9.95 24.61
N GLY I 151 -35.56 -10.42 24.21
CA GLY I 151 -36.23 -11.51 24.96
C GLY I 151 -35.68 -12.89 24.62
N ARG J 3 10.01 -36.27 -23.83
CA ARG J 3 8.79 -36.65 -24.56
C ARG J 3 8.54 -35.80 -25.81
N SER J 4 7.80 -36.37 -26.77
CA SER J 4 7.49 -35.69 -28.01
C SER J 4 5.99 -35.86 -28.33
N LEU J 5 5.54 -35.20 -29.38
CA LEU J 5 4.15 -35.35 -29.79
C LEU J 5 3.98 -36.75 -30.37
N ALA J 6 5.02 -37.21 -31.06
CA ALA J 6 5.06 -38.57 -31.62
C ALA J 6 4.72 -39.55 -30.51
N ASN J 7 5.58 -39.59 -29.50
CA ASN J 7 5.44 -40.53 -28.38
C ASN J 7 4.25 -40.34 -27.44
N ALA J 8 3.95 -39.08 -27.12
CA ALA J 8 3.20 -38.78 -25.92
C ALA J 8 2.19 -37.69 -26.16
N PRO J 9 0.96 -37.85 -25.64
CA PRO J 9 -0.01 -36.77 -25.75
C PRO J 9 0.43 -35.53 -25.02
N ILE J 10 -0.04 -34.40 -25.52
CA ILE J 10 -0.14 -33.13 -24.83
C ILE J 10 -1.30 -33.23 -23.82
N MET J 11 -1.00 -32.92 -22.56
CA MET J 11 -2.06 -32.76 -21.53
C MET J 11 -2.84 -31.43 -21.61
N ILE J 12 -4.16 -31.49 -21.59
CA ILE J 12 -4.95 -30.29 -21.67
C ILE J 12 -5.73 -30.26 -20.41
N LEU J 13 -5.40 -29.30 -19.54
CA LEU J 13 -6.08 -29.20 -18.24
C LEU J 13 -6.97 -27.99 -18.08
N ASN J 14 -8.16 -28.28 -17.56
CA ASN J 14 -9.26 -27.32 -17.39
C ASN J 14 -9.75 -27.27 -15.96
N GLY J 15 -9.58 -26.11 -15.32
CA GLY J 15 -10.07 -25.92 -13.99
C GLY J 15 -11.55 -25.83 -13.81
N PRO J 16 -11.90 -25.24 -12.67
CA PRO J 16 -13.26 -25.25 -12.21
C PRO J 16 -14.23 -24.38 -12.99
N ASN J 17 -15.43 -24.90 -13.02
CA ASN J 17 -16.55 -24.30 -13.75
C ASN J 17 -16.56 -24.48 -15.24
N LEU J 18 -15.43 -24.85 -15.85
CA LEU J 18 -15.29 -24.88 -17.27
C LEU J 18 -16.06 -26.03 -17.85
N ASN J 19 -16.79 -26.78 -17.05
CA ASN J 19 -17.68 -27.85 -17.53
C ASN J 19 -19.00 -27.28 -18.08
N LEU J 20 -19.29 -26.06 -17.63
CA LEU J 20 -20.47 -25.30 -17.93
C LEU J 20 -20.27 -24.34 -19.08
N LEU J 21 -19.03 -24.24 -19.51
CA LEU J 21 -18.68 -23.44 -20.65
C LEU J 21 -19.62 -23.79 -21.82
N GLY J 22 -20.23 -22.74 -22.37
CA GLY J 22 -21.26 -22.86 -23.39
C GLY J 22 -22.59 -22.29 -22.96
N GLN J 23 -23.04 -22.73 -21.77
CA GLN J 23 -24.43 -22.58 -21.37
C GLN J 23 -24.78 -21.16 -20.96
N ARG J 24 -23.78 -20.34 -20.70
CA ARG J 24 -24.08 -18.95 -20.37
C ARG J 24 -22.98 -17.95 -20.78
N GLN J 25 -23.09 -16.73 -20.24
CA GLN J 25 -22.24 -15.56 -20.59
C GLN J 25 -21.34 -15.59 -21.83
N PRO J 26 -21.96 -15.59 -23.01
CA PRO J 26 -21.25 -15.82 -24.27
C PRO J 26 -20.46 -14.62 -24.75
N GLU J 27 -20.81 -13.44 -24.24
CA GLU J 27 -20.20 -12.16 -24.63
C GLU J 27 -18.78 -12.04 -24.05
N ILE J 28 -18.38 -13.05 -23.29
CA ILE J 28 -17.11 -13.07 -22.55
C ILE J 28 -16.40 -14.39 -22.85
N TYR J 29 -17.14 -15.50 -22.66
CA TYR J 29 -16.62 -16.87 -22.79
C TYR J 29 -17.16 -17.60 -24.02
N GLY J 30 -18.19 -17.03 -24.65
CA GLY J 30 -18.69 -17.51 -25.95
C GLY J 30 -19.65 -18.68 -25.88
N SER J 31 -19.86 -19.32 -27.04
CA SER J 31 -20.92 -20.31 -27.23
C SER J 31 -20.38 -21.73 -27.43
N ASP J 32 -19.09 -21.84 -27.66
CA ASP J 32 -18.44 -23.16 -27.77
C ASP J 32 -18.54 -23.81 -26.41
N THR J 33 -18.58 -25.14 -26.38
CA THR J 33 -18.68 -25.89 -25.16
C THR J 33 -17.39 -26.64 -24.85
N LEU J 34 -17.28 -27.18 -23.65
CA LEU J 34 -16.07 -27.86 -23.31
C LEU J 34 -15.78 -28.98 -24.35
N ALA J 35 -16.79 -29.82 -24.63
CA ALA J 35 -16.72 -30.80 -25.74
C ALA J 35 -16.22 -30.18 -27.05
N ASP J 36 -16.76 -29.02 -27.39
CA ASP J 36 -16.28 -28.27 -28.55
C ASP J 36 -14.79 -27.91 -28.53
N VAL J 37 -14.31 -27.55 -27.33
CA VAL J 37 -12.91 -27.15 -27.13
C VAL J 37 -12.00 -28.37 -27.23
N GLU J 38 -12.41 -29.45 -26.59
CA GLU J 38 -11.64 -30.70 -26.67
C GLU J 38 -11.42 -31.06 -28.13
N ALA J 39 -12.52 -31.01 -28.87
CA ALA J 39 -12.57 -31.30 -30.31
C ALA J 39 -11.70 -30.31 -31.07
N LEU J 40 -11.77 -29.04 -30.68
CA LEU J 40 -10.92 -27.99 -31.28
C LEU J 40 -9.43 -28.30 -31.15
N CYS J 41 -9.08 -28.86 -29.98
CA CYS J 41 -7.70 -29.20 -29.50
C CYS J 41 -7.19 -30.50 -30.09
N VAL J 42 -8.09 -31.45 -30.27
CA VAL J 42 -7.73 -32.75 -30.90
C VAL J 42 -7.18 -32.49 -32.30
N LYS J 43 -7.81 -31.51 -32.92
CA LYS J 43 -7.69 -31.13 -34.27
C LYS J 43 -6.45 -30.33 -34.46
N ALA J 44 -6.19 -29.46 -33.50
CA ALA J 44 -4.97 -28.65 -33.56
C ALA J 44 -3.75 -29.49 -33.30
N ALA J 45 -3.93 -30.55 -32.51
CA ALA J 45 -2.88 -31.50 -32.26
C ALA J 45 -2.75 -32.35 -33.52
N ALA J 46 -3.83 -33.01 -33.93
CA ALA J 46 -3.80 -33.82 -35.19
C ALA J 46 -3.08 -33.01 -36.25
N ALA J 47 -3.44 -31.73 -36.33
CA ALA J 47 -2.88 -30.75 -37.25
C ALA J 47 -1.37 -30.61 -37.23
N HIS J 48 -0.74 -30.80 -36.09
CA HIS J 48 0.67 -30.49 -36.01
C HIS J 48 1.54 -31.72 -35.61
N GLY J 49 0.90 -32.89 -35.63
CA GLY J 49 1.56 -34.19 -35.40
C GLY J 49 1.10 -34.99 -34.18
N GLY J 50 0.55 -34.28 -33.17
CA GLY J 50 0.26 -34.83 -31.83
C GLY J 50 -1.14 -35.33 -31.53
N THR J 51 -1.37 -35.68 -30.25
CA THR J 51 -2.67 -36.19 -29.70
C THR J 51 -2.91 -35.48 -28.36
N VAL J 52 -4.13 -35.44 -27.85
CA VAL J 52 -4.35 -34.77 -26.54
C VAL J 52 -4.96 -35.70 -25.49
N ASP J 53 -4.73 -35.35 -24.21
CA ASP J 53 -5.38 -35.96 -23.04
C ASP J 53 -6.03 -34.80 -22.30
N PHE J 54 -7.30 -34.61 -22.62
CA PHE J 54 -8.01 -33.39 -22.29
C PHE J 54 -9.00 -33.73 -21.17
N ARG J 55 -8.85 -33.03 -20.05
CA ARG J 55 -9.66 -33.29 -18.82
C ARG J 55 -10.03 -32.00 -18.07
N GLN J 56 -11.00 -32.08 -17.14
CA GLN J 56 -11.52 -30.89 -16.44
C GLN J 56 -11.94 -31.20 -15.00
N SER J 57 -11.59 -30.35 -14.08
CA SER J 57 -11.92 -30.67 -12.70
C SER J 57 -12.21 -29.43 -11.96
N ASN J 58 -13.11 -29.52 -11.00
CA ASN J 58 -13.29 -28.46 -10.05
C ASN J 58 -12.32 -28.56 -8.84
N HIS J 59 -11.56 -29.64 -8.76
CA HIS J 59 -10.75 -29.87 -7.54
C HIS J 59 -9.31 -29.44 -7.73
N GLU J 60 -8.78 -28.62 -6.83
CA GLU J 60 -7.38 -28.21 -6.92
C GLU J 60 -6.40 -29.40 -6.83
N GLY J 61 -6.68 -30.38 -5.97
CA GLY J 61 -5.70 -31.48 -5.72
C GLY J 61 -5.63 -32.43 -6.90
N GLU J 62 -6.69 -32.49 -7.67
CA GLU J 62 -6.85 -33.47 -8.75
C GLU J 62 -6.05 -32.89 -9.84
N LEU J 63 -6.33 -31.62 -10.14
CA LEU J 63 -5.52 -30.83 -11.04
C LEU J 63 -4.05 -31.13 -10.83
N VAL J 64 -3.55 -30.88 -9.61
CA VAL J 64 -2.21 -31.25 -9.12
C VAL J 64 -1.71 -32.69 -9.45
N ASP J 65 -2.44 -33.69 -8.98
CA ASP J 65 -2.32 -35.07 -9.41
C ASP J 65 -2.11 -35.21 -10.93
N TRP J 66 -2.98 -34.56 -11.69
CA TRP J 66 -2.86 -34.69 -13.13
C TRP J 66 -1.60 -34.09 -13.72
N ILE J 67 -1.07 -33.01 -13.12
CA ILE J 67 0.19 -32.38 -13.58
C ILE J 67 1.40 -33.31 -13.29
N HIS J 68 1.32 -34.02 -12.17
CA HIS J 68 2.29 -35.09 -11.88
C HIS J 68 2.27 -36.19 -12.96
N GLU J 69 1.07 -36.58 -13.35
CA GLU J 69 0.94 -37.51 -14.43
C GLU J 69 1.50 -37.01 -15.78
N ALA J 70 1.21 -35.74 -16.11
CA ALA J 70 1.70 -35.13 -17.33
C ALA J 70 3.20 -35.15 -17.36
N ARG J 71 3.78 -34.88 -16.20
CA ARG J 71 5.22 -34.83 -15.98
C ARG J 71 5.95 -36.15 -16.32
N LEU J 72 5.31 -37.30 -16.14
CA LEU J 72 5.99 -38.55 -16.53
C LEU J 72 5.52 -39.03 -17.95
N ASN J 73 4.22 -38.88 -18.23
CA ASN J 73 3.56 -39.53 -19.37
C ASN J 73 3.23 -38.66 -20.56
N HIS J 74 3.47 -37.36 -20.47
CA HIS J 74 2.99 -36.48 -21.52
C HIS J 74 4.11 -35.58 -22.06
N CYS J 75 3.86 -34.91 -23.18
CA CYS J 75 4.91 -34.09 -23.76
C CYS J 75 4.77 -32.59 -23.45
N GLY J 76 3.57 -32.13 -23.10
CA GLY J 76 3.36 -30.72 -22.79
C GLY J 76 2.20 -30.56 -21.84
N ILE J 77 2.06 -29.35 -21.24
CA ILE J 77 0.79 -28.88 -20.58
C ILE J 77 0.37 -27.51 -21.12
N VAL J 78 -0.86 -27.53 -21.58
CA VAL J 78 -1.64 -26.38 -21.90
C VAL J 78 -2.70 -26.45 -20.79
N ILE J 79 -2.84 -25.33 -20.04
CA ILE J 79 -3.70 -25.21 -18.86
C ILE J 79 -4.53 -23.89 -18.82
N ASN J 80 -5.86 -24.05 -18.84
CA ASN J 80 -6.80 -23.09 -18.23
C ASN J 80 -7.07 -23.44 -16.77
N PRO J 81 -6.37 -22.79 -15.82
CA PRO J 81 -6.63 -23.04 -14.41
C PRO J 81 -7.90 -22.43 -13.87
N ALA J 82 -8.57 -21.67 -14.71
CA ALA J 82 -9.76 -20.99 -14.30
C ALA J 82 -9.45 -20.24 -12.97
N ALA J 83 -10.34 -20.33 -11.99
CA ALA J 83 -10.21 -19.52 -10.74
C ALA J 83 -8.96 -19.84 -9.94
N TYR J 84 -8.46 -21.04 -10.13
CA TYR J 84 -7.26 -21.47 -9.54
C TYR J 84 -6.08 -20.66 -10.07
N SER J 85 -6.15 -20.12 -11.27
CA SER J 85 -5.02 -19.29 -11.74
C SER J 85 -4.63 -18.29 -10.66
N HIS J 86 -5.63 -17.72 -9.97
CA HIS J 86 -5.48 -16.64 -8.97
C HIS J 86 -5.34 -17.05 -7.54
N THR J 87 -5.49 -18.35 -7.21
CA THR J 87 -5.53 -18.72 -5.82
C THR J 87 -4.50 -19.80 -5.54
N SER J 88 -4.13 -20.49 -6.60
CA SER J 88 -3.42 -21.77 -6.40
C SER J 88 -1.90 -21.71 -6.42
N VAL J 89 -1.27 -21.48 -5.24
CA VAL J 89 0.17 -21.82 -5.14
C VAL J 89 0.45 -23.31 -5.37
N ALA J 90 -0.52 -24.17 -5.08
CA ALA J 90 -0.29 -25.63 -5.24
C ALA J 90 -0.07 -26.07 -6.70
N ILE J 91 -0.77 -25.42 -7.62
CA ILE J 91 -0.66 -25.79 -9.02
C ILE J 91 0.50 -25.09 -9.64
N LEU J 92 0.84 -23.91 -9.11
CA LEU J 92 2.10 -23.27 -9.47
C LEU J 92 3.23 -24.24 -9.19
N ASP J 93 3.34 -24.65 -7.95
CA ASP J 93 4.43 -25.60 -7.60
C ASP J 93 4.26 -26.98 -8.19
N ALA J 94 3.05 -27.39 -8.57
CA ALA J 94 2.90 -28.66 -9.27
C ALA J 94 3.60 -28.51 -10.61
N LEU J 95 3.67 -27.27 -11.06
CA LEU J 95 4.04 -27.07 -12.41
C LEU J 95 5.57 -26.93 -12.39
N ASN J 96 6.07 -26.43 -11.28
CA ASN J 96 7.50 -26.20 -11.14
C ASN J 96 8.18 -27.57 -10.93
N THR J 97 7.46 -28.57 -10.45
CA THR J 97 8.06 -29.88 -10.39
C THR J 97 8.31 -30.45 -11.77
N CYS J 98 7.72 -29.84 -12.80
CA CYS J 98 7.84 -30.34 -14.19
C CYS J 98 9.02 -29.72 -14.98
N ASP J 99 10.27 -29.94 -14.56
CA ASP J 99 11.45 -29.36 -15.24
C ASP J 99 11.59 -29.59 -16.76
N GLY J 100 11.72 -28.52 -17.51
CA GLY J 100 11.82 -28.64 -18.97
C GLY J 100 10.66 -29.46 -19.52
N LEU J 101 9.50 -29.33 -18.91
CA LEU J 101 8.27 -29.75 -19.54
C LEU J 101 7.71 -28.43 -20.04
N PRO J 102 7.19 -28.40 -21.25
CA PRO J 102 6.42 -27.26 -21.74
C PRO J 102 4.99 -27.05 -21.16
N VAL J 103 4.70 -25.77 -20.90
CA VAL J 103 3.48 -25.26 -20.26
C VAL J 103 3.08 -23.93 -20.92
N VAL J 104 1.83 -23.85 -21.36
CA VAL J 104 1.27 -22.64 -21.84
C VAL J 104 -0.02 -22.53 -21.02
N GLU J 105 -0.20 -21.34 -20.47
CA GLU J 105 -1.35 -21.02 -19.71
C GLU J 105 -2.37 -20.35 -20.66
N VAL J 106 -3.65 -20.77 -20.53
CA VAL J 106 -4.72 -20.25 -21.39
C VAL J 106 -5.91 -19.59 -20.65
N HIS J 107 -6.17 -18.33 -20.95
CA HIS J 107 -7.41 -17.67 -20.49
C HIS J 107 -8.33 -17.24 -21.65
N ILE J 108 -9.46 -17.97 -21.78
CA ILE J 108 -10.47 -17.64 -22.79
C ILE J 108 -10.64 -16.11 -22.82
N SER J 109 -11.05 -15.55 -21.64
CA SER J 109 -11.10 -14.09 -21.38
C SER J 109 -9.73 -13.42 -21.24
N ASN J 110 -9.71 -12.13 -21.54
CA ASN J 110 -8.56 -11.32 -21.34
C ASN J 110 -8.65 -10.79 -19.94
N ILE J 111 -7.84 -11.32 -19.05
CA ILE J 111 -8.08 -11.05 -17.66
C ILE J 111 -7.74 -9.66 -17.14
N HIS J 112 -6.89 -8.95 -17.86
CA HIS J 112 -6.44 -7.60 -17.45
C HIS J 112 -7.51 -6.64 -17.74
N GLN J 113 -8.68 -7.16 -18.12
CA GLN J 113 -9.83 -6.37 -18.40
C GLN J 113 -11.00 -6.66 -17.49
N ARG J 114 -10.82 -7.57 -16.53
CA ARG J 114 -11.91 -7.97 -15.64
C ARG J 114 -11.63 -7.42 -14.23
N GLU J 115 -12.24 -8.00 -13.21
CA GLU J 115 -11.94 -7.64 -11.81
C GLU J 115 -10.44 -7.60 -11.56
N PRO J 116 -10.04 -6.70 -10.67
CA PRO J 116 -8.67 -6.66 -10.19
C PRO J 116 -8.13 -7.93 -9.52
N PHE J 117 -8.96 -8.75 -8.86
CA PHE J 117 -8.37 -10.02 -8.42
C PHE J 117 -7.88 -11.01 -9.55
N ARG J 118 -8.23 -10.67 -10.78
CA ARG J 118 -8.16 -11.59 -11.91
C ARG J 118 -6.97 -11.34 -12.74
N HIS J 119 -6.32 -10.21 -12.49
CA HIS J 119 -5.17 -9.72 -13.28
C HIS J 119 -3.87 -10.43 -12.88
N HIS J 120 -3.85 -11.15 -11.77
CA HIS J 120 -2.71 -11.93 -11.30
C HIS J 120 -2.99 -13.42 -11.31
N SER J 121 -2.03 -14.13 -11.87
CA SER J 121 -2.00 -15.56 -11.91
C SER J 121 -0.70 -16.02 -11.33
N TYR J 122 -0.83 -16.94 -10.38
CA TYR J 122 0.29 -17.71 -9.87
C TYR J 122 0.85 -18.57 -10.99
N VAL J 123 -0.02 -19.08 -11.86
CA VAL J 123 0.45 -19.92 -12.99
C VAL J 123 1.38 -19.25 -13.90
N SER J 124 1.16 -17.96 -14.13
CA SER J 124 1.99 -17.22 -15.03
C SER J 124 3.47 -17.19 -14.63
N GLN J 125 3.75 -17.17 -13.33
CA GLN J 125 5.13 -17.34 -12.77
C GLN J 125 5.94 -18.50 -13.37
N ARG J 126 5.30 -19.61 -13.71
CA ARG J 126 6.09 -20.76 -14.17
C ARG J 126 5.87 -21.00 -15.65
N ALA J 127 4.62 -20.79 -16.09
CA ALA J 127 4.25 -21.24 -17.41
C ALA J 127 5.17 -20.58 -18.41
N ASP J 128 5.63 -21.38 -19.36
CA ASP J 128 6.49 -20.87 -20.43
C ASP J 128 5.79 -19.78 -21.19
N GLY J 129 4.59 -20.10 -21.65
CA GLY J 129 3.75 -19.14 -22.31
C GLY J 129 2.43 -18.93 -21.58
N VAL J 130 1.92 -17.69 -21.67
CA VAL J 130 0.55 -17.34 -21.23
C VAL J 130 -0.35 -16.77 -22.36
N VAL J 131 -1.48 -17.42 -22.68
CA VAL J 131 -2.36 -16.73 -23.58
C VAL J 131 -3.61 -16.24 -22.91
N ALA J 132 -3.99 -15.02 -23.23
CA ALA J 132 -5.25 -14.48 -22.69
C ALA J 132 -6.11 -13.70 -23.67
N GLY J 133 -7.43 -13.79 -23.47
CA GLY J 133 -8.38 -13.11 -24.33
C GLY J 133 -8.44 -13.53 -25.79
N CYS J 134 -8.11 -14.78 -26.11
CA CYS J 134 -8.12 -15.14 -27.55
C CYS J 134 -9.24 -16.03 -28.00
N GLY J 135 -10.16 -16.25 -27.08
CA GLY J 135 -11.32 -17.12 -27.26
C GLY J 135 -10.90 -18.53 -27.02
N VAL J 136 -11.75 -19.50 -27.32
CA VAL J 136 -11.31 -20.88 -27.17
C VAL J 136 -10.12 -21.13 -28.11
N GLN J 137 -9.96 -20.28 -29.10
CA GLN J 137 -8.82 -20.33 -30.03
C GLN J 137 -7.43 -20.26 -29.39
N GLY J 138 -7.34 -19.68 -28.16
CA GLY J 138 -6.08 -19.59 -27.45
C GLY J 138 -5.60 -20.93 -26.99
N TYR J 139 -6.51 -21.89 -26.85
CA TYR J 139 -6.15 -23.27 -26.60
C TYR J 139 -5.49 -23.86 -27.82
N VAL J 140 -5.89 -23.43 -29.02
CA VAL J 140 -5.21 -23.93 -30.23
C VAL J 140 -3.78 -23.35 -30.36
N PHE J 141 -3.59 -22.15 -29.82
CA PHE J 141 -2.25 -21.55 -29.75
C PHE J 141 -1.37 -22.29 -28.78
N GLY J 142 -1.90 -22.69 -27.65
CA GLY J 142 -1.09 -23.52 -26.75
C GLY J 142 -0.69 -24.78 -27.45
N VAL J 143 -1.64 -25.44 -28.13
CA VAL J 143 -1.29 -26.69 -28.82
C VAL J 143 -0.14 -26.37 -29.76
N GLU J 144 -0.39 -25.48 -30.72
CA GLU J 144 0.65 -24.94 -31.59
C GLU J 144 1.96 -24.66 -30.90
N ARG J 145 1.91 -24.02 -29.73
CA ARG J 145 3.15 -23.70 -29.04
C ARG J 145 3.86 -24.92 -28.52
N ILE J 146 3.09 -25.88 -28.01
CA ILE J 146 3.70 -27.04 -27.48
C ILE J 146 4.37 -27.87 -28.60
N ALA J 147 3.73 -27.90 -29.78
CA ALA J 147 4.31 -28.55 -30.95
C ALA J 147 5.64 -27.91 -31.28
N ALA J 148 5.66 -26.59 -31.42
CA ALA J 148 6.91 -25.87 -31.72
C ALA J 148 8.02 -26.29 -30.80
N LEU J 149 7.67 -26.47 -29.53
CA LEU J 149 8.61 -26.76 -28.47
C LEU J 149 9.01 -28.20 -28.25
N ALA J 150 8.07 -29.13 -28.43
CA ALA J 150 8.33 -30.54 -28.18
C ALA J 150 8.94 -31.26 -29.37
N GLY J 151 8.44 -30.98 -30.57
CA GLY J 151 9.10 -31.43 -31.80
C GLY J 151 10.20 -30.46 -32.21
N ARG K 3 -38.78 -21.12 -11.11
CA ARG K 3 -38.58 -22.33 -10.30
C ARG K 3 -38.87 -22.05 -8.82
N SER K 4 -40.15 -22.01 -8.49
CA SER K 4 -40.55 -21.44 -7.19
C SER K 4 -39.94 -22.19 -6.00
N LEU K 5 -40.25 -21.70 -4.82
CA LEU K 5 -39.93 -22.35 -3.59
C LEU K 5 -40.77 -23.59 -3.45
N ALA K 6 -41.96 -23.56 -4.06
CA ALA K 6 -42.98 -24.61 -3.93
C ALA K 6 -42.55 -25.94 -4.53
N ASN K 7 -41.80 -25.91 -5.64
CA ASN K 7 -41.46 -27.15 -6.35
C ASN K 7 -39.97 -27.65 -6.36
N ALA K 8 -39.06 -26.95 -5.65
CA ALA K 8 -37.61 -27.33 -5.58
C ALA K 8 -37.03 -27.01 -4.20
N PRO K 9 -36.10 -27.82 -3.69
CA PRO K 9 -35.50 -27.49 -2.41
C PRO K 9 -34.54 -26.26 -2.55
N ILE K 10 -34.45 -25.48 -1.47
CA ILE K 10 -33.35 -24.56 -1.24
C ILE K 10 -32.09 -25.42 -0.98
N MET K 11 -31.00 -25.11 -1.64
CA MET K 11 -29.75 -25.80 -1.38
C MET K 11 -29.07 -25.02 -0.31
N ILE K 12 -28.61 -25.75 0.71
CA ILE K 12 -28.00 -25.16 1.91
C ILE K 12 -26.62 -25.70 2.19
N LEU K 13 -25.59 -24.92 1.79
CA LEU K 13 -24.17 -25.28 1.86
C LEU K 13 -23.31 -24.68 3.00
N ASN K 14 -22.47 -25.57 3.55
CA ASN K 14 -21.61 -25.22 4.65
C ASN K 14 -20.21 -25.67 4.34
N GLY K 15 -19.26 -24.72 4.36
CA GLY K 15 -17.85 -25.01 4.08
C GLY K 15 -17.06 -25.77 5.18
N PRO K 16 -15.74 -25.76 5.04
CA PRO K 16 -14.83 -26.43 5.93
C PRO K 16 -14.91 -26.11 7.41
N ASN K 17 -14.72 -27.18 8.18
CA ASN K 17 -14.75 -27.18 9.62
C ASN K 17 -16.13 -27.23 10.27
N LEU K 18 -17.21 -26.83 9.57
CA LEU K 18 -18.52 -26.65 10.20
C LEU K 18 -19.17 -27.98 10.65
N ASN K 19 -18.62 -29.11 10.24
CA ASN K 19 -19.06 -30.38 10.83
C ASN K 19 -18.98 -30.37 12.41
N LEU K 20 -18.05 -29.57 12.94
CA LEU K 20 -17.74 -29.62 14.32
C LEU K 20 -18.32 -28.47 15.09
N LEU K 21 -19.18 -27.73 14.44
CA LEU K 21 -19.79 -26.61 15.04
C LEU K 21 -20.39 -27.06 16.38
N GLY K 22 -20.17 -26.28 17.44
CA GLY K 22 -20.69 -26.64 18.76
C GLY K 22 -19.74 -27.34 19.73
N GLN K 23 -18.60 -27.84 19.25
CA GLN K 23 -17.67 -28.44 20.19
C GLN K 23 -16.70 -27.45 20.80
N ARG K 24 -16.64 -26.22 20.28
CA ARG K 24 -15.71 -25.17 20.75
C ARG K 24 -16.21 -23.75 20.43
N GLN K 25 -15.54 -22.76 21.04
CA GLN K 25 -15.81 -21.34 20.79
C GLN K 25 -17.31 -20.98 20.68
N PRO K 26 -18.11 -21.41 21.65
CA PRO K 26 -19.54 -21.19 21.59
C PRO K 26 -19.85 -19.71 21.91
N GLU K 27 -18.82 -19.02 22.46
CA GLU K 27 -18.83 -17.56 22.65
C GLU K 27 -18.60 -16.84 21.34
N ILE K 28 -18.28 -17.61 20.28
CA ILE K 28 -18.08 -17.10 18.92
C ILE K 28 -19.01 -17.81 17.91
N TYR K 29 -19.13 -19.11 18.02
CA TYR K 29 -19.93 -19.77 17.05
C TYR K 29 -21.20 -20.43 17.62
N GLY K 30 -21.41 -20.33 18.93
CA GLY K 30 -22.63 -20.88 19.55
C GLY K 30 -22.54 -22.30 20.08
N SER K 31 -23.69 -22.83 20.51
CA SER K 31 -23.72 -24.17 21.14
C SER K 31 -24.30 -25.23 20.26
N ASP K 32 -25.08 -24.78 19.28
CA ASP K 32 -25.73 -25.61 18.28
C ASP K 32 -24.75 -26.32 17.40
N THR K 33 -25.01 -27.59 17.22
CA THR K 33 -24.38 -28.39 16.19
C THR K 33 -24.96 -28.07 14.80
N LEU K 34 -24.31 -28.65 13.78
CA LEU K 34 -24.74 -28.47 12.40
C LEU K 34 -26.07 -29.21 12.17
N ALA K 35 -26.16 -30.44 12.68
CA ALA K 35 -27.47 -31.13 12.73
C ALA K 35 -28.55 -30.19 13.25
N ASP K 36 -28.30 -29.51 14.36
CA ASP K 36 -29.19 -28.54 14.95
C ASP K 36 -29.52 -27.39 14.00
N VAL K 37 -28.45 -26.75 13.51
CA VAL K 37 -28.59 -25.77 12.47
C VAL K 37 -29.49 -26.31 11.34
N GLU K 38 -29.11 -27.47 10.79
CA GLU K 38 -29.87 -28.08 9.75
C GLU K 38 -31.35 -28.10 10.18
N ALA K 39 -31.62 -28.41 11.44
CA ALA K 39 -33.00 -28.51 11.92
C ALA K 39 -33.73 -27.17 11.75
N LEU K 40 -33.04 -26.08 12.13
CA LEU K 40 -33.55 -24.70 12.00
C LEU K 40 -33.95 -24.47 10.58
N CYS K 41 -33.03 -24.89 9.71
CA CYS K 41 -33.21 -24.69 8.31
C CYS K 41 -34.48 -25.34 7.83
N VAL K 42 -34.69 -26.61 8.18
CA VAL K 42 -35.95 -27.33 7.86
C VAL K 42 -37.24 -26.60 8.39
N LYS K 43 -37.21 -26.25 9.66
CA LYS K 43 -38.26 -25.52 10.34
C LYS K 43 -38.50 -24.15 9.66
N ALA K 44 -37.39 -23.46 9.36
CA ALA K 44 -37.44 -22.23 8.63
C ALA K 44 -37.91 -22.37 7.19
N ALA K 45 -37.51 -23.37 6.44
CA ALA K 45 -38.08 -23.49 5.09
C ALA K 45 -39.62 -23.80 5.04
N ALA K 46 -40.05 -24.88 5.71
CA ALA K 46 -41.48 -25.22 5.91
C ALA K 46 -42.28 -24.05 6.48
N ALA K 47 -41.66 -23.19 7.29
CA ALA K 47 -42.29 -21.96 7.71
C ALA K 47 -42.86 -21.16 6.53
N HIS K 48 -42.28 -21.38 5.34
CA HIS K 48 -42.56 -20.61 4.15
C HIS K 48 -42.88 -21.52 2.97
N GLY K 49 -43.26 -22.74 3.31
CA GLY K 49 -43.86 -23.66 2.33
C GLY K 49 -42.81 -24.27 1.43
N GLY K 50 -41.54 -24.30 1.89
CA GLY K 50 -40.48 -24.99 1.16
C GLY K 50 -39.75 -26.10 1.89
N THR K 51 -38.93 -26.83 1.14
CA THR K 51 -37.98 -27.84 1.67
C THR K 51 -36.51 -27.40 1.42
N VAL K 52 -35.58 -28.02 2.16
CA VAL K 52 -34.12 -27.79 2.06
C VAL K 52 -33.32 -29.09 1.78
N ASP K 53 -32.22 -28.90 1.06
CA ASP K 53 -31.25 -29.92 0.79
C ASP K 53 -29.90 -29.40 1.37
N PHE K 54 -29.58 -29.88 2.56
CA PHE K 54 -28.61 -29.24 3.45
C PHE K 54 -27.33 -30.03 3.42
N ARG K 55 -26.20 -29.34 3.23
CA ARG K 55 -24.94 -30.07 3.04
C ARG K 55 -23.77 -29.34 3.65
N GLN K 56 -22.75 -30.12 4.00
CA GLN K 56 -21.49 -29.60 4.52
C GLN K 56 -20.33 -30.26 3.82
N SER K 57 -19.31 -29.48 3.51
CA SER K 57 -18.08 -30.08 2.91
C SER K 57 -16.83 -29.29 3.26
N ASN K 58 -15.75 -30.04 3.50
CA ASN K 58 -14.41 -29.47 3.65
C ASN K 58 -13.66 -29.31 2.29
N HIS K 59 -14.24 -29.83 1.22
CA HIS K 59 -13.63 -29.75 -0.15
C HIS K 59 -14.17 -28.66 -1.07
N GLU K 60 -13.23 -27.86 -1.61
CA GLU K 60 -13.57 -26.64 -2.27
C GLU K 60 -14.22 -27.06 -3.51
N GLY K 61 -13.75 -28.17 -4.06
CA GLY K 61 -14.25 -28.51 -5.39
C GLY K 61 -15.61 -29.20 -5.36
N GLU K 62 -15.91 -29.85 -4.25
CA GLU K 62 -17.19 -30.50 -3.99
C GLU K 62 -18.33 -29.49 -3.74
N LEU K 63 -18.00 -28.37 -3.09
CA LEU K 63 -18.92 -27.26 -2.95
C LEU K 63 -19.15 -26.63 -4.31
N VAL K 64 -18.10 -26.40 -5.08
CA VAL K 64 -18.25 -26.06 -6.52
C VAL K 64 -19.17 -27.02 -7.27
N ASP K 65 -19.00 -28.31 -7.06
CA ASP K 65 -19.86 -29.34 -7.64
C ASP K 65 -21.30 -29.22 -7.13
N TRP K 66 -21.46 -28.99 -5.84
CA TRP K 66 -22.84 -28.86 -5.34
C TRP K 66 -23.54 -27.57 -5.80
N ILE K 67 -22.80 -26.47 -5.89
CA ILE K 67 -23.29 -25.22 -6.56
C ILE K 67 -23.89 -25.47 -7.96
N HIS K 68 -23.14 -26.17 -8.81
CA HIS K 68 -23.62 -26.57 -10.16
C HIS K 68 -24.87 -27.47 -10.09
N GLU K 69 -24.89 -28.39 -9.12
CA GLU K 69 -26.10 -29.16 -8.91
C GLU K 69 -27.38 -28.31 -8.62
N ALA K 70 -27.26 -27.28 -7.79
CA ALA K 70 -28.40 -26.38 -7.43
C ALA K 70 -28.89 -25.49 -8.56
N ARG K 71 -27.95 -25.08 -9.39
CA ARG K 71 -28.20 -24.37 -10.65
C ARG K 71 -29.32 -25.05 -11.48
N LEU K 72 -29.23 -26.37 -11.68
CA LEU K 72 -30.29 -27.06 -12.39
C LEU K 72 -31.45 -27.53 -11.50
N ASN K 73 -31.12 -27.80 -10.25
CA ASN K 73 -31.97 -28.63 -9.42
C ASN K 73 -32.69 -27.94 -8.30
N HIS K 74 -32.31 -26.70 -8.01
CA HIS K 74 -32.78 -26.15 -6.73
C HIS K 74 -33.27 -24.78 -6.98
N CYS K 75 -33.88 -24.18 -5.98
CA CYS K 75 -34.55 -22.91 -6.19
C CYS K 75 -33.74 -21.72 -5.67
N GLY K 76 -32.85 -22.01 -4.75
CA GLY K 76 -32.01 -21.01 -4.18
C GLY K 76 -30.83 -21.63 -3.48
N ILE K 77 -29.90 -20.78 -3.03
CA ILE K 77 -28.75 -21.27 -2.22
C ILE K 77 -28.63 -20.43 -0.97
N VAL K 78 -28.62 -21.11 0.18
CA VAL K 78 -28.05 -20.51 1.38
C VAL K 78 -26.66 -21.11 1.66
N ILE K 79 -25.62 -20.26 1.61
CA ILE K 79 -24.21 -20.67 1.85
C ILE K 79 -23.38 -19.93 2.96
N ASN K 80 -22.81 -20.71 3.89
CA ASN K 80 -21.73 -20.20 4.72
C ASN K 80 -20.51 -20.92 4.21
N PRO K 81 -19.71 -20.16 3.47
CA PRO K 81 -18.61 -20.78 2.72
C PRO K 81 -17.45 -21.08 3.69
N ALA K 82 -17.63 -20.62 4.95
CA ALA K 82 -16.60 -20.69 5.99
C ALA K 82 -15.27 -19.99 5.62
N ALA K 83 -14.16 -20.75 5.66
CA ALA K 83 -12.84 -20.24 5.36
C ALA K 83 -12.61 -19.95 3.87
N TYR K 84 -13.36 -20.67 3.02
CA TYR K 84 -13.29 -20.50 1.57
C TYR K 84 -13.84 -19.15 1.18
N SER K 85 -14.58 -18.55 2.10
CA SER K 85 -15.09 -17.22 1.86
C SER K 85 -13.97 -16.28 1.51
N HIS K 86 -12.88 -16.39 2.24
CA HIS K 86 -11.70 -15.53 2.15
C HIS K 86 -10.73 -16.00 1.10
N THR K 87 -10.94 -17.22 0.56
CA THR K 87 -9.99 -17.77 -0.45
C THR K 87 -10.53 -18.14 -1.80
N SER K 88 -11.79 -18.50 -1.88
CA SER K 88 -12.29 -19.29 -3.04
C SER K 88 -12.90 -18.48 -4.16
N VAL K 89 -12.20 -18.43 -5.27
CA VAL K 89 -12.63 -17.67 -6.38
C VAL K 89 -13.37 -18.73 -7.26
N ALA K 90 -12.92 -19.99 -7.12
CA ALA K 90 -13.72 -21.13 -7.56
C ALA K 90 -15.19 -21.00 -7.21
N ILE K 91 -15.48 -20.67 -5.95
CA ILE K 91 -16.82 -20.75 -5.41
C ILE K 91 -17.57 -19.52 -5.85
N LEU K 92 -16.91 -18.37 -5.70
CA LEU K 92 -17.36 -17.16 -6.36
C LEU K 92 -17.74 -17.42 -7.83
N ASP K 93 -16.80 -17.91 -8.64
CA ASP K 93 -17.06 -18.16 -10.08
C ASP K 93 -18.22 -19.14 -10.34
N ALA K 94 -18.44 -20.07 -9.41
CA ALA K 94 -19.46 -21.13 -9.60
C ALA K 94 -20.83 -20.54 -9.28
N LEU K 95 -20.86 -19.69 -8.26
CA LEU K 95 -22.05 -18.93 -7.99
C LEU K 95 -22.36 -17.94 -9.12
N ASN K 96 -21.33 -17.44 -9.81
CA ASN K 96 -21.55 -16.56 -10.95
C ASN K 96 -22.28 -17.25 -12.14
N THR K 97 -22.04 -18.52 -12.32
CA THR K 97 -22.75 -19.23 -13.39
C THR K 97 -24.24 -19.36 -13.05
N CYS K 98 -24.64 -18.76 -11.94
CA CYS K 98 -25.96 -19.04 -11.36
C CYS K 98 -27.05 -18.00 -11.66
N ASP K 99 -27.31 -17.81 -12.95
CA ASP K 99 -28.31 -16.85 -13.47
C ASP K 99 -29.68 -16.87 -12.75
N GLY K 100 -30.21 -15.69 -12.48
CA GLY K 100 -31.57 -15.61 -11.96
C GLY K 100 -31.68 -16.08 -10.53
N LEU K 101 -31.22 -17.30 -10.27
CA LEU K 101 -31.12 -17.91 -8.93
C LEU K 101 -30.67 -17.01 -7.75
N PRO K 102 -31.44 -16.95 -6.67
CA PRO K 102 -31.03 -16.14 -5.48
C PRO K 102 -29.94 -16.79 -4.58
N VAL K 103 -29.07 -15.96 -4.02
CA VAL K 103 -27.98 -16.46 -3.20
C VAL K 103 -27.71 -15.50 -2.04
N VAL K 104 -28.00 -15.99 -0.84
CA VAL K 104 -27.64 -15.39 0.44
C VAL K 104 -26.38 -16.08 1.04
N GLU K 105 -25.36 -15.26 1.35
CA GLU K 105 -24.18 -15.73 2.07
C GLU K 105 -24.30 -15.51 3.59
N VAL K 106 -23.88 -16.55 4.33
CA VAL K 106 -24.10 -16.61 5.77
C VAL K 106 -22.82 -16.67 6.59
N HIS K 107 -22.68 -15.80 7.59
CA HIS K 107 -21.60 -15.87 8.57
C HIS K 107 -22.16 -15.75 9.97
N ILE K 108 -21.96 -16.82 10.77
CA ILE K 108 -22.56 -16.93 12.15
C ILE K 108 -21.94 -15.86 13.02
N SER K 109 -20.62 -15.72 12.83
CA SER K 109 -19.78 -14.65 13.44
C SER K 109 -19.72 -13.32 12.60
N ASN K 110 -19.55 -12.20 13.30
CA ASN K 110 -19.24 -10.94 12.64
C ASN K 110 -17.79 -10.98 12.12
N ILE K 111 -17.64 -11.48 10.90
CA ILE K 111 -16.29 -11.60 10.33
C ILE K 111 -15.51 -10.26 10.26
N HIS K 112 -16.24 -9.12 10.25
CA HIS K 112 -15.63 -7.81 10.21
C HIS K 112 -15.10 -7.42 11.59
N GLN K 113 -15.43 -8.19 12.61
CA GLN K 113 -14.85 -7.92 13.94
C GLN K 113 -13.63 -8.79 14.29
N ARG K 114 -13.34 -9.75 13.42
CA ARG K 114 -12.22 -10.67 13.66
C ARG K 114 -10.95 -10.35 12.80
N GLU K 115 -10.09 -11.32 12.58
CA GLU K 115 -8.84 -11.04 11.87
C GLU K 115 -8.99 -10.30 10.53
N PRO K 116 -8.08 -9.39 10.21
CA PRO K 116 -8.08 -8.70 8.92
C PRO K 116 -8.25 -9.59 7.70
N PHE K 117 -7.80 -10.83 7.77
CA PHE K 117 -7.95 -11.70 6.57
C PHE K 117 -9.40 -12.28 6.52
N ARG K 118 -10.18 -12.00 7.56
CA ARG K 118 -11.56 -12.45 7.65
C ARG K 118 -12.59 -11.36 7.28
N HIS K 119 -12.15 -10.15 7.02
CA HIS K 119 -13.02 -9.07 6.63
C HIS K 119 -13.60 -9.13 5.21
N HIS K 120 -12.85 -9.74 4.31
CA HIS K 120 -13.19 -9.89 2.91
C HIS K 120 -13.64 -11.34 2.60
N SER K 121 -14.70 -11.42 1.81
CA SER K 121 -15.33 -12.63 1.31
C SER K 121 -15.44 -12.53 -0.19
N TYR K 122 -14.79 -13.47 -0.90
CA TYR K 122 -14.95 -13.59 -2.35
C TYR K 122 -16.43 -13.79 -2.73
N VAL K 123 -17.15 -14.60 -1.97
CA VAL K 123 -18.55 -14.94 -2.27
C VAL K 123 -19.43 -13.71 -2.24
N SER K 124 -19.10 -12.79 -1.36
CA SER K 124 -19.81 -11.48 -1.30
C SER K 124 -19.88 -10.70 -2.59
N GLN K 125 -19.04 -11.06 -3.53
CA GLN K 125 -19.07 -10.34 -4.78
C GLN K 125 -20.21 -10.82 -5.73
N ARG K 126 -21.01 -11.74 -5.26
CA ARG K 126 -22.10 -12.34 -6.03
C ARG K 126 -23.34 -12.53 -5.19
N ALA K 127 -23.16 -13.08 -4.00
CA ALA K 127 -24.31 -13.24 -3.07
C ALA K 127 -25.25 -12.04 -3.18
N ASP K 128 -26.56 -12.29 -3.14
CA ASP K 128 -27.50 -11.21 -3.17
C ASP K 128 -27.59 -10.55 -1.79
N GLY K 129 -27.83 -11.36 -0.77
CA GLY K 129 -27.70 -10.95 0.63
C GLY K 129 -26.45 -11.55 1.32
N VAL K 130 -25.85 -10.79 2.22
CA VAL K 130 -24.79 -11.28 3.02
C VAL K 130 -25.28 -11.03 4.42
N VAL K 131 -25.32 -12.10 5.20
CA VAL K 131 -25.71 -12.03 6.61
C VAL K 131 -24.56 -12.42 7.55
N ALA K 132 -24.34 -11.64 8.58
CA ALA K 132 -23.24 -11.95 9.44
C ALA K 132 -23.44 -11.60 10.90
N GLY K 133 -22.78 -12.35 11.78
CA GLY K 133 -22.80 -11.97 13.17
C GLY K 133 -24.18 -12.24 13.71
N CYS K 134 -25.03 -12.98 12.94
CA CYS K 134 -26.42 -13.18 13.39
C CYS K 134 -26.69 -14.57 14.03
N GLY K 135 -25.60 -15.25 14.34
CA GLY K 135 -25.71 -16.55 14.90
C GLY K 135 -26.16 -17.60 13.89
N VAL K 136 -26.61 -18.71 14.45
CA VAL K 136 -27.16 -19.72 13.60
C VAL K 136 -28.48 -19.19 13.03
N GLN K 137 -29.13 -18.28 13.77
CA GLN K 137 -30.27 -17.52 13.26
C GLN K 137 -29.95 -16.80 11.96
N GLY K 138 -28.68 -16.40 11.76
CA GLY K 138 -28.33 -15.93 10.40
C GLY K 138 -28.81 -16.81 9.25
N TYR K 139 -28.86 -18.10 9.45
CA TYR K 139 -29.38 -19.12 8.50
C TYR K 139 -30.92 -19.05 8.23
N VAL K 140 -31.72 -18.71 9.26
CA VAL K 140 -33.18 -18.53 9.08
C VAL K 140 -33.42 -17.40 8.13
N PHE K 141 -32.70 -16.30 8.40
CA PHE K 141 -32.64 -15.12 7.50
C PHE K 141 -32.35 -15.49 6.04
N GLY K 142 -31.25 -16.19 5.82
CA GLY K 142 -30.93 -16.67 4.46
C GLY K 142 -32.18 -17.25 3.82
N VAL K 143 -32.76 -18.26 4.45
CA VAL K 143 -34.00 -18.94 3.98
C VAL K 143 -35.21 -17.99 3.88
N GLU K 144 -35.42 -17.14 4.86
CA GLU K 144 -36.43 -16.13 4.72
C GLU K 144 -36.24 -15.25 3.51
N ARG K 145 -34.95 -15.02 3.14
CA ARG K 145 -34.68 -14.22 1.99
C ARG K 145 -34.86 -14.99 0.71
N ILE K 146 -34.44 -16.22 0.68
CA ILE K 146 -34.80 -17.02 -0.52
C ILE K 146 -36.32 -17.16 -0.56
N ALA K 147 -36.95 -17.44 0.57
CA ALA K 147 -38.40 -17.68 0.50
C ALA K 147 -39.05 -16.50 -0.23
N ALA K 148 -38.59 -15.31 0.11
CA ALA K 148 -39.10 -14.08 -0.47
C ALA K 148 -38.76 -13.85 -1.95
N LEU K 149 -37.64 -14.35 -2.41
CA LEU K 149 -37.19 -14.05 -3.76
C LEU K 149 -37.58 -15.15 -4.72
N ALA K 150 -37.54 -16.38 -4.19
CA ALA K 150 -37.82 -17.60 -4.92
C ALA K 150 -39.29 -17.72 -5.26
N GLY K 151 -40.01 -16.59 -5.22
CA GLY K 151 -41.47 -16.53 -5.49
C GLY K 151 -42.30 -15.72 -4.48
N ARG L 3 -3.90 -36.54 25.69
CA ARG L 3 -3.19 -37.62 25.00
C ARG L 3 -1.69 -37.39 25.05
N SER L 4 -0.93 -38.49 25.01
CA SER L 4 0.51 -38.42 25.16
C SER L 4 1.21 -39.37 24.18
N LEU L 5 2.54 -39.30 24.06
CA LEU L 5 3.27 -40.12 23.07
C LEU L 5 2.91 -41.55 23.26
N ALA L 6 2.80 -41.88 24.54
CA ALA L 6 2.57 -43.21 25.06
C ALA L 6 1.39 -43.87 24.38
N ASN L 7 0.32 -43.11 24.19
CA ASN L 7 -0.90 -43.70 23.70
C ASN L 7 -1.35 -43.36 22.31
N ALA L 8 -0.92 -42.21 21.84
CA ALA L 8 -1.35 -41.81 20.53
C ALA L 8 -0.17 -41.35 19.73
N PRO L 9 -0.21 -41.79 18.46
CA PRO L 9 0.73 -41.34 17.43
C PRO L 9 0.73 -39.84 17.31
N ILE L 10 1.88 -39.33 16.86
CA ILE L 10 2.03 -37.95 16.41
C ILE L 10 1.53 -37.95 14.99
N MET L 11 0.57 -37.07 14.66
CA MET L 11 0.18 -36.93 13.24
C MET L 11 1.21 -36.06 12.53
N ILE L 12 1.62 -36.54 11.37
CA ILE L 12 2.58 -35.85 10.52
C ILE L 12 2.04 -35.75 9.13
N LEU L 13 1.67 -34.50 8.84
CA LEU L 13 0.88 -34.20 7.65
C LEU L 13 1.77 -33.48 6.69
N ASN L 14 1.68 -33.86 5.43
CA ASN L 14 2.49 -33.29 4.41
C ASN L 14 1.61 -32.75 3.30
N GLY L 15 1.86 -31.46 2.96
CA GLY L 15 1.07 -30.71 2.00
C GLY L 15 1.30 -31.17 0.57
N PRO L 16 0.80 -30.43 -0.41
CA PRO L 16 0.84 -30.89 -1.81
C PRO L 16 2.26 -30.91 -2.41
N ASN L 17 2.51 -31.84 -3.32
CA ASN L 17 3.75 -31.83 -4.03
C ASN L 17 4.91 -32.62 -3.42
N LEU L 18 4.85 -32.79 -2.10
CA LEU L 18 5.86 -33.43 -1.24
C LEU L 18 6.12 -34.91 -1.60
N ASN L 19 5.09 -35.58 -2.14
CA ASN L 19 5.18 -36.93 -2.64
C ASN L 19 6.32 -37.04 -3.65
N LEU L 20 6.66 -35.93 -4.26
CA LEU L 20 7.76 -35.94 -5.25
C LEU L 20 9.06 -35.43 -4.64
N LEU L 21 9.03 -35.23 -3.34
CA LEU L 21 10.23 -34.84 -2.63
C LEU L 21 11.46 -35.70 -3.09
N GLY L 22 12.62 -35.09 -3.16
CA GLY L 22 13.79 -35.83 -3.62
C GLY L 22 13.99 -35.67 -5.10
N GLN L 23 12.92 -35.90 -5.88
CA GLN L 23 13.01 -35.97 -7.36
C GLN L 23 13.43 -34.69 -8.14
N ARG L 24 14.01 -33.68 -7.47
CA ARG L 24 14.39 -32.41 -8.16
C ARG L 24 14.59 -31.21 -7.23
N GLN L 25 15.38 -30.22 -7.68
CA GLN L 25 15.84 -29.08 -6.86
C GLN L 25 16.32 -29.50 -5.45
N PRO L 26 17.22 -30.48 -5.37
CA PRO L 26 17.76 -30.94 -4.09
C PRO L 26 18.67 -29.88 -3.51
N GLU L 27 18.94 -28.87 -4.35
CA GLU L 27 19.67 -27.66 -4.04
C GLU L 27 18.80 -26.66 -3.29
N ILE L 28 17.49 -26.94 -3.25
CA ILE L 28 16.55 -26.21 -2.38
C ILE L 28 15.93 -27.12 -1.30
N TYR L 29 15.52 -28.34 -1.66
CA TYR L 29 14.91 -29.23 -0.65
C TYR L 29 15.67 -30.51 -0.25
N GLY L 30 16.82 -30.78 -0.87
CA GLY L 30 17.61 -32.01 -0.60
C GLY L 30 17.18 -33.26 -1.37
N SER L 31 17.93 -34.35 -1.22
CA SER L 31 17.77 -35.54 -2.05
C SER L 31 16.99 -36.63 -1.33
N ASP L 32 16.74 -36.42 -0.03
CA ASP L 32 15.92 -37.39 0.70
C ASP L 32 14.52 -37.35 0.10
N THR L 33 13.87 -38.50 0.10
CA THR L 33 12.57 -38.64 -0.52
C THR L 33 11.62 -38.50 0.63
N LEU L 34 10.34 -38.54 0.33
CA LEU L 34 9.36 -38.37 1.40
C LEU L 34 9.46 -39.58 2.30
N ALA L 35 9.66 -40.75 1.69
CA ALA L 35 9.89 -42.02 2.42
C ALA L 35 11.05 -41.93 3.42
N ASP L 36 12.16 -41.32 3.00
CA ASP L 36 13.28 -41.06 3.90
C ASP L 36 12.84 -40.24 5.15
N VAL L 37 11.95 -39.27 4.94
CA VAL L 37 11.51 -38.26 5.91
C VAL L 37 10.57 -38.91 6.91
N GLU L 38 9.78 -39.82 6.40
CA GLU L 38 8.89 -40.61 7.23
C GLU L 38 9.76 -41.52 8.09
N ALA L 39 10.73 -42.18 7.46
CA ALA L 39 11.75 -42.91 8.25
C ALA L 39 12.31 -42.00 9.37
N LEU L 40 12.81 -40.81 9.03
CA LEU L 40 13.27 -39.84 10.09
C LEU L 40 12.32 -39.58 11.26
N CYS L 41 11.06 -39.42 10.89
CA CYS L 41 10.01 -39.21 11.83
C CYS L 41 9.75 -40.43 12.73
N VAL L 42 9.67 -41.60 12.13
CA VAL L 42 9.50 -42.87 12.90
C VAL L 42 10.63 -43.05 13.90
N LYS L 43 11.86 -42.62 13.54
CA LYS L 43 13.02 -42.71 14.44
C LYS L 43 13.04 -41.68 15.56
N ALA L 44 12.75 -40.43 15.21
CA ALA L 44 12.61 -39.37 16.18
C ALA L 44 11.51 -39.70 17.18
N ALA L 45 10.36 -40.22 16.75
CA ALA L 45 9.34 -40.53 17.76
C ALA L 45 9.79 -41.69 18.59
N ALA L 46 10.37 -42.72 17.92
CA ALA L 46 10.82 -43.95 18.63
C ALA L 46 11.68 -43.53 19.80
N ALA L 47 12.69 -42.72 19.50
CA ALA L 47 13.66 -42.26 20.50
C ALA L 47 12.95 -41.65 21.73
N HIS L 48 11.67 -41.38 21.60
CA HIS L 48 10.99 -40.57 22.56
C HIS L 48 9.90 -41.37 23.19
N GLY L 49 9.85 -42.64 22.81
CA GLY L 49 8.86 -43.55 23.35
C GLY L 49 7.54 -43.47 22.61
N GLY L 50 7.58 -42.82 21.41
CA GLY L 50 6.44 -42.48 20.59
C GLY L 50 6.31 -43.19 19.25
N THR L 51 5.17 -42.96 18.61
CA THR L 51 4.97 -43.42 17.25
C THR L 51 4.47 -42.24 16.40
N VAL L 52 4.40 -42.45 15.09
CA VAL L 52 3.93 -41.43 14.20
C VAL L 52 2.88 -41.96 13.22
N ASP L 53 2.07 -41.04 12.69
CA ASP L 53 1.08 -41.38 11.70
C ASP L 53 1.38 -40.40 10.56
N PHE L 54 2.16 -40.87 9.59
CA PHE L 54 2.75 -40.00 8.61
C PHE L 54 1.91 -39.94 7.32
N ARG L 55 1.42 -38.74 6.95
CA ARG L 55 0.54 -38.66 5.77
C ARG L 55 0.97 -37.60 4.74
N GLN L 56 0.49 -37.77 3.51
CA GLN L 56 0.68 -36.77 2.47
C GLN L 56 -0.54 -36.70 1.54
N SER L 57 -1.03 -35.47 1.34
CA SER L 57 -2.08 -35.17 0.37
C SER L 57 -1.84 -33.87 -0.45
N ASN L 58 -2.30 -33.86 -1.70
CA ASN L 58 -2.35 -32.71 -2.58
C ASN L 58 -3.61 -31.87 -2.36
N HIS L 59 -4.53 -32.41 -1.59
CA HIS L 59 -5.90 -31.99 -1.49
C HIS L 59 -6.17 -31.24 -0.20
N GLU L 60 -6.24 -29.92 -0.30
CA GLU L 60 -6.65 -29.06 0.81
C GLU L 60 -7.68 -29.70 1.78
N GLY L 61 -8.70 -30.36 1.25
CA GLY L 61 -9.79 -30.80 2.09
C GLY L 61 -9.54 -32.07 2.86
N GLU L 62 -8.84 -32.98 2.22
CA GLU L 62 -8.43 -34.22 2.85
C GLU L 62 -7.66 -33.94 4.18
N LEU L 63 -6.62 -33.13 4.07
CA LEU L 63 -5.88 -32.56 5.18
C LEU L 63 -6.80 -31.93 6.23
N VAL L 64 -7.85 -31.22 5.79
CA VAL L 64 -8.83 -30.78 6.76
C VAL L 64 -9.38 -32.05 7.49
N ASP L 65 -9.83 -33.10 6.79
CA ASP L 65 -10.39 -34.33 7.44
C ASP L 65 -9.36 -34.97 8.46
N TRP L 66 -8.09 -35.08 8.01
CA TRP L 66 -6.98 -35.64 8.82
C TRP L 66 -6.65 -34.82 10.05
N ILE L 67 -6.66 -33.49 9.96
CA ILE L 67 -6.59 -32.62 11.19
C ILE L 67 -7.78 -32.88 12.14
N HIS L 68 -8.99 -33.04 11.58
CA HIS L 68 -10.15 -33.43 12.44
C HIS L 68 -9.95 -34.83 13.09
N GLU L 69 -9.40 -35.79 12.31
CA GLU L 69 -9.01 -37.11 12.86
C GLU L 69 -7.90 -37.06 13.96
N ALA L 70 -6.78 -36.39 13.68
CA ALA L 70 -5.77 -36.08 14.72
C ALA L 70 -6.41 -35.40 15.93
N ARG L 71 -7.35 -34.51 15.67
CA ARG L 71 -8.06 -33.86 16.75
C ARG L 71 -8.41 -34.90 17.83
N LEU L 72 -9.00 -36.04 17.47
CA LEU L 72 -9.46 -36.91 18.57
C LEU L 72 -8.57 -38.09 18.88
N ASN L 73 -7.52 -38.30 18.09
CA ASN L 73 -6.87 -39.57 18.04
C ASN L 73 -5.36 -39.54 18.24
N HIS L 74 -4.77 -38.34 18.19
CA HIS L 74 -3.33 -38.12 18.26
C HIS L 74 -2.86 -37.18 19.41
N CYS L 75 -1.57 -37.26 19.74
CA CYS L 75 -0.99 -36.44 20.80
C CYS L 75 -0.41 -35.07 20.34
N GLY L 76 -0.36 -34.82 19.03
CA GLY L 76 0.17 -33.56 18.53
C GLY L 76 0.25 -33.64 17.04
N ILE L 77 0.65 -32.54 16.38
CA ILE L 77 0.78 -32.51 14.88
C ILE L 77 1.97 -31.76 14.38
N VAL L 78 2.62 -32.36 13.41
CA VAL L 78 3.75 -31.76 12.78
C VAL L 78 3.30 -31.71 11.38
N ILE L 79 3.07 -30.47 10.94
CA ILE L 79 2.63 -30.27 9.60
C ILE L 79 3.67 -29.50 8.80
N ASN L 80 3.91 -29.97 7.60
CA ASN L 80 4.44 -29.17 6.52
C ASN L 80 3.27 -28.96 5.55
N PRO L 81 2.55 -27.80 5.59
CA PRO L 81 1.49 -27.52 4.61
C PRO L 81 1.94 -27.18 3.18
N ALA L 82 3.24 -26.94 2.96
CA ALA L 82 3.77 -26.71 1.65
C ALA L 82 3.00 -25.52 1.00
N ALA L 83 2.58 -25.57 -0.27
CA ALA L 83 1.86 -24.45 -0.84
C ALA L 83 0.69 -23.85 -0.02
N TYR L 84 -0.07 -24.72 0.68
CA TYR L 84 -1.20 -24.38 1.55
C TYR L 84 -0.89 -23.53 2.72
N SER L 85 0.37 -23.49 3.12
CA SER L 85 0.72 -22.55 4.17
C SER L 85 0.19 -21.18 3.78
N HIS L 86 0.33 -20.82 2.51
CA HIS L 86 0.33 -19.43 2.08
C HIS L 86 -1.02 -19.08 1.60
N THR L 87 -1.81 -20.12 1.39
CA THR L 87 -3.07 -19.98 0.70
C THR L 87 -4.23 -20.32 1.56
N SER L 88 -4.05 -21.25 2.45
CA SER L 88 -5.21 -21.95 2.96
C SER L 88 -5.74 -21.55 4.35
N VAL L 89 -6.76 -20.73 4.42
CA VAL L 89 -7.37 -20.35 5.71
C VAL L 89 -8.06 -21.56 6.37
N ALA L 90 -8.29 -22.64 5.62
CA ALA L 90 -9.23 -23.65 6.15
C ALA L 90 -8.44 -24.52 7.11
N ILE L 91 -7.29 -24.98 6.59
CA ILE L 91 -6.24 -25.68 7.32
C ILE L 91 -5.87 -24.88 8.56
N LEU L 92 -5.53 -23.62 8.45
CA LEU L 92 -5.57 -22.79 9.69
C LEU L 92 -6.80 -23.09 10.62
N ASP L 93 -8.01 -22.99 10.07
CA ASP L 93 -9.23 -23.00 10.94
C ASP L 93 -9.34 -24.35 11.54
N ALA L 94 -9.02 -25.35 10.69
CA ALA L 94 -8.92 -26.77 11.06
C ALA L 94 -8.05 -26.94 12.24
N LEU L 95 -6.89 -26.32 12.19
CA LEU L 95 -5.94 -26.53 13.29
C LEU L 95 -6.32 -25.80 14.55
N ASN L 96 -7.20 -24.80 14.43
CA ASN L 96 -7.53 -23.92 15.53
C ASN L 96 -8.56 -24.70 16.26
N THR L 97 -9.13 -25.71 15.58
CA THR L 97 -10.13 -26.56 16.28
C THR L 97 -9.55 -27.57 17.22
N CYS L 98 -8.29 -27.97 17.00
CA CYS L 98 -7.49 -28.76 17.95
C CYS L 98 -7.05 -28.05 19.25
N ASP L 99 -7.95 -27.93 20.22
CA ASP L 99 -7.65 -27.06 21.39
C ASP L 99 -6.61 -27.64 22.37
N GLY L 100 -5.57 -26.83 22.62
CA GLY L 100 -4.52 -27.24 23.51
C GLY L 100 -3.85 -28.48 22.94
N LEU L 101 -3.84 -28.67 21.63
CA LEU L 101 -3.02 -29.70 20.97
C LEU L 101 -1.78 -29.02 20.46
N PRO L 102 -0.61 -29.64 20.70
CA PRO L 102 0.65 -29.08 20.21
C PRO L 102 0.71 -29.18 18.69
N VAL L 103 0.99 -28.06 18.04
CA VAL L 103 1.14 -28.04 16.63
C VAL L 103 2.48 -27.40 16.31
N VAL L 104 3.23 -28.00 15.39
CA VAL L 104 4.52 -27.45 14.95
C VAL L 104 4.43 -27.45 13.47
N GLU L 105 4.69 -26.26 12.93
CA GLU L 105 4.72 -26.10 11.52
C GLU L 105 6.17 -26.20 11.01
N VAL L 106 6.33 -26.88 9.87
CA VAL L 106 7.62 -27.25 9.28
C VAL L 106 7.75 -26.92 7.79
N HIS L 107 8.73 -26.04 7.50
CA HIS L 107 9.16 -25.79 6.13
C HIS L 107 10.62 -26.26 5.96
N ILE L 108 10.87 -27.01 4.89
CA ILE L 108 12.22 -27.45 4.56
C ILE L 108 13.14 -26.35 4.00
N SER L 109 12.58 -25.53 3.10
CA SER L 109 13.33 -24.42 2.60
C SER L 109 13.17 -23.27 3.58
N ASN L 110 14.03 -22.27 3.48
CA ASN L 110 13.79 -21.15 4.31
C ASN L 110 12.85 -20.17 3.50
N ILE L 111 11.57 -20.18 3.81
CA ILE L 111 10.56 -19.44 3.02
C ILE L 111 10.79 -17.92 3.06
N HIS L 112 11.49 -17.47 4.09
CA HIS L 112 11.72 -16.02 4.24
C HIS L 112 12.74 -15.52 3.23
N GLN L 113 13.25 -16.41 2.38
CA GLN L 113 14.27 -16.00 1.42
C GLN L 113 13.80 -16.27 0.03
N ARG L 114 12.56 -16.73 -0.09
CA ARG L 114 12.05 -17.05 -1.43
C ARG L 114 11.17 -15.91 -1.92
N GLU L 115 10.53 -16.13 -3.07
CA GLU L 115 9.34 -15.40 -3.51
C GLU L 115 8.58 -14.71 -2.33
N PRO L 116 8.35 -13.40 -2.41
CA PRO L 116 7.47 -12.71 -1.44
C PRO L 116 6.10 -13.33 -1.21
N PHE L 117 5.57 -14.13 -2.12
CA PHE L 117 4.36 -14.86 -1.74
C PHE L 117 4.63 -15.99 -0.70
N ARG L 118 5.82 -16.59 -0.73
CA ARG L 118 6.13 -17.63 0.24
C ARG L 118 6.55 -17.11 1.59
N HIS L 119 6.48 -15.81 1.81
CA HIS L 119 6.86 -15.32 3.15
C HIS L 119 5.83 -15.57 4.26
N HIS L 120 4.56 -15.53 3.88
CA HIS L 120 3.41 -15.61 4.78
C HIS L 120 2.78 -17.01 4.70
N SER L 121 2.63 -17.52 5.91
CA SER L 121 1.90 -18.69 6.28
C SER L 121 0.81 -18.35 7.29
N TYR L 122 -0.38 -18.77 6.90
CA TYR L 122 -1.55 -18.79 7.76
C TYR L 122 -1.34 -19.80 8.85
N VAL L 123 -0.72 -20.93 8.53
CA VAL L 123 -0.62 -21.96 9.57
C VAL L 123 0.22 -21.46 10.76
N SER L 124 1.14 -20.52 10.52
CA SER L 124 1.93 -19.90 11.57
C SER L 124 1.14 -19.06 12.59
N GLN L 125 -0.05 -18.62 12.23
CA GLN L 125 -0.95 -17.97 13.18
C GLN L 125 -1.41 -18.93 14.26
N ARG L 126 -1.48 -20.22 13.94
CA ARG L 126 -1.87 -21.22 14.99
C ARG L 126 -0.74 -22.07 15.53
N ALA L 127 0.21 -22.47 14.64
CA ALA L 127 1.09 -23.56 15.02
C ALA L 127 1.78 -23.02 16.25
N ASP L 128 1.98 -23.82 17.26
CA ASP L 128 2.61 -23.31 18.44
C ASP L 128 4.03 -22.81 18.09
N GLY L 129 4.58 -23.46 17.08
CA GLY L 129 5.93 -23.21 16.67
C GLY L 129 6.11 -23.54 15.21
N VAL L 130 7.13 -22.90 14.65
CA VAL L 130 7.32 -22.95 13.24
C VAL L 130 8.79 -23.11 13.15
N VAL L 131 9.20 -23.89 12.14
CA VAL L 131 10.55 -24.24 11.89
C VAL L 131 10.78 -24.18 10.40
N ALA L 132 11.77 -23.37 9.98
CA ALA L 132 12.04 -23.22 8.59
C ALA L 132 13.53 -23.28 8.32
N GLY L 133 13.87 -23.87 7.18
CA GLY L 133 15.19 -23.82 6.64
C GLY L 133 16.12 -24.79 7.34
N CYS L 134 15.50 -25.73 8.08
CA CYS L 134 16.39 -26.73 8.67
C CYS L 134 16.38 -28.07 7.94
N GLY L 135 15.90 -28.06 6.68
CA GLY L 135 15.95 -29.21 5.79
C GLY L 135 14.95 -30.19 6.35
N VAL L 136 15.17 -31.48 6.11
CA VAL L 136 14.36 -32.57 6.68
C VAL L 136 14.49 -32.73 8.18
N GLN L 137 15.68 -32.39 8.70
CA GLN L 137 15.85 -32.25 10.14
C GLN L 137 14.79 -31.43 10.85
N GLY L 138 14.20 -30.42 10.20
CA GLY L 138 13.06 -29.64 10.77
C GLY L 138 11.92 -30.46 11.36
N TYR L 139 11.57 -31.56 10.66
CA TYR L 139 10.55 -32.53 11.07
C TYR L 139 10.89 -33.17 12.35
N VAL L 140 12.13 -33.68 12.37
CA VAL L 140 12.72 -34.21 13.58
C VAL L 140 12.65 -33.15 14.70
N PHE L 141 13.03 -31.91 14.47
CA PHE L 141 12.73 -30.89 15.52
C PHE L 141 11.23 -30.81 15.85
N GLY L 142 10.40 -31.07 14.85
CA GLY L 142 8.97 -30.96 15.01
C GLY L 142 8.50 -32.05 15.95
N VAL L 143 8.86 -33.30 15.64
CA VAL L 143 8.71 -34.45 16.62
C VAL L 143 9.22 -34.14 18.08
N GLU L 144 10.46 -33.69 18.23
CA GLU L 144 11.04 -33.37 19.54
C GLU L 144 10.18 -32.35 20.34
N ARG L 145 9.56 -31.43 19.61
CA ARG L 145 8.81 -30.36 20.27
C ARG L 145 7.51 -30.90 20.87
N ILE L 146 6.83 -31.72 20.05
CA ILE L 146 5.64 -32.47 20.52
C ILE L 146 5.87 -33.41 21.71
N ALA L 147 6.89 -34.27 21.60
CA ALA L 147 7.39 -35.01 22.74
C ALA L 147 7.52 -34.09 23.93
N ALA L 148 8.22 -32.94 23.79
CA ALA L 148 8.42 -32.05 24.95
C ALA L 148 7.10 -31.58 25.52
N LEU L 149 6.05 -31.68 24.70
CA LEU L 149 4.81 -30.97 24.96
C LEU L 149 3.61 -31.87 25.04
N ALA L 150 3.81 -33.14 24.72
CA ALA L 150 2.84 -34.20 24.92
C ALA L 150 3.27 -35.03 26.13
N GLY L 151 4.27 -34.52 26.83
CA GLY L 151 4.92 -35.24 27.93
C GLY L 151 6.15 -34.46 28.33
#